data_7W7F
#
_entry.id   7W7F
#
_cell.length_a   1.00
_cell.length_b   1.00
_cell.length_c   1.00
_cell.angle_alpha   90.00
_cell.angle_beta   90.00
_cell.angle_gamma   90.00
#
_symmetry.space_group_name_H-M   'P 1'
#
loop_
_entity.id
_entity.type
_entity.pdbx_description
1 polymer 'Sodium channel subunit beta-1'
2 polymer 'Sodium channel subunit beta-2'
3 polymer 'Sodium channel protein type 3 subunit alpha'
4 branched beta-D-mannopyranose-(1-4)-2-acetamido-2-deoxy-beta-D-glucopyranose-(1-4)-2-acetamido-2-deoxy-beta-D-glucopyranose
5 branched 2-acetamido-2-deoxy-beta-D-glucopyranose-(1-4)-2-acetamido-2-deoxy-beta-D-glucopyranose
6 non-polymer 2-acetamido-2-deoxy-beta-D-glucopyranose
7 non-polymer '[(2~{R})-1-[2-azanylethoxy(oxidanyl)phosphoryl]oxy-3-hexadecanoyloxy-propan-2-yl] (~{Z})-octadec-9-enoate'
8 non-polymer 2,2-diphenyl-~{N}-[4-(1,3-thiazol-2-ylsulfamoyl)phenyl]ethanamide
9 non-polymer (3beta,14beta,17beta,25R)-3-[4-methoxy-3-(methoxymethyl)butoxy]spirost-5-en
#
loop_
_entity_poly.entity_id
_entity_poly.type
_entity_poly.pdbx_seq_one_letter_code
_entity_poly.pdbx_strand_id
1 'polypeptide(L)'
;MGRLLALVVGAALVSSACGGCVEVDSETEAVYGMTFKILCISCKRRSETNAETFTEWTFRQKGTEEFVKILRYENEVLQL
EEDERFEGRVVWNGSRGTKDLQDLSIFITNVTYNHSGDYECHVYRLLFFENYEHNTSVVKKIHIEVVDKANRDMASIVSE
IMMYVLIVVLTIWLVAEMIYCYKKIAAATETAAQENASEYLAITSESKENCTGVQVAE
;
B
2 'polypeptide(L)'
;MHRDAWLPRPAFSLTGLSLFFSLVPPGRSMEVTVPATLNVLNGSDARLPCTFNSCYTVNHKQFSLNWTYQECNNCSEEMF
LQFRMKIINLKLERFQDRVEFSGNPSKYDVSVMLRNVQPEDEGIYNCYIMNPPDRHRGHGKIHLQVLMEEPPERDSTVAV
IVGASVGGFLAVVILVLMVVKCVRRKKEQKLSTDDLKTEEEGKTDGEGNPDDGAK
;
C
3 'polypeptide(L)'
;MAQALLVPPGPESFRLFTRESLAAIEKRAAEEKAKKPKKEQDNDDENKPKPNSDLEAGKNLPFIYGDIPPEMVSEPLEDL
DPYYINKKTFIVMNKGKAIFRFSATSALYILTPLNPVRKIAIKILVHSLFSMLIMCTILTNCVFMTLSNPPDWTKNVEYT
FTGIYTFESLIKILARGFCLEDFTFLRDPWNWLDFSVIVMAYVTEFVSLGNVSALRTFRVLRALKTISVIPGLKTIVGAL
IQSVKKLSDVMILTVFCLSVFALIGLQLFMGNLRNKCLQWPPSDSAFETNTTSYFNGTMDSNGTFVNVTMSTFNWKDYIG
DDSHFYVLDGQKDPLLCGNGSDAGQCPEGYICVKAGRNPNYGYTSFDTFSWAFLSLFRLMTQDYWENLYQLTLRAAGKTY
MIFFVLVIFLGSFYLVNLILAVVAMAYEEQNQATLEEAEQKEAEFQQMLEQLKKQQEEAQAVAAASAASRDFSGIGGLGE
LLESSSEASKLSSKSAKEWRNRRKKRRQREHLEGNNKGERDSFPKSESEDSVKRSSFLFSMDGNRLTSDKKFCSPHQSLL
SIRGSLFSPRRNSKTSIFSFRGRAKDVGSENDFADDEHSTFEDSESRRDSLFVPHRHGERRNSNVSQASMSSRMVPGLPA
NGKMHSTVDCNGVVSLVGGPSALTSPTGQLPPEGTTTETEVRKRRLSSYQISMEMLEDSSGRQRAVSIASILTNTMEELE
ESRQKCPPCWYRFANVFLIWDCCDAWLKVKHLVNLIVMDPFVDLAITICIVLNTLFMAMEHYPMTEQFSSVLTVGNLVFT
GIFTAEMVLKIIAMDPYYYFQEGWNIFDGIIVSLSLMELGLSNVEGLSVLRSFRLLRVFKLAKSWPTLNMLIKIIGNSVG
ALGNLTLVLAIIVFIFAVVGMQLFGKSYKECVCKINDDCTLPRWHMNDFFHSFLIVFRVLCGEWIETMWDCMEVAGQTMC
LIVFMLVMVIGNLVVLNLFLALLLSSFSSDNLAATDDDNEMNNLQIAVGRMQKGIDYVKNKMRECFQKAFFRKPKVIEIH
EGNKIDSCMSNNTGIEISKELNYLRDGNGTTSGVGTGSSVEKYVIDENDYMSFINNPSLTVTVPIAVGESDFENLNTEEF
SSESELEESKEKLNATSSSEGSTVDVVLPREGEQAETEPEEDLKPEACFTEGCIKKFPFCQVSTEEGKGKIWWNLRKTCY
SIVEHNWFETFIVFMILLSSGALAFEDIYIEQRKTIKTMLEYADKVFTYIFILEMLLKWVAYGFQTYFTNAWCWLDFLIV
DVSLVSLVANALGYSELGAIKSLRTLRALRPLRALSRFEGMRVVVNALVGAIPSIMNVLLVCLIFWLIFSIMGVNLFAGK
FYHCVNMTTGNMFDISDVNNLSDCQALGKQARWKNVKVNFDNVGAGYLALLQVATFKGWMDIMYAAVDSRDVKLQPVYEE
NLYMYLYFVIFIIFGSFFTLNLFIGVIIDNFNQQKKKFGGQDIFMTEEQKKYYNAMKKLGSKKPQKPIPRPANKFQGMVF
DFVTRQVFDISIMILICLNMVTMMVETDDQGKYMTLVLSRINLVFIVLFTGEFVLKLVSLRHYYFTIGWNIFDFVVVILS
IVGMFLAEMIEKYFVSPTLFRVIRLARIGRILRLIKGAKGIRTLLFALMMSLPALFNIGLLLFLVMFIYAIFGMSNFAYV
KKEAGIDDMFNFETFGNSMICLFQITTSAGWDGLLAPILNSAPPDCDPDTIHPGSSVKGDCGNPSVGIFFFVSYIIISFL
VVVNMYIAVILENFSVATEESAEPLSEDDFEMFYEVWEKFDPDATQFIEFSKLSDFAAALDPPLLIAKPNKVQLIAMDLP
MVSGDRIHCLDILFAFTKRVLGESGEMDALRIQMEDRFMASNPSKVSYEPITTTLKRKQEEVSAAIIQRNFRCYLLKQRL
KNISSNYNKEAIKGRIDLPIKQDMIIDKLNGNSTPEKTDGSSSTTSPPSYDSVTKPDKEKFEKDKPEKESKGKEVRENQK
;
D
#
# COMPACT_ATOMS: atom_id res chain seq x y z
N GLY A 20 20.97 -13.03 -6.81
CA GLY A 20 20.25 -14.00 -7.64
C GLY A 20 21.17 -14.86 -8.48
N CYS A 21 21.13 -14.66 -9.80
CA CYS A 21 21.94 -15.44 -10.71
C CYS A 21 22.13 -14.63 -11.99
N VAL A 22 23.31 -14.72 -12.58
CA VAL A 22 23.65 -14.02 -13.81
C VAL A 22 24.42 -14.95 -14.72
N GLU A 23 24.09 -14.93 -16.00
CA GLU A 23 24.81 -15.72 -17.00
C GLU A 23 25.95 -14.88 -17.56
N VAL A 24 27.18 -15.38 -17.45
CA VAL A 24 28.36 -14.68 -17.94
C VAL A 24 29.08 -15.59 -18.93
N ASP A 25 29.47 -15.02 -20.07
CA ASP A 25 30.25 -15.76 -21.05
C ASP A 25 31.68 -15.89 -20.55
N SER A 26 32.21 -17.10 -20.58
CA SER A 26 33.55 -17.33 -20.08
C SER A 26 34.59 -16.64 -20.96
N GLU A 27 35.76 -16.39 -20.37
CA GLU A 27 36.85 -15.78 -21.11
C GLU A 27 37.38 -16.77 -22.14
N THR A 28 37.52 -16.30 -23.38
CA THR A 28 38.01 -17.18 -24.44
C THR A 28 39.51 -17.43 -24.32
N GLU A 29 40.27 -16.38 -24.01
CA GLU A 29 41.73 -16.48 -24.01
C GLU A 29 42.21 -17.05 -22.68
N ALA A 30 42.72 -18.27 -22.71
CA ALA A 30 43.38 -18.85 -21.55
C ALA A 30 44.86 -18.51 -21.61
N VAL A 31 45.65 -19.09 -20.71
CA VAL A 31 47.09 -18.88 -20.68
C VAL A 31 47.78 -20.23 -20.54
N TYR A 32 48.79 -20.47 -21.36
CA TYR A 32 49.57 -21.69 -21.25
C TYR A 32 50.36 -21.69 -19.94
N GLY A 33 50.43 -22.86 -19.30
CA GLY A 33 51.18 -23.03 -18.08
C GLY A 33 50.53 -22.45 -16.83
N MET A 34 49.65 -21.46 -16.98
CA MET A 34 48.92 -20.92 -15.86
C MET A 34 47.60 -21.66 -15.72
N THR A 35 46.73 -21.17 -14.84
CA THR A 35 45.45 -21.81 -14.59
C THR A 35 44.32 -20.99 -15.21
N PHE A 36 43.15 -21.62 -15.28
CA PHE A 36 41.99 -20.98 -15.91
C PHE A 36 40.71 -21.54 -15.30
N LYS A 37 39.62 -20.82 -15.52
CA LYS A 37 38.31 -21.20 -14.97
C LYS A 37 37.28 -21.01 -16.07
N ILE A 38 36.85 -22.12 -16.68
CA ILE A 38 35.85 -22.10 -17.73
C ILE A 38 34.47 -21.98 -17.10
N LEU A 39 33.69 -20.99 -17.52
CA LEU A 39 32.42 -20.65 -16.92
C LEU A 39 31.24 -21.11 -17.78
N CYS A 40 30.18 -21.55 -17.10
CA CYS A 40 28.94 -21.96 -17.75
C CYS A 40 27.84 -21.84 -16.70
N ILE A 41 27.07 -20.76 -16.74
CA ILE A 41 26.05 -20.50 -15.74
C ILE A 41 24.69 -20.62 -16.43
N SER A 42 23.89 -21.57 -15.98
CA SER A 42 22.54 -21.77 -16.51
C SER A 42 21.56 -21.35 -15.43
N CYS A 43 21.24 -20.06 -15.40
CA CYS A 43 20.35 -19.53 -14.39
C CYS A 43 18.93 -20.05 -14.60
N LYS A 44 18.26 -20.37 -13.50
CA LYS A 44 16.87 -20.79 -13.57
C LYS A 44 15.99 -19.65 -14.04
N ARG A 45 14.89 -20.00 -14.71
CA ARG A 45 13.89 -19.00 -15.04
C ARG A 45 13.27 -18.42 -13.78
N ARG A 46 12.98 -19.28 -12.80
CA ARG A 46 12.49 -18.87 -11.49
C ARG A 46 13.44 -19.39 -10.43
N SER A 47 13.91 -18.49 -9.56
CA SER A 47 14.91 -18.85 -8.56
C SER A 47 14.37 -19.74 -7.45
N GLU A 48 13.05 -19.74 -7.23
CA GLU A 48 12.49 -20.45 -6.09
C GLU A 48 12.24 -21.93 -6.35
N THR A 49 12.33 -22.38 -7.60
CA THR A 49 11.95 -23.74 -7.93
C THR A 49 13.02 -24.72 -7.44
N ASN A 50 12.63 -25.62 -6.55
CA ASN A 50 13.52 -26.71 -6.15
C ASN A 50 13.82 -27.60 -7.35
N ALA A 51 15.08 -28.01 -7.47
CA ALA A 51 15.49 -28.83 -8.61
C ALA A 51 16.71 -29.65 -8.24
N GLU A 52 16.93 -30.70 -9.03
CA GLU A 52 18.12 -31.53 -8.93
C GLU A 52 18.86 -31.45 -10.26
N THR A 53 20.06 -30.90 -10.25
CA THR A 53 20.77 -30.58 -11.48
C THR A 53 22.02 -31.44 -11.60
N PHE A 54 22.33 -31.86 -12.83
CA PHE A 54 23.60 -32.49 -13.14
C PHE A 54 24.01 -31.99 -14.52
N THR A 55 25.21 -32.37 -14.96
CA THR A 55 25.69 -31.80 -16.21
C THR A 55 26.77 -32.67 -16.82
N GLU A 56 27.03 -32.41 -18.10
CA GLU A 56 28.13 -32.99 -18.85
C GLU A 56 28.88 -31.89 -19.57
N TRP A 57 30.19 -32.12 -19.76
CA TRP A 57 31.08 -31.21 -20.46
C TRP A 57 31.80 -32.02 -21.53
N THR A 58 31.60 -31.62 -22.79
CA THR A 58 32.10 -32.35 -23.95
C THR A 58 32.94 -31.42 -24.79
N PHE A 59 34.20 -31.77 -25.00
CA PHE A 59 35.16 -30.89 -25.65
C PHE A 59 35.69 -31.47 -26.96
N ARG A 60 35.82 -30.61 -27.96
CA ARG A 60 36.54 -30.93 -29.19
C ARG A 60 37.74 -30.00 -29.31
N GLN A 61 38.89 -30.59 -29.64
CA GLN A 61 40.13 -29.85 -29.80
C GLN A 61 40.17 -29.15 -31.16
N LYS A 62 40.96 -28.09 -31.24
CA LYS A 62 41.17 -27.41 -32.50
C LYS A 62 41.82 -28.37 -33.50
N GLY A 63 41.08 -28.76 -34.53
CA GLY A 63 41.51 -29.77 -35.46
C GLY A 63 40.73 -31.06 -35.41
N THR A 64 39.71 -31.13 -34.58
CA THR A 64 38.85 -32.31 -34.45
C THR A 64 37.41 -31.88 -34.64
N GLU A 65 36.58 -32.78 -35.19
CA GLU A 65 35.18 -32.49 -35.50
C GLU A 65 34.29 -33.56 -34.84
N GLU A 66 34.01 -33.35 -33.56
CA GLU A 66 33.12 -34.21 -32.78
C GLU A 66 32.83 -33.48 -31.47
N PHE A 67 32.24 -34.18 -30.51
CA PHE A 67 32.14 -33.69 -29.14
C PHE A 67 32.17 -34.90 -28.22
N VAL A 68 33.33 -35.18 -27.65
CA VAL A 68 33.55 -36.36 -26.82
C VAL A 68 33.37 -35.99 -25.36
N LYS A 69 32.67 -36.85 -24.63
CA LYS A 69 32.45 -36.63 -23.21
C LYS A 69 33.77 -36.62 -22.46
N ILE A 70 33.97 -35.61 -21.60
CA ILE A 70 35.16 -35.51 -20.78
C ILE A 70 34.83 -35.36 -19.30
N LEU A 71 33.85 -34.52 -18.97
CA LEU A 71 33.50 -34.34 -17.56
C LEU A 71 32.02 -34.55 -17.34
N ARG A 72 31.67 -35.09 -16.17
CA ARG A 72 30.28 -35.19 -15.76
C ARG A 72 30.20 -34.79 -14.29
N TYR A 73 29.20 -33.96 -13.96
CA TYR A 73 28.99 -33.55 -12.59
C TYR A 73 27.62 -34.00 -12.12
N GLU A 74 27.57 -34.64 -10.95
CA GLU A 74 26.35 -35.16 -10.35
C GLU A 74 26.23 -34.56 -8.96
N ASN A 75 25.35 -35.12 -8.12
CA ASN A 75 24.95 -34.45 -6.88
C ASN A 75 26.13 -33.96 -6.03
N GLU A 76 27.09 -34.85 -5.76
CA GLU A 76 28.21 -34.50 -4.89
C GLU A 76 29.56 -34.55 -5.59
N VAL A 77 29.90 -35.68 -6.22
CA VAL A 77 31.23 -35.92 -6.75
C VAL A 77 31.15 -35.95 -8.27
N LEU A 78 32.11 -35.33 -8.93
CA LEU A 78 32.19 -35.35 -10.39
C LEU A 78 32.99 -36.56 -10.84
N GLN A 79 32.63 -37.07 -12.02
CA GLN A 79 33.35 -38.15 -12.67
C GLN A 79 34.01 -37.64 -13.95
N LEU A 80 35.12 -38.26 -14.31
CA LEU A 80 35.90 -37.83 -15.46
C LEU A 80 36.14 -39.01 -16.38
N GLU A 81 36.16 -38.73 -17.69
CA GLU A 81 36.66 -39.70 -18.64
C GLU A 81 38.18 -39.81 -18.50
N GLU A 82 38.73 -40.94 -18.91
CA GLU A 82 40.14 -41.24 -18.70
C GLU A 82 41.04 -40.64 -19.78
N ASP A 83 40.58 -39.59 -20.45
CA ASP A 83 41.42 -38.89 -21.41
C ASP A 83 42.64 -38.28 -20.72
N GLU A 84 43.80 -38.40 -21.37
CA GLU A 84 45.04 -37.89 -20.79
C GLU A 84 45.07 -36.36 -20.77
N ARG A 85 44.30 -35.69 -21.62
CA ARG A 85 44.33 -34.25 -21.70
C ARG A 85 43.80 -33.57 -20.43
N PHE A 86 43.14 -34.32 -19.55
CA PHE A 86 42.57 -33.73 -18.34
C PHE A 86 42.79 -34.59 -17.10
N GLU A 87 43.54 -35.69 -17.19
CA GLU A 87 43.77 -36.53 -16.03
C GLU A 87 44.53 -35.76 -14.96
N GLY A 88 44.01 -35.81 -13.74
CA GLY A 88 44.65 -35.09 -12.64
C GLY A 88 44.86 -33.62 -12.92
N ARG A 89 43.98 -33.03 -13.73
CA ARG A 89 44.21 -31.68 -14.23
C ARG A 89 43.01 -30.75 -14.09
N VAL A 90 41.79 -31.27 -13.95
CA VAL A 90 40.59 -30.45 -13.87
C VAL A 90 39.93 -30.70 -12.52
N VAL A 91 39.42 -29.64 -11.91
CA VAL A 91 38.66 -29.72 -10.67
C VAL A 91 37.36 -28.94 -10.86
N TRP A 92 36.48 -29.08 -9.88
CA TRP A 92 35.14 -28.51 -9.95
C TRP A 92 35.07 -27.21 -9.16
N ASN A 93 34.60 -26.16 -9.80
CA ASN A 93 34.25 -24.90 -9.14
C ASN A 93 32.86 -24.44 -9.51
N GLY A 94 31.89 -25.36 -9.48
CA GLY A 94 30.50 -25.00 -9.55
C GLY A 94 29.97 -24.64 -8.17
N SER A 95 28.64 -24.64 -8.06
CA SER A 95 28.03 -24.46 -6.76
C SER A 95 28.41 -25.62 -5.85
N ARG A 96 28.78 -25.29 -4.62
CA ARG A 96 29.36 -26.28 -3.71
C ARG A 96 28.22 -26.97 -2.95
N GLY A 97 27.89 -28.18 -3.38
CA GLY A 97 27.03 -29.06 -2.58
C GLY A 97 25.66 -28.54 -2.26
N THR A 98 24.94 -27.99 -3.24
CA THR A 98 23.59 -27.50 -3.01
C THR A 98 22.52 -28.27 -3.76
N LYS A 99 22.89 -29.29 -4.53
CA LYS A 99 21.96 -30.20 -5.21
C LYS A 99 21.20 -29.46 -6.31
N ASP A 100 21.41 -28.16 -6.42
CA ASP A 100 20.80 -27.31 -7.43
C ASP A 100 21.92 -26.43 -7.95
N LEU A 101 22.54 -26.88 -9.05
CA LEU A 101 23.83 -26.31 -9.45
C LEU A 101 23.74 -24.83 -9.79
N GLN A 102 23.07 -24.48 -10.89
CA GLN A 102 22.86 -23.09 -11.26
C GLN A 102 24.19 -22.37 -11.50
N ASP A 103 25.29 -23.11 -11.45
CA ASP A 103 26.63 -22.56 -11.68
C ASP A 103 27.56 -23.70 -12.01
N LEU A 104 28.20 -23.62 -13.17
CA LEU A 104 28.87 -24.77 -13.79
C LEU A 104 30.22 -24.30 -14.33
N SER A 105 31.26 -24.41 -13.52
CA SER A 105 32.58 -23.96 -13.96
C SER A 105 33.61 -25.05 -13.71
N ILE A 106 34.47 -25.26 -14.70
CA ILE A 106 35.58 -26.20 -14.60
C ILE A 106 36.84 -25.40 -14.34
N PHE A 107 37.55 -25.73 -13.27
CA PHE A 107 38.82 -25.06 -12.96
C PHE A 107 39.94 -25.94 -13.49
N ILE A 108 40.60 -25.49 -14.55
CA ILE A 108 41.65 -26.24 -15.21
C ILE A 108 43.00 -25.69 -14.75
N THR A 109 43.82 -26.59 -14.20
CA THR A 109 45.11 -26.22 -13.64
C THR A 109 46.23 -26.62 -14.58
N ASN A 110 47.22 -25.73 -14.73
CA ASN A 110 48.34 -25.92 -15.65
C ASN A 110 47.83 -26.18 -17.07
N VAL A 111 47.21 -25.13 -17.62
CA VAL A 111 46.58 -25.20 -18.92
C VAL A 111 47.62 -25.53 -19.99
N THR A 112 47.28 -26.45 -20.88
CA THR A 112 48.14 -26.86 -21.98
C THR A 112 47.46 -26.54 -23.31
N TYR A 113 48.14 -26.92 -24.41
CA TYR A 113 47.58 -26.73 -25.74
C TYR A 113 46.50 -27.76 -26.07
N ASN A 114 46.60 -28.96 -25.52
CA ASN A 114 45.73 -30.05 -25.94
C ASN A 114 44.28 -29.85 -25.55
N HIS A 115 43.96 -28.86 -24.72
CA HIS A 115 42.57 -28.45 -24.51
C HIS A 115 42.45 -27.01 -24.99
N SER A 116 42.19 -26.84 -26.28
CA SER A 116 41.98 -25.53 -26.88
C SER A 116 41.07 -25.73 -28.08
N GLY A 117 39.81 -25.31 -27.94
CA GLY A 117 38.80 -25.60 -28.93
C GLY A 117 37.41 -25.22 -28.46
N ASP A 118 36.46 -26.13 -28.58
CA ASP A 118 35.07 -25.85 -28.26
C ASP A 118 34.56 -26.80 -27.19
N TYR A 119 34.05 -26.25 -26.09
CA TYR A 119 33.31 -27.01 -25.09
C TYR A 119 31.82 -26.84 -25.31
N GLU A 120 31.08 -27.92 -25.10
CA GLU A 120 29.64 -27.89 -24.97
C GLU A 120 29.30 -28.26 -23.55
N CYS A 121 28.42 -27.48 -22.94
CA CYS A 121 28.03 -27.57 -21.54
C CYS A 121 26.56 -27.98 -21.52
N HIS A 122 26.31 -29.28 -21.36
CA HIS A 122 24.95 -29.79 -21.32
C HIS A 122 24.50 -29.85 -19.86
N VAL A 123 23.67 -28.91 -19.45
CA VAL A 123 23.12 -28.90 -18.10
C VAL A 123 21.74 -29.53 -18.16
N TYR A 124 21.57 -30.64 -17.44
CA TYR A 124 20.31 -31.36 -17.37
C TYR A 124 19.73 -31.14 -15.98
N ARG A 125 18.60 -30.46 -15.92
CA ARG A 125 17.97 -30.03 -14.68
C ARG A 125 16.63 -30.74 -14.54
N LEU A 126 16.48 -31.52 -13.47
CA LEU A 126 15.18 -32.09 -13.12
C LEU A 126 14.51 -31.13 -12.16
N LEU A 127 13.63 -30.29 -12.71
CA LEU A 127 12.91 -29.33 -11.89
C LEU A 127 11.77 -30.02 -11.17
N PHE A 128 11.78 -29.91 -9.84
CA PHE A 128 10.69 -30.38 -9.00
C PHE A 128 9.62 -29.30 -8.92
N PHE A 129 8.38 -29.74 -8.67
CA PHE A 129 7.26 -28.83 -8.53
C PHE A 129 6.29 -29.45 -7.54
N GLU A 130 5.04 -28.95 -7.54
CA GLU A 130 4.04 -29.48 -6.63
C GLU A 130 3.87 -30.99 -6.82
N ASN A 131 3.51 -31.41 -8.04
CA ASN A 131 3.54 -32.82 -8.39
C ASN A 131 4.03 -33.07 -9.82
N TYR A 132 4.61 -32.08 -10.47
CA TYR A 132 4.94 -32.13 -11.89
C TYR A 132 6.46 -32.06 -12.05
N GLU A 133 7.06 -33.17 -12.45
CA GLU A 133 8.50 -33.27 -12.61
C GLU A 133 8.87 -32.90 -14.04
N HIS A 134 9.86 -32.02 -14.20
CA HIS A 134 10.31 -31.63 -15.52
C HIS A 134 11.77 -32.00 -15.72
N ASN A 135 12.12 -32.34 -16.95
CA ASN A 135 13.45 -32.83 -17.31
C ASN A 135 13.97 -31.94 -18.42
N THR A 136 14.58 -30.82 -18.06
CA THR A 136 15.02 -29.82 -19.03
C THR A 136 16.50 -30.01 -19.33
N SER A 137 16.89 -29.65 -20.55
CA SER A 137 18.28 -29.69 -20.98
C SER A 137 18.62 -28.37 -21.65
N VAL A 138 19.76 -27.78 -21.29
CA VAL A 138 20.23 -26.54 -21.90
C VAL A 138 21.68 -26.73 -22.30
N VAL A 139 22.03 -26.29 -23.50
CA VAL A 139 23.39 -26.42 -24.03
C VAL A 139 24.03 -25.03 -24.09
N LYS A 140 25.23 -24.93 -23.53
CA LYS A 140 26.01 -23.70 -23.58
C LYS A 140 27.31 -24.01 -24.33
N LYS A 141 27.46 -23.46 -25.52
CA LYS A 141 28.67 -23.66 -26.32
C LYS A 141 29.65 -22.55 -26.00
N ILE A 142 30.78 -22.91 -25.39
CA ILE A 142 31.83 -21.96 -25.06
C ILE A 142 33.06 -22.27 -25.90
N HIS A 143 33.79 -21.23 -26.28
CA HIS A 143 34.97 -21.34 -27.11
C HIS A 143 36.16 -20.81 -26.34
N ILE A 144 37.26 -21.58 -26.32
CA ILE A 144 38.50 -21.15 -25.69
C ILE A 144 39.63 -21.35 -26.69
N GLU A 145 40.70 -20.59 -26.48
CA GLU A 145 41.90 -20.71 -27.30
C GLU A 145 43.10 -20.47 -26.38
N VAL A 146 43.85 -21.52 -26.09
CA VAL A 146 45.03 -21.37 -25.25
C VAL A 146 46.07 -20.51 -25.96
N VAL A 147 46.69 -19.61 -25.22
CA VAL A 147 47.69 -18.70 -25.77
C VAL A 147 48.86 -18.65 -24.80
N ASP A 148 50.07 -18.54 -25.35
CA ASP A 148 51.26 -18.48 -24.52
C ASP A 148 51.34 -17.17 -23.73
N LYS A 149 50.85 -16.07 -24.30
CA LYS A 149 50.94 -14.75 -23.68
C LYS A 149 49.55 -14.18 -23.49
N ALA A 150 49.27 -13.68 -22.28
CA ALA A 150 47.95 -13.16 -21.94
C ALA A 150 47.89 -11.68 -22.34
N ASN A 151 47.67 -11.45 -23.63
CA ASN A 151 47.51 -10.09 -24.12
C ASN A 151 46.21 -9.50 -23.62
N ARG A 152 46.23 -8.19 -23.36
CA ARG A 152 45.05 -7.52 -22.85
C ARG A 152 43.98 -7.43 -23.92
N ASP A 153 42.73 -7.56 -23.51
CA ASP A 153 41.61 -7.58 -24.46
C ASP A 153 41.49 -6.23 -25.16
N MET A 154 40.95 -6.27 -26.38
CA MET A 154 40.83 -5.07 -27.20
C MET A 154 40.04 -3.98 -26.47
N ALA A 155 38.97 -4.37 -25.78
CA ALA A 155 38.16 -3.39 -25.07
C ALA A 155 38.99 -2.65 -24.03
N SER A 156 39.80 -3.37 -23.26
CA SER A 156 40.60 -2.75 -22.20
C SER A 156 41.63 -1.78 -22.78
N ILE A 157 42.34 -2.20 -23.83
CA ILE A 157 43.36 -1.34 -24.41
C ILE A 157 42.74 -0.09 -25.03
N VAL A 158 41.64 -0.25 -25.76
CA VAL A 158 40.97 0.90 -26.36
C VAL A 158 40.46 1.83 -25.27
N SER A 159 39.92 1.26 -24.18
CA SER A 159 39.38 2.07 -23.10
C SER A 159 40.48 2.89 -22.43
N GLU A 160 41.63 2.26 -22.14
CA GLU A 160 42.72 2.99 -21.52
C GLU A 160 43.27 4.08 -22.43
N ILE A 161 43.43 3.75 -23.73
CA ILE A 161 43.94 4.75 -24.67
C ILE A 161 42.98 5.92 -24.77
N MET A 162 41.68 5.65 -24.84
CA MET A 162 40.69 6.73 -24.92
C MET A 162 40.62 7.52 -23.63
N MET A 163 40.85 6.87 -22.48
CA MET A 163 40.95 7.60 -21.23
C MET A 163 42.08 8.62 -21.28
N TYR A 164 43.27 8.18 -21.72
CA TYR A 164 44.39 9.10 -21.81
C TYR A 164 44.13 10.20 -22.83
N VAL A 165 43.51 9.85 -23.96
CA VAL A 165 43.17 10.84 -24.98
C VAL A 165 42.23 11.90 -24.39
N LEU A 166 41.20 11.47 -23.67
CA LEU A 166 40.25 12.40 -23.09
C LEU A 166 40.94 13.31 -22.07
N ILE A 167 41.78 12.73 -21.22
CA ILE A 167 42.47 13.54 -20.21
C ILE A 167 43.33 14.60 -20.87
N VAL A 168 44.15 14.20 -21.85
CA VAL A 168 45.08 15.13 -22.47
C VAL A 168 44.33 16.17 -23.30
N VAL A 169 43.27 15.75 -24.00
CA VAL A 169 42.49 16.69 -24.81
C VAL A 169 41.83 17.74 -23.93
N LEU A 170 41.27 17.32 -22.79
CA LEU A 170 40.64 18.29 -21.90
C LEU A 170 41.68 19.21 -21.25
N THR A 171 42.86 18.67 -20.94
CA THR A 171 43.93 19.53 -20.43
C THR A 171 44.33 20.58 -21.47
N ILE A 172 44.46 20.17 -22.73
CA ILE A 172 44.76 21.12 -23.80
C ILE A 172 43.64 22.15 -23.94
N TRP A 173 42.39 21.69 -23.86
CA TRP A 173 41.27 22.62 -23.95
C TRP A 173 41.31 23.66 -22.85
N LEU A 174 41.59 23.23 -21.62
CA LEU A 174 41.57 24.18 -20.52
C LEU A 174 42.75 25.13 -20.57
N VAL A 175 43.94 24.65 -20.94
CA VAL A 175 45.08 25.55 -21.05
C VAL A 175 44.86 26.54 -22.20
N ALA A 176 44.24 26.09 -23.29
CA ALA A 176 43.94 26.99 -24.39
C ALA A 176 42.94 28.05 -23.97
N GLU A 177 41.91 27.67 -23.22
CA GLU A 177 40.95 28.64 -22.73
C GLU A 177 41.61 29.64 -21.79
N MET A 178 42.49 29.15 -20.91
CA MET A 178 43.19 30.04 -19.99
C MET A 178 44.08 31.02 -20.75
N ILE A 179 44.79 30.55 -21.78
CA ILE A 179 45.65 31.44 -22.55
C ILE A 179 44.83 32.45 -23.34
N TYR A 180 43.69 32.03 -23.88
CA TYR A 180 42.82 32.95 -24.59
C TYR A 180 42.30 34.04 -23.66
N CYS A 181 41.87 33.65 -22.45
CA CYS A 181 41.42 34.65 -21.50
C CYS A 181 42.57 35.53 -21.02
N TYR A 182 43.79 34.97 -20.95
CA TYR A 182 44.96 35.78 -20.63
C TYR A 182 45.21 36.83 -21.69
N LYS A 183 45.09 36.45 -22.97
CA LYS A 183 45.24 37.43 -24.04
C LYS A 183 44.17 38.50 -23.96
N LYS A 184 42.92 38.09 -23.68
CA LYS A 184 41.84 39.06 -23.53
C LYS A 184 42.13 40.04 -22.40
N ILE A 185 42.55 39.53 -21.24
CA ILE A 185 42.77 40.40 -20.08
C ILE A 185 44.00 41.26 -20.29
N ALA A 186 45.01 40.76 -21.00
CA ALA A 186 46.17 41.60 -21.33
C ALA A 186 45.77 42.74 -22.25
N ALA A 187 44.92 42.46 -23.23
CA ALA A 187 44.46 43.52 -24.12
C ALA A 187 43.54 44.51 -23.42
N ALA A 188 42.79 44.06 -22.42
CA ALA A 188 41.76 44.90 -21.79
C ALA A 188 42.27 45.68 -20.59
N THR A 189 42.88 45.00 -19.61
CA THR A 189 43.24 45.64 -18.35
C THR A 189 44.47 46.53 -18.46
N GLU A 190 45.25 46.42 -19.54
CA GLU A 190 46.44 47.25 -19.71
C GLU A 190 46.11 48.73 -19.84
N THR A 191 44.85 49.08 -20.09
CA THR A 191 44.47 50.49 -20.17
C THR A 191 44.68 51.19 -18.84
N ALA A 192 44.33 50.55 -17.74
CA ALA A 192 44.50 51.13 -16.42
C ALA A 192 44.94 50.08 -15.41
N GLY B 27 -20.23 -22.25 12.48
CA GLY B 27 -21.52 -22.01 13.12
C GLY B 27 -21.93 -23.12 14.06
N ARG B 28 -23.10 -22.97 14.68
CA ARG B 28 -23.60 -23.99 15.60
C ARG B 28 -24.08 -25.22 14.86
N SER B 29 -24.78 -25.04 13.74
CA SER B 29 -25.33 -26.15 12.97
C SER B 29 -25.55 -25.69 11.54
N MET B 30 -26.29 -26.47 10.77
CA MET B 30 -26.67 -26.13 9.40
C MET B 30 -28.16 -25.84 9.37
N GLU B 31 -28.51 -24.62 8.95
CA GLU B 31 -29.91 -24.21 8.96
C GLU B 31 -30.71 -25.00 7.94
N VAL B 32 -31.87 -25.50 8.36
CA VAL B 32 -32.77 -26.27 7.50
C VAL B 32 -34.17 -25.66 7.62
N THR B 33 -34.80 -25.41 6.49
CA THR B 33 -36.16 -24.87 6.46
C THR B 33 -37.19 -25.99 6.63
N VAL B 34 -36.99 -26.78 7.68
CA VAL B 34 -37.84 -27.93 7.96
C VAL B 34 -38.97 -27.51 8.90
N PRO B 35 -40.20 -27.92 8.64
CA PRO B 35 -41.30 -27.61 9.58
C PRO B 35 -41.31 -28.55 10.77
N ALA B 36 -42.32 -28.41 11.63
CA ALA B 36 -42.44 -29.31 12.79
C ALA B 36 -43.08 -30.63 12.39
N THR B 37 -44.31 -30.59 11.89
CA THR B 37 -45.01 -31.79 11.48
C THR B 37 -45.97 -31.43 10.34
N LEU B 38 -45.97 -32.25 9.28
CA LEU B 38 -46.86 -32.09 8.15
C LEU B 38 -47.59 -33.40 7.88
N ASN B 39 -48.89 -33.31 7.58
CA ASN B 39 -49.74 -34.47 7.39
C ASN B 39 -50.29 -34.44 5.97
N VAL B 40 -50.20 -35.56 5.28
CA VAL B 40 -50.65 -35.69 3.89
C VAL B 40 -51.76 -36.73 3.83
N LEU B 41 -52.81 -36.42 3.07
CA LEU B 41 -53.95 -37.33 2.96
C LEU B 41 -53.55 -38.63 2.28
N ASN B 42 -54.22 -39.71 2.66
CA ASN B 42 -53.95 -41.03 2.11
C ASN B 42 -54.36 -41.10 0.65
N GLY B 43 -53.73 -42.04 -0.07
CA GLY B 43 -54.07 -42.28 -1.47
C GLY B 43 -53.32 -41.39 -2.44
N SER B 44 -53.02 -40.17 -2.03
CA SER B 44 -52.33 -39.21 -2.89
CA SER B 44 -52.34 -39.22 -2.90
C SER B 44 -50.86 -39.55 -2.99
N ASP B 45 -50.21 -38.98 -4.02
CA ASP B 45 -48.78 -39.17 -4.18
C ASP B 45 -48.03 -38.35 -3.14
N ALA B 46 -47.02 -38.96 -2.52
CA ALA B 46 -46.33 -38.35 -1.40
C ALA B 46 -45.04 -37.68 -1.84
N ARG B 47 -44.93 -36.39 -1.57
CA ARG B 47 -43.72 -35.60 -1.80
C ARG B 47 -43.12 -35.30 -0.44
N LEU B 48 -42.01 -35.97 -0.12
CA LEU B 48 -41.36 -35.80 1.18
C LEU B 48 -40.28 -34.73 1.06
N PRO B 49 -40.50 -33.51 1.56
CA PRO B 49 -39.51 -32.45 1.38
C PRO B 49 -38.56 -32.29 2.56
N CYS B 50 -37.28 -32.04 2.25
CA CYS B 50 -36.34 -31.54 3.26
C CYS B 50 -35.23 -30.83 2.50
N THR B 51 -35.21 -29.50 2.57
CA THR B 51 -34.21 -28.70 1.87
C THR B 51 -33.51 -27.78 2.85
N PHE B 52 -32.23 -27.53 2.59
CA PHE B 52 -31.40 -26.72 3.46
C PHE B 52 -30.82 -25.55 2.66
N ASN B 53 -30.84 -24.38 3.28
CA ASN B 53 -30.34 -23.15 2.66
C ASN B 53 -28.91 -22.92 3.14
N SER B 54 -27.95 -23.35 2.33
CA SER B 54 -26.55 -23.17 2.64
C SER B 54 -25.97 -22.02 1.83
N CYS B 55 -24.70 -21.72 2.08
CA CYS B 55 -24.01 -20.63 1.42
C CYS B 55 -23.11 -21.10 0.28
N TYR B 56 -22.44 -22.23 0.46
CA TYR B 56 -21.36 -22.60 -0.44
C TYR B 56 -21.92 -23.03 -1.79
N THR B 57 -21.24 -22.63 -2.87
CA THR B 57 -21.70 -22.95 -4.22
C THR B 57 -21.74 -24.46 -4.40
N VAL B 58 -22.91 -24.97 -4.79
CA VAL B 58 -23.16 -26.40 -4.76
C VAL B 58 -22.35 -27.10 -5.84
N ASN B 59 -21.85 -28.30 -5.50
CA ASN B 59 -21.21 -29.19 -6.46
C ASN B 59 -21.87 -30.56 -6.38
N HIS B 60 -22.24 -31.10 -7.54
CA HIS B 60 -23.06 -32.31 -7.60
C HIS B 60 -22.24 -33.59 -7.60
N LYS B 61 -21.03 -33.57 -7.06
CA LYS B 61 -20.15 -34.74 -7.07
C LYS B 61 -19.81 -35.27 -5.69
N GLN B 62 -19.72 -34.41 -4.68
CA GLN B 62 -19.22 -34.82 -3.38
C GLN B 62 -20.25 -34.76 -2.26
N PHE B 63 -21.48 -34.32 -2.54
CA PHE B 63 -22.48 -34.10 -1.49
C PHE B 63 -22.71 -35.37 -0.68
N SER B 64 -23.16 -35.17 0.56
CA SER B 64 -23.49 -36.28 1.45
C SER B 64 -24.93 -36.12 1.94
N LEU B 65 -25.66 -37.23 1.94
CA LEU B 65 -27.05 -37.19 2.36
C LEU B 65 -27.50 -38.56 2.88
N ASN B 66 -27.90 -38.61 4.15
CA ASN B 66 -28.38 -39.85 4.78
C ASN B 66 -29.61 -39.49 5.62
N TRP B 67 -30.71 -40.17 5.36
CA TRP B 67 -31.94 -39.96 6.14
C TRP B 67 -32.02 -41.04 7.21
N THR B 68 -32.47 -40.65 8.41
CA THR B 68 -32.58 -41.57 9.54
C THR B 68 -34.02 -41.60 10.05
N TYR B 69 -34.23 -42.41 11.09
CA TYR B 69 -35.53 -42.51 11.73
C TYR B 69 -35.36 -43.26 13.04
N GLN B 70 -36.19 -42.91 14.01
CA GLN B 70 -36.11 -43.47 15.36
C GLN B 70 -37.32 -44.38 15.58
N GLU B 71 -37.08 -45.69 15.71
CA GLU B 71 -38.17 -46.63 15.86
C GLU B 71 -38.64 -46.72 17.31
N CYS B 72 -37.77 -47.19 18.20
CA CYS B 72 -38.04 -47.22 19.63
C CYS B 72 -37.31 -46.07 20.30
N ASN B 73 -37.29 -46.09 21.63
CA ASN B 73 -36.69 -45.01 22.41
C ASN B 73 -35.25 -44.72 21.98
N ASN B 74 -34.40 -45.77 21.94
CA ASN B 74 -33.00 -45.60 21.58
C ASN B 74 -32.55 -46.77 20.69
N CYS B 75 -33.38 -47.13 19.71
CA CYS B 75 -33.02 -48.14 18.74
C CYS B 75 -32.07 -47.57 17.69
N SER B 76 -31.02 -48.32 17.39
CA SER B 76 -30.09 -47.92 16.35
C SER B 76 -30.75 -48.03 14.97
N GLU B 77 -30.53 -47.01 14.15
CA GLU B 77 -31.07 -47.00 12.80
C GLU B 77 -30.35 -48.02 11.93
N GLU B 78 -31.00 -48.43 10.84
CA GLU B 78 -30.34 -49.30 9.89
C GLU B 78 -30.09 -48.55 8.57
N MET B 79 -31.15 -48.06 7.93
CA MET B 79 -31.05 -47.15 6.79
C MET B 79 -32.44 -46.70 6.36
N PHE B 80 -32.57 -45.46 5.86
CA PHE B 80 -33.86 -44.98 5.42
C PHE B 80 -33.83 -44.57 3.94
N LEU B 81 -32.82 -43.77 3.56
CA LEU B 81 -32.68 -43.30 2.19
C LEU B 81 -31.21 -43.33 1.79
N GLN B 82 -30.95 -42.92 0.55
CA GLN B 82 -29.60 -42.90 -0.01
C GLN B 82 -29.51 -41.80 -1.05
N PHE B 83 -28.27 -41.45 -1.39
CA PHE B 83 -27.75 -40.45 -2.35
C PHE B 83 -26.40 -39.91 -1.88
N ARG B 84 -25.54 -40.76 -1.33
CA ARG B 84 -24.31 -40.29 -0.69
C ARG B 84 -23.16 -40.05 -1.66
N MET B 85 -23.23 -40.55 -2.90
CA MET B 85 -22.22 -40.20 -3.89
C MET B 85 -22.88 -39.79 -5.19
N LYS B 86 -24.02 -40.40 -5.50
CA LYS B 86 -24.79 -40.12 -6.71
C LYS B 86 -26.16 -40.75 -6.52
N ILE B 87 -26.95 -40.86 -7.58
CA ILE B 87 -28.30 -41.40 -7.43
C ILE B 87 -28.20 -42.85 -6.97
N ILE B 88 -28.51 -43.07 -5.70
CA ILE B 88 -28.52 -44.39 -5.06
C ILE B 88 -29.84 -44.54 -4.34
N ASN B 89 -30.51 -45.66 -4.60
CA ASN B 89 -31.88 -45.83 -4.15
C ASN B 89 -31.96 -47.10 -3.31
N LEU B 90 -32.98 -47.14 -2.44
CA LEU B 90 -33.12 -48.25 -1.50
C LEU B 90 -34.36 -49.10 -1.78
N LYS B 91 -35.54 -48.49 -1.77
CA LYS B 91 -36.83 -49.17 -1.97
C LYS B 91 -37.00 -50.39 -1.08
N LEU B 92 -36.57 -50.32 0.18
CA LEU B 92 -36.54 -51.50 1.03
C LEU B 92 -37.95 -51.98 1.37
N GLU B 93 -38.14 -53.29 1.36
CA GLU B 93 -39.42 -53.91 1.67
C GLU B 93 -39.74 -53.89 3.16
N ARG B 94 -38.79 -53.47 3.99
CA ARG B 94 -39.01 -53.43 5.44
C ARG B 94 -40.16 -52.52 5.82
N PHE B 95 -40.38 -51.44 5.08
CA PHE B 95 -41.47 -50.52 5.43
C PHE B 95 -42.50 -50.41 4.31
N GLN B 96 -42.05 -50.10 3.10
CA GLN B 96 -42.95 -49.96 1.96
C GLN B 96 -42.17 -49.87 0.65
N ASP B 97 -42.86 -49.96 -0.49
CA ASP B 97 -42.25 -49.73 -1.80
C ASP B 97 -42.49 -48.27 -2.15
N ARG B 98 -41.40 -47.51 -2.28
CA ARG B 98 -41.53 -46.06 -2.38
C ARG B 98 -40.34 -45.38 -3.06
N VAL B 99 -40.26 -44.06 -2.85
CA VAL B 99 -39.17 -43.13 -3.18
C VAL B 99 -38.93 -42.99 -4.69
N GLU B 100 -39.01 -41.75 -5.16
CA GLU B 100 -38.64 -41.34 -6.51
C GLU B 100 -37.83 -40.05 -6.36
N PHE B 101 -36.69 -39.97 -7.04
CA PHE B 101 -35.84 -38.80 -6.97
C PHE B 101 -36.55 -37.56 -7.51
N SER B 102 -36.84 -36.61 -6.63
CA SER B 102 -37.54 -35.38 -6.99
CA SER B 102 -37.54 -35.38 -6.98
C SER B 102 -36.82 -34.20 -6.34
N GLY B 103 -35.49 -34.21 -6.46
CA GLY B 103 -34.70 -33.10 -5.96
C GLY B 103 -33.89 -32.44 -7.05
N ASN B 104 -33.21 -31.35 -6.74
CA ASN B 104 -32.33 -30.70 -7.71
C ASN B 104 -31.34 -29.84 -6.92
N PRO B 105 -30.18 -30.40 -6.53
CA PRO B 105 -29.26 -29.66 -5.67
C PRO B 105 -28.66 -28.41 -6.31
N SER B 106 -29.03 -28.08 -7.55
CA SER B 106 -28.47 -26.92 -8.24
CA SER B 106 -28.46 -26.92 -8.24
C SER B 106 -28.68 -25.65 -7.42
N LYS B 107 -29.85 -25.51 -6.79
CA LYS B 107 -30.09 -24.39 -5.89
C LYS B 107 -30.65 -24.99 -4.59
N TYR B 108 -29.74 -25.48 -3.75
CA TYR B 108 -29.98 -25.83 -2.35
C TYR B 108 -31.33 -26.51 -2.12
N ASP B 109 -31.74 -27.40 -3.03
CA ASP B 109 -33.07 -27.98 -2.95
C ASP B 109 -33.04 -29.44 -3.40
N VAL B 110 -32.89 -30.36 -2.44
CA VAL B 110 -32.86 -31.79 -2.73
C VAL B 110 -33.98 -32.45 -1.94
N SER B 111 -34.83 -33.20 -2.64
CA SER B 111 -35.95 -33.89 -2.04
CA SER B 111 -35.96 -33.89 -2.03
C SER B 111 -36.23 -35.19 -2.80
N VAL B 112 -37.12 -36.00 -2.23
CA VAL B 112 -37.52 -37.26 -2.84
C VAL B 112 -39.04 -37.37 -2.78
N MET B 113 -39.57 -38.51 -3.22
CA MET B 113 -41.01 -38.76 -3.17
C MET B 113 -41.25 -40.03 -2.36
N LEU B 114 -42.50 -40.44 -2.30
CA LEU B 114 -42.90 -41.70 -1.68
C LEU B 114 -44.12 -42.22 -2.43
N ARG B 115 -44.01 -43.44 -2.93
CA ARG B 115 -45.03 -44.03 -3.81
C ARG B 115 -46.01 -44.85 -2.99
N ASN B 116 -47.03 -44.16 -2.45
CA ASN B 116 -48.28 -44.66 -1.88
C ASN B 116 -48.38 -44.32 -0.40
N VAL B 117 -49.20 -43.32 -0.06
CA VAL B 117 -49.45 -43.01 1.34
C VAL B 117 -50.43 -44.04 1.88
N GLN B 118 -50.05 -44.70 2.98
CA GLN B 118 -50.81 -45.81 3.52
C GLN B 118 -50.78 -45.77 5.05
N PRO B 119 -51.68 -46.48 5.73
CA PRO B 119 -51.59 -46.56 7.20
C PRO B 119 -50.27 -47.13 7.70
N GLU B 120 -49.40 -47.58 6.82
CA GLU B 120 -48.03 -47.96 7.14
C GLU B 120 -47.03 -46.88 6.70
N ASP B 121 -47.36 -45.61 6.92
CA ASP B 121 -46.44 -44.49 6.68
C ASP B 121 -46.29 -43.60 7.91
N GLU B 122 -46.16 -44.18 9.10
CA GLU B 122 -46.15 -43.42 10.34
C GLU B 122 -44.80 -43.51 11.03
N GLY B 123 -44.33 -42.38 11.55
CA GLY B 123 -43.13 -42.39 12.36
C GLY B 123 -42.28 -41.14 12.18
N ILE B 124 -41.29 -41.01 13.05
CA ILE B 124 -40.37 -39.88 13.05
C ILE B 124 -39.31 -40.09 11.98
N TYR B 125 -39.39 -39.34 10.87
CA TYR B 125 -38.54 -39.63 9.71
C TYR B 125 -37.64 -38.42 9.48
N ASN B 126 -36.41 -38.51 9.99
CA ASN B 126 -35.48 -37.39 9.99
C ASN B 126 -34.92 -37.18 8.59
N CYS B 127 -34.18 -36.08 8.40
CA CYS B 127 -33.60 -35.79 7.10
C CYS B 127 -32.17 -35.26 7.21
N TYR B 128 -31.34 -35.92 8.02
CA TYR B 128 -29.94 -35.55 8.22
C TYR B 128 -29.22 -35.27 6.90
N ILE B 129 -28.29 -34.32 6.91
CA ILE B 129 -27.63 -33.83 5.72
C ILE B 129 -26.14 -33.66 6.01
N MET B 130 -25.36 -33.49 4.95
CA MET B 130 -23.96 -33.11 5.08
C MET B 130 -23.46 -32.51 3.77
N ASN B 131 -23.00 -31.26 3.88
CA ASN B 131 -22.44 -30.49 2.77
C ASN B 131 -20.92 -30.52 2.89
N PRO B 132 -20.22 -30.97 1.84
CA PRO B 132 -18.78 -31.21 1.94
C PRO B 132 -17.98 -29.96 2.29
N PRO B 133 -18.10 -28.85 1.53
CA PRO B 133 -17.10 -27.78 1.67
C PRO B 133 -17.17 -27.04 3.00
N ASP B 134 -18.11 -27.40 3.87
CA ASP B 134 -18.16 -26.93 5.24
C ASP B 134 -18.22 -28.13 6.18
N ARG B 135 -18.20 -27.86 7.49
CA ARG B 135 -18.16 -28.96 8.46
C ARG B 135 -19.33 -28.77 9.43
N HIS B 136 -20.50 -29.22 9.01
CA HIS B 136 -21.70 -29.21 9.85
C HIS B 136 -22.63 -30.31 9.38
N ARG B 137 -23.08 -31.14 10.32
CA ARG B 137 -24.03 -32.21 10.03
C ARG B 137 -25.41 -31.74 10.50
N GLY B 138 -26.13 -31.07 9.59
CA GLY B 138 -27.45 -30.57 9.92
C GLY B 138 -28.52 -31.65 9.91
N HIS B 139 -29.64 -31.35 10.56
CA HIS B 139 -30.71 -32.33 10.67
C HIS B 139 -32.06 -31.62 10.76
N GLY B 140 -33.10 -32.33 10.36
CA GLY B 140 -34.46 -31.86 10.47
C GLY B 140 -35.41 -33.01 10.76
N LYS B 141 -36.23 -32.88 11.79
CA LYS B 141 -37.07 -33.98 12.27
C LYS B 141 -38.54 -33.64 12.08
N ILE B 142 -39.26 -34.50 11.38
CA ILE B 142 -40.70 -34.37 11.17
C ILE B 142 -41.36 -35.73 11.36
N HIS B 143 -42.58 -35.72 11.91
CA HIS B 143 -43.35 -36.94 12.09
C HIS B 143 -44.24 -37.15 10.87
N LEU B 144 -43.90 -38.14 10.05
CA LEU B 144 -44.71 -38.49 8.90
C LEU B 144 -45.90 -39.32 9.38
N GLN B 145 -47.09 -38.73 9.28
CA GLN B 145 -48.31 -39.36 9.77
C GLN B 145 -49.42 -39.06 8.76
N VAL B 146 -50.67 -39.31 9.15
CA VAL B 146 -51.82 -39.03 8.29
C VAL B 146 -52.87 -38.29 9.10
N LEU B 147 -53.55 -37.36 8.43
CA LEU B 147 -54.68 -36.63 9.01
C LEU B 147 -55.88 -36.79 8.10
N MET B 148 -57.02 -37.15 8.68
CA MET B 148 -58.26 -37.36 7.93
C MET B 148 -58.08 -38.37 6.81
N PRO C 116 -57.23 22.03 25.40
CA PRO C 116 -57.73 20.78 24.85
C PRO C 116 -57.07 19.57 25.48
N VAL C 117 -56.80 18.54 24.67
CA VAL C 117 -56.09 17.37 25.13
C VAL C 117 -54.69 17.26 24.53
N ARG C 118 -54.43 17.90 23.38
CA ARG C 118 -53.08 17.91 22.82
C ARG C 118 -52.13 18.70 23.70
N LYS C 119 -52.65 19.68 24.46
CA LYS C 119 -51.80 20.48 25.34
C LYS C 119 -51.11 19.62 26.38
N ILE C 120 -51.76 18.53 26.82
CA ILE C 120 -51.09 17.58 27.70
C ILE C 120 -49.91 16.94 26.97
N ALA C 121 -50.10 16.59 25.70
CA ALA C 121 -49.01 16.04 24.90
C ALA C 121 -48.23 17.15 24.21
N ILE C 122 -47.86 18.17 24.98
CA ILE C 122 -46.93 19.20 24.55
C ILE C 122 -45.86 19.33 25.63
N LYS C 123 -46.30 19.48 26.88
CA LYS C 123 -45.36 19.60 27.99
C LYS C 123 -44.48 18.37 28.09
N ILE C 124 -45.06 17.18 27.87
CA ILE C 124 -44.26 15.97 27.87
C ILE C 124 -43.25 15.99 26.74
N LEU C 125 -43.61 16.57 25.60
CA LEU C 125 -42.70 16.60 24.46
C LEU C 125 -41.50 17.51 24.74
N VAL C 126 -41.76 18.69 25.30
CA VAL C 126 -40.70 19.68 25.48
C VAL C 126 -39.97 19.52 26.81
N HIS C 127 -40.51 18.75 27.74
CA HIS C 127 -39.85 18.53 29.02
C HIS C 127 -38.48 17.87 28.81
N SER C 128 -37.46 18.41 29.48
CA SER C 128 -36.10 17.97 29.23
C SER C 128 -35.88 16.53 29.70
N LEU C 129 -36.60 16.10 30.73
CA LEU C 129 -36.47 14.71 31.17
C LEU C 129 -36.90 13.73 30.09
N PHE C 130 -37.88 14.12 29.26
CA PHE C 130 -38.26 13.27 28.14
C PHE C 130 -37.13 13.13 27.13
N SER C 131 -36.46 14.23 26.81
CA SER C 131 -35.34 14.17 25.89
C SER C 131 -34.20 13.34 26.47
N MET C 132 -33.95 13.48 27.78
CA MET C 132 -32.93 12.67 28.42
C MET C 132 -33.30 11.19 28.42
N LEU C 133 -34.58 10.88 28.61
CA LEU C 133 -35.04 9.50 28.52
C LEU C 133 -34.81 8.94 27.12
N ILE C 134 -35.09 9.74 26.10
CA ILE C 134 -34.88 9.28 24.72
C ILE C 134 -33.40 9.06 24.47
N MET C 135 -32.56 9.99 24.95
CA MET C 135 -31.11 9.83 24.84
C MET C 135 -30.67 8.52 25.47
N CYS C 136 -31.08 8.27 26.71
CA CYS C 136 -30.61 7.10 27.44
C CYS C 136 -31.12 5.81 26.81
N THR C 137 -32.36 5.82 26.32
CA THR C 137 -32.88 4.60 25.70
C THR C 137 -32.19 4.31 24.38
N ILE C 138 -31.86 5.35 23.60
CA ILE C 138 -31.09 5.13 22.39
C ILE C 138 -29.71 4.59 22.73
N LEU C 139 -29.07 5.14 23.77
CA LEU C 139 -27.73 4.68 24.13
C LEU C 139 -27.75 3.22 24.59
N THR C 140 -28.73 2.85 25.41
CA THR C 140 -28.77 1.46 25.88
C THR C 140 -29.16 0.50 24.76
N ASN C 141 -30.03 0.94 23.84
CA ASN C 141 -30.33 0.13 22.67
C ASN C 141 -29.08 -0.06 21.82
N CYS C 142 -28.27 1.00 21.69
CA CYS C 142 -27.03 0.91 20.94
C CYS C 142 -26.08 -0.08 21.59
N VAL C 143 -25.98 -0.05 22.92
CA VAL C 143 -25.16 -1.03 23.62
C VAL C 143 -25.72 -2.43 23.40
N PHE C 144 -27.03 -2.56 23.25
CA PHE C 144 -27.62 -3.88 23.04
C PHE C 144 -27.39 -4.42 21.63
N MET C 145 -27.35 -3.54 20.62
CA MET C 145 -27.04 -4.00 19.27
C MET C 145 -25.62 -4.56 19.18
N THR C 146 -24.75 -4.20 20.12
CA THR C 146 -23.39 -4.73 20.14
C THR C 146 -23.36 -6.24 20.29
N LEU C 147 -24.35 -6.81 20.99
CA LEU C 147 -24.31 -8.23 21.35
C LEU C 147 -24.22 -9.11 20.11
N SER C 148 -23.32 -10.08 20.15
CA SER C 148 -23.10 -10.96 19.01
C SER C 148 -24.25 -11.96 18.85
N ASN C 149 -24.43 -12.81 19.85
CA ASN C 149 -25.53 -13.77 19.86
C ASN C 149 -26.43 -13.45 21.05
N PRO C 150 -27.52 -12.70 20.83
CA PRO C 150 -28.36 -12.28 21.95
C PRO C 150 -29.07 -13.47 22.58
N PRO C 151 -29.00 -13.61 23.91
CA PRO C 151 -29.76 -14.67 24.58
C PRO C 151 -31.27 -14.45 24.45
N ASP C 152 -32.04 -15.37 25.01
CA ASP C 152 -33.49 -15.31 24.86
C ASP C 152 -34.07 -14.05 25.51
N TRP C 153 -33.73 -13.81 26.78
CA TRP C 153 -34.39 -12.77 27.55
C TRP C 153 -34.24 -11.40 26.91
N THR C 154 -33.10 -11.15 26.27
CA THR C 154 -32.87 -9.85 25.64
C THR C 154 -33.99 -9.49 24.68
N LYS C 155 -34.60 -10.50 24.05
CA LYS C 155 -35.70 -10.24 23.12
C LYS C 155 -36.76 -9.36 23.77
N ASN C 156 -37.17 -9.70 25.00
CA ASN C 156 -38.18 -8.90 25.68
C ASN C 156 -37.73 -7.46 25.81
N VAL C 157 -36.47 -7.25 26.22
CA VAL C 157 -35.95 -5.89 26.34
C VAL C 157 -36.04 -5.19 24.99
N GLU C 158 -35.72 -5.92 23.91
CA GLU C 158 -35.83 -5.33 22.57
C GLU C 158 -37.23 -4.80 22.33
N TYR C 159 -38.24 -5.59 22.67
CA TYR C 159 -39.62 -5.12 22.57
C TYR C 159 -39.79 -3.82 23.34
N THR C 160 -39.34 -3.81 24.60
CA THR C 160 -39.40 -2.59 25.40
C THR C 160 -38.89 -1.41 24.60
N PHE C 161 -37.72 -1.57 23.97
CA PHE C 161 -37.12 -0.47 23.24
C PHE C 161 -38.08 0.07 22.19
N THR C 162 -38.59 -0.82 21.32
CA THR C 162 -39.47 -0.32 20.27
C THR C 162 -40.72 0.29 20.88
N GLY C 163 -41.20 -0.27 21.99
CA GLY C 163 -42.33 0.35 22.67
C GLY C 163 -42.03 1.79 23.04
N ILE C 164 -40.86 2.01 23.66
CA ILE C 164 -40.47 3.37 24.00
C ILE C 164 -40.41 4.22 22.75
N TYR C 165 -39.88 3.68 21.65
CA TYR C 165 -39.85 4.44 20.42
C TYR C 165 -41.26 4.80 19.99
N THR C 166 -42.18 3.83 20.03
CA THR C 166 -43.57 4.16 19.74
C THR C 166 -44.03 5.29 20.65
N PHE C 167 -43.67 5.20 21.93
CA PHE C 167 -43.92 6.29 22.88
C PHE C 167 -43.60 7.63 22.26
N GLU C 168 -42.33 7.86 21.88
CA GLU C 168 -41.97 9.19 21.42
C GLU C 168 -42.80 9.57 20.21
N SER C 169 -43.00 8.63 19.28
CA SER C 169 -43.78 8.94 18.10
C SER C 169 -45.17 9.41 18.50
N LEU C 170 -45.80 8.70 19.44
CA LEU C 170 -47.10 9.12 19.95
C LEU C 170 -47.02 10.55 20.46
N ILE C 171 -45.99 10.84 21.26
CA ILE C 171 -45.84 12.18 21.82
C ILE C 171 -45.70 13.21 20.70
N LYS C 172 -45.01 12.86 19.62
CA LYS C 172 -44.90 13.79 18.51
C LYS C 172 -46.17 13.81 17.67
N ILE C 173 -46.91 12.71 17.61
CA ILE C 173 -48.08 12.67 16.73
C ILE C 173 -49.30 13.29 17.41
N LEU C 174 -49.27 13.47 18.73
CA LEU C 174 -50.28 14.24 19.45
C LEU C 174 -49.77 15.62 19.84
N ALA C 175 -48.89 16.21 19.04
CA ALA C 175 -48.28 17.50 19.37
C ALA C 175 -48.30 18.52 18.24
N ARG C 176 -48.39 18.10 16.98
CA ARG C 176 -48.42 19.03 15.86
C ARG C 176 -49.58 18.74 14.92
N GLY C 177 -50.61 18.07 15.41
CA GLY C 177 -51.84 17.83 14.68
C GLY C 177 -53.00 17.70 15.64
N PHE C 178 -54.07 18.46 15.41
CA PHE C 178 -55.15 18.60 16.38
C PHE C 178 -56.48 18.20 15.78
N CYS C 179 -57.36 17.67 16.63
CA CYS C 179 -58.76 17.40 16.28
C CYS C 179 -58.85 16.48 15.06
N LEU C 180 -58.39 15.24 15.27
CA LEU C 180 -58.43 14.19 14.25
C LEU C 180 -57.51 14.53 13.08
N GLU C 181 -56.24 14.79 13.38
CA GLU C 181 -55.23 15.05 12.35
C GLU C 181 -54.33 13.83 12.21
N ASP C 182 -53.79 13.64 11.01
CA ASP C 182 -53.09 12.40 10.66
C ASP C 182 -51.58 12.50 10.82
N PHE C 183 -50.93 13.43 10.13
CA PHE C 183 -49.47 13.53 10.14
C PHE C 183 -49.04 14.83 10.82
N THR C 184 -48.13 14.70 11.77
CA THR C 184 -47.60 15.86 12.48
C THR C 184 -46.10 16.04 12.30
N PHE C 185 -45.32 14.99 12.55
CA PHE C 185 -43.85 15.07 12.42
C PHE C 185 -43.41 14.50 11.08
N LEU C 186 -43.81 15.18 10.01
CA LEU C 186 -43.36 14.81 8.68
C LEU C 186 -42.65 15.93 7.94
N ARG C 187 -42.48 17.10 8.56
CA ARG C 187 -41.66 18.16 7.98
C ARG C 187 -40.26 18.21 8.57
N ASP C 188 -39.94 17.29 9.49
CA ASP C 188 -38.60 17.18 10.05
C ASP C 188 -37.92 15.94 9.47
N PRO C 189 -36.80 16.09 8.76
CA PRO C 189 -36.20 14.93 8.08
C PRO C 189 -35.83 13.78 9.01
N TRP C 190 -35.38 14.06 10.23
CA TRP C 190 -35.07 12.98 11.15
C TRP C 190 -36.33 12.31 11.68
N ASN C 191 -37.44 13.05 11.70
CA ASN C 191 -38.72 12.42 12.02
C ASN C 191 -39.12 11.41 10.95
N TRP C 192 -38.65 11.60 9.71
CA TRP C 192 -38.84 10.57 8.69
C TRP C 192 -38.14 9.27 9.10
N LEU C 193 -36.90 9.37 9.61
CA LEU C 193 -36.20 8.17 10.06
C LEU C 193 -36.90 7.55 11.26
N ASP C 194 -37.39 8.37 12.18
CA ASP C 194 -38.13 7.84 13.32
C ASP C 194 -39.39 7.11 12.88
N PHE C 195 -40.12 7.70 11.93
CA PHE C 195 -41.31 7.04 11.40
C PHE C 195 -40.94 5.73 10.71
N SER C 196 -39.83 5.73 9.98
CA SER C 196 -39.36 4.52 9.31
C SER C 196 -39.08 3.41 10.32
N VAL C 197 -38.37 3.75 11.40
CA VAL C 197 -38.00 2.72 12.36
C VAL C 197 -39.23 2.22 13.11
N ILE C 198 -40.14 3.11 13.50
CA ILE C 198 -41.31 2.66 14.24
C ILE C 198 -42.20 1.80 13.35
N VAL C 199 -42.29 2.12 12.06
CA VAL C 199 -43.15 1.35 11.18
C VAL C 199 -42.55 -0.04 10.91
N MET C 200 -41.29 -0.09 10.46
CA MET C 200 -40.75 -1.40 10.16
C MET C 200 -40.35 -2.20 11.39
N ALA C 201 -40.36 -1.61 12.59
CA ALA C 201 -40.26 -2.43 13.79
C ALA C 201 -41.47 -3.34 13.94
N TYR C 202 -42.67 -2.78 13.81
CA TYR C 202 -43.87 -3.60 13.87
C TYR C 202 -44.08 -4.44 12.62
N VAL C 203 -43.55 -4.00 11.48
CA VAL C 203 -43.51 -4.88 10.30
C VAL C 203 -42.61 -6.08 10.58
N THR C 204 -41.51 -5.85 11.32
CA THR C 204 -40.63 -6.93 11.73
C THR C 204 -41.30 -7.87 12.73
N GLU C 205 -42.15 -7.32 13.61
CA GLU C 205 -42.82 -8.14 14.61
C GLU C 205 -43.52 -9.35 14.00
N PHE C 206 -43.84 -9.31 12.71
CA PHE C 206 -44.36 -10.46 11.98
C PHE C 206 -43.19 -11.13 11.28
N VAL C 207 -42.65 -12.17 11.93
CA VAL C 207 -41.42 -12.80 11.44
C VAL C 207 -41.66 -13.48 10.10
N SER C 208 -42.85 -14.05 9.90
CA SER C 208 -43.16 -14.67 8.61
C SER C 208 -43.47 -13.64 7.53
N LEU C 209 -43.63 -12.37 7.90
CA LEU C 209 -43.91 -11.32 6.92
C LEU C 209 -42.65 -10.51 6.62
N VAL C 212 -37.70 -13.55 7.95
CA VAL C 212 -37.89 -13.39 6.51
C VAL C 212 -36.55 -12.99 5.90
N SER C 213 -35.49 -13.12 6.70
CA SER C 213 -34.12 -12.80 6.31
C SER C 213 -33.94 -11.33 5.94
N ALA C 214 -34.94 -10.50 6.21
CA ALA C 214 -34.86 -9.07 5.97
C ALA C 214 -34.62 -8.28 7.25
N LEU C 215 -34.36 -8.98 8.36
CA LEU C 215 -33.97 -8.30 9.60
C LEU C 215 -32.79 -7.36 9.36
N ARG C 216 -31.87 -7.76 8.49
CA ARG C 216 -30.71 -6.97 8.13
C ARG C 216 -31.08 -5.61 7.54
N THR C 217 -32.29 -5.46 7.01
CA THR C 217 -32.78 -4.17 6.56
C THR C 217 -33.74 -3.51 7.53
N PHE C 218 -34.04 -4.15 8.67
CA PHE C 218 -34.87 -3.56 9.71
C PHE C 218 -34.06 -3.12 10.93
N ARG C 219 -33.14 -3.97 11.40
CA ARG C 219 -32.31 -3.60 12.54
C ARG C 219 -31.41 -2.41 12.22
N VAL C 220 -30.87 -2.35 11.01
CA VAL C 220 -29.99 -1.25 10.66
C VAL C 220 -30.73 0.06 10.68
N LEU C 221 -32.03 0.05 10.39
CA LEU C 221 -32.82 1.27 10.49
C LEU C 221 -32.83 1.80 11.92
N ARG C 222 -32.93 0.91 12.90
CA ARG C 222 -32.77 1.30 14.30
C ARG C 222 -31.33 1.70 14.60
N ALA C 223 -30.37 1.13 13.87
CA ALA C 223 -28.96 1.49 14.09
C ALA C 223 -28.69 2.94 13.68
N LEU C 224 -29.22 3.37 12.54
CA LEU C 224 -29.01 4.76 12.11
C LEU C 224 -29.67 5.76 13.05
N LYS C 225 -30.55 5.33 13.94
CA LYS C 225 -31.21 6.27 14.85
C LYS C 225 -30.26 6.91 15.85
N THR C 226 -29.03 6.39 15.97
CA THR C 226 -28.08 6.92 16.92
C THR C 226 -27.68 8.36 16.65
N ILE C 227 -27.98 8.88 15.44
CA ILE C 227 -27.49 10.20 15.06
C ILE C 227 -28.06 11.28 15.96
N SER C 228 -29.33 11.16 16.35
CA SER C 228 -30.03 12.21 17.08
C SER C 228 -30.06 11.98 18.57
N VAL C 229 -29.00 11.42 19.15
CA VAL C 229 -28.95 11.26 20.61
C VAL C 229 -28.97 12.62 21.30
N ILE C 230 -28.17 13.56 20.81
CA ILE C 230 -28.06 14.88 21.45
C ILE C 230 -28.29 15.97 20.40
N PRO C 231 -29.06 17.01 20.72
CA PRO C 231 -29.18 18.14 19.78
C PRO C 231 -27.83 18.81 19.59
N GLY C 232 -27.47 19.03 18.34
CA GLY C 232 -26.16 19.54 17.99
C GLY C 232 -25.50 18.67 16.94
N LEU C 233 -25.76 17.36 17.02
CA LEU C 233 -25.32 16.46 15.96
C LEU C 233 -26.13 16.68 14.69
N LYS C 234 -27.36 17.19 14.83
CA LYS C 234 -28.15 17.58 13.67
C LYS C 234 -27.45 18.66 12.87
N THR C 235 -26.97 19.69 13.55
CA THR C 235 -26.27 20.77 12.86
C THR C 235 -24.96 20.29 12.24
N ILE C 236 -24.25 19.40 12.93
CA ILE C 236 -23.01 18.88 12.38
C ILE C 236 -23.26 18.05 11.13
N VAL C 237 -24.30 17.21 11.14
CA VAL C 237 -24.63 16.44 9.96
C VAL C 237 -25.04 17.36 8.81
N GLY C 238 -25.84 18.38 9.10
CA GLY C 238 -26.18 19.34 8.07
C GLY C 238 -24.97 20.04 7.49
N ALA C 239 -24.03 20.45 8.35
CA ALA C 239 -22.83 21.12 7.88
C ALA C 239 -22.00 20.19 7.00
N LEU C 240 -21.92 18.91 7.38
CA LEU C 240 -21.29 17.93 6.50
C LEU C 240 -22.01 17.86 5.15
N ILE C 241 -23.34 18.02 5.17
CA ILE C 241 -24.10 17.98 3.93
C ILE C 241 -23.72 19.14 3.02
N GLN C 242 -23.65 20.37 3.56
CA GLN C 242 -23.18 21.47 2.70
C GLN C 242 -21.72 21.29 2.31
N SER C 243 -20.91 20.66 3.15
CA SER C 243 -19.51 20.43 2.76
C SER C 243 -19.42 19.50 1.55
N VAL C 244 -20.22 18.43 1.55
CA VAL C 244 -20.22 17.52 0.40
C VAL C 244 -20.94 18.13 -0.79
N LYS C 245 -21.80 19.12 -0.57
CA LYS C 245 -22.45 19.80 -1.71
C LYS C 245 -21.43 20.50 -2.59
N LYS C 246 -20.41 21.11 -2.00
CA LYS C 246 -19.37 21.81 -2.73
C LYS C 246 -18.37 20.87 -3.38
N LEU C 247 -18.65 19.57 -3.40
CA LEU C 247 -17.77 18.57 -3.98
C LEU C 247 -18.17 18.17 -5.39
N SER C 248 -19.12 18.89 -6.00
CA SER C 248 -19.67 18.45 -7.27
C SER C 248 -18.62 18.43 -8.38
N ASP C 249 -17.92 19.55 -8.56
CA ASP C 249 -16.94 19.65 -9.64
C ASP C 249 -15.80 18.66 -9.43
N VAL C 250 -15.32 18.53 -8.19
CA VAL C 250 -14.20 17.65 -7.93
C VAL C 250 -14.60 16.20 -8.10
N MET C 251 -15.81 15.83 -7.68
CA MET C 251 -16.24 14.45 -7.83
C MET C 251 -16.48 14.10 -9.30
N ILE C 252 -17.03 15.04 -10.08
CA ILE C 252 -17.25 14.74 -11.49
C ILE C 252 -15.92 14.66 -12.23
N LEU C 253 -14.96 15.53 -11.89
CA LEU C 253 -13.63 15.41 -12.48
C LEU C 253 -12.96 14.10 -12.06
N THR C 254 -13.15 13.71 -10.79
CA THR C 254 -12.54 12.49 -10.30
C THR C 254 -13.09 11.27 -11.03
N VAL C 255 -14.41 11.21 -11.22
CA VAL C 255 -14.99 10.06 -11.90
C VAL C 255 -14.61 10.08 -13.38
N PHE C 256 -14.51 11.26 -13.98
CA PHE C 256 -14.07 11.33 -15.38
C PHE C 256 -12.65 10.81 -15.54
N CYS C 257 -11.74 11.28 -14.67
CA CYS C 257 -10.35 10.83 -14.75
C CYS C 257 -10.23 9.34 -14.45
N LEU C 258 -10.99 8.87 -13.46
CA LEU C 258 -10.99 7.44 -13.15
C LEU C 258 -11.45 6.63 -14.35
N SER C 259 -12.51 7.09 -15.03
CA SER C 259 -12.99 6.38 -16.21
C SER C 259 -11.97 6.42 -17.34
N VAL C 260 -11.33 7.58 -17.55
CA VAL C 260 -10.37 7.69 -18.65
C VAL C 260 -9.19 6.75 -18.43
N PHE C 261 -8.56 6.83 -17.25
CA PHE C 261 -7.47 5.91 -16.97
C PHE C 261 -7.94 4.47 -16.88
N ALA C 262 -9.23 4.25 -16.57
CA ALA C 262 -9.74 2.89 -16.51
C ALA C 262 -9.86 2.29 -17.90
N LEU C 263 -10.34 3.05 -18.87
CA LEU C 263 -10.33 2.56 -20.25
C LEU C 263 -8.90 2.38 -20.75
N ILE C 264 -7.98 3.26 -20.36
CA ILE C 264 -6.59 3.08 -20.76
C ILE C 264 -6.07 1.74 -20.24
N GLY C 265 -6.27 1.47 -18.95
CA GLY C 265 -5.82 0.22 -18.39
C GLY C 265 -6.59 -0.98 -18.91
N LEU C 266 -7.85 -0.78 -19.30
CA LEU C 266 -8.68 -1.85 -19.82
C LEU C 266 -8.21 -2.29 -21.19
N GLN C 267 -7.96 -1.33 -22.08
CA GLN C 267 -7.49 -1.68 -23.42
C GLN C 267 -6.01 -2.02 -23.44
N LEU C 268 -5.26 -1.66 -22.40
CA LEU C 268 -3.89 -2.14 -22.32
C LEU C 268 -3.82 -3.53 -21.72
N PHE C 269 -4.23 -3.67 -20.46
CA PHE C 269 -4.15 -4.96 -19.76
C PHE C 269 -5.50 -5.70 -19.83
N MET C 270 -5.96 -5.93 -21.05
CA MET C 270 -7.23 -6.63 -21.25
C MET C 270 -6.98 -8.13 -21.08
N GLY C 271 -7.18 -8.60 -19.85
CA GLY C 271 -7.01 -10.00 -19.55
C GLY C 271 -5.58 -10.42 -19.31
N ASN C 272 -4.62 -9.51 -19.41
CA ASN C 272 -3.25 -9.85 -19.08
C ASN C 272 -3.13 -10.27 -17.62
N LEU C 273 -3.91 -9.66 -16.73
CA LEU C 273 -3.93 -10.07 -15.34
C LEU C 273 -4.44 -11.49 -15.17
N ARG C 274 -5.08 -12.05 -16.19
CA ARG C 274 -5.50 -13.45 -16.15
C ARG C 274 -4.37 -14.40 -16.49
N ASN C 275 -3.26 -13.92 -17.04
CA ASN C 275 -2.18 -14.80 -17.48
C ASN C 275 -1.68 -15.64 -16.31
N LYS C 276 -1.42 -16.91 -16.58
CA LYS C 276 -0.93 -17.84 -15.56
C LYS C 276 0.06 -18.81 -16.16
N CYS C 277 0.90 -19.37 -15.31
CA CYS C 277 1.70 -20.52 -15.67
C CYS C 277 0.78 -21.70 -15.93
N LEU C 278 1.02 -22.43 -17.01
CA LEU C 278 0.34 -23.66 -17.32
C LEU C 278 1.36 -24.68 -17.78
N GLN C 279 1.24 -25.91 -17.29
CA GLN C 279 2.19 -26.94 -17.66
C GLN C 279 2.08 -27.26 -19.15
N TRP C 280 3.02 -28.05 -19.65
CA TRP C 280 2.98 -28.47 -21.04
C TRP C 280 2.58 -29.93 -21.12
N PRO C 281 1.44 -30.26 -21.72
CA PRO C 281 0.88 -31.59 -21.55
C PRO C 281 1.76 -32.64 -22.20
N PRO C 282 1.72 -33.88 -21.73
CA PRO C 282 2.46 -34.95 -22.41
C PRO C 282 2.03 -35.17 -23.86
N SER C 283 0.76 -34.94 -24.18
CA SER C 283 0.27 -35.09 -25.55
C SER C 283 0.25 -33.75 -26.27
N PHE C 313 -12.42 -32.14 -22.43
CA PHE C 313 -11.21 -32.93 -22.61
C PHE C 313 -10.02 -32.03 -22.93
N ASN C 314 -9.48 -32.16 -24.13
CA ASN C 314 -8.33 -31.36 -24.53
C ASN C 314 -8.70 -29.88 -24.58
N TRP C 315 -8.02 -29.09 -23.76
CA TRP C 315 -8.19 -27.64 -23.61
C TRP C 315 -9.52 -27.26 -23.00
N LYS C 316 -10.40 -28.22 -22.73
CA LYS C 316 -11.64 -27.95 -22.00
C LYS C 316 -11.44 -28.14 -20.51
N ASP C 317 -10.85 -29.27 -20.11
CA ASP C 317 -10.58 -29.52 -18.70
C ASP C 317 -9.06 -29.59 -18.58
N TYR C 318 -8.39 -28.62 -19.18
CA TYR C 318 -6.99 -28.34 -18.92
C TYR C 318 -6.78 -26.92 -18.41
N ILE C 319 -7.46 -25.95 -19.02
CA ILE C 319 -7.47 -24.60 -18.49
C ILE C 319 -8.13 -24.59 -17.11
N GLY C 320 -9.25 -25.28 -16.97
CA GLY C 320 -10.04 -25.19 -15.76
C GLY C 320 -9.77 -26.27 -14.74
N ASP C 321 -8.49 -26.61 -14.54
CA ASP C 321 -8.13 -27.58 -13.53
C ASP C 321 -7.55 -26.93 -12.27
N ASP C 322 -6.83 -25.83 -12.42
CA ASP C 322 -6.26 -25.06 -11.32
C ASP C 322 -5.24 -25.88 -10.51
N SER C 323 -4.98 -27.11 -10.93
CA SER C 323 -3.85 -27.88 -10.45
C SER C 323 -2.75 -28.00 -11.48
N HIS C 324 -3.03 -27.62 -12.73
CA HIS C 324 -2.04 -27.50 -13.79
C HIS C 324 -1.36 -26.15 -13.79
N PHE C 325 -1.68 -25.29 -12.82
CA PHE C 325 -1.11 -23.96 -12.70
C PHE C 325 -0.02 -23.95 -11.64
N TYR C 326 0.86 -22.96 -11.72
CA TYR C 326 1.94 -22.78 -10.76
C TYR C 326 1.41 -21.97 -9.59
N VAL C 327 1.00 -22.66 -8.53
CA VAL C 327 0.58 -21.99 -7.29
C VAL C 327 1.86 -21.67 -6.52
N LEU C 328 2.25 -20.39 -6.52
CA LEU C 328 3.44 -19.99 -5.79
C LEU C 328 3.28 -20.32 -4.31
N ASP C 329 4.37 -20.79 -3.70
CA ASP C 329 4.28 -21.36 -2.36
C ASP C 329 3.72 -20.35 -1.37
N GLY C 330 2.74 -20.79 -0.59
CA GLY C 330 2.14 -19.95 0.44
C GLY C 330 1.45 -18.71 -0.08
N GLN C 331 0.70 -18.83 -1.17
CA GLN C 331 -0.08 -17.71 -1.69
C GLN C 331 -1.51 -18.06 -2.04
N LYS C 332 -1.82 -19.31 -2.36
CA LYS C 332 -3.20 -19.74 -2.66
C LYS C 332 -3.81 -18.91 -3.78
N ASP C 333 -2.99 -18.55 -4.77
CA ASP C 333 -3.43 -17.78 -5.92
C ASP C 333 -2.45 -18.01 -7.06
N PRO C 334 -2.92 -18.44 -8.23
CA PRO C 334 -2.00 -18.81 -9.31
C PRO C 334 -1.10 -17.64 -9.72
N LEU C 335 0.14 -17.96 -10.04
CA LEU C 335 1.15 -16.96 -10.36
C LEU C 335 0.94 -16.41 -11.76
N LEU C 336 1.21 -15.12 -11.93
CA LEU C 336 1.07 -14.45 -13.21
C LEU C 336 2.36 -14.52 -14.00
N CYS C 337 2.23 -14.41 -15.33
CA CYS C 337 3.39 -14.35 -16.22
C CYS C 337 3.03 -13.52 -17.45
N GLY C 338 3.88 -13.61 -18.46
CA GLY C 338 3.67 -12.87 -19.70
C GLY C 338 4.64 -13.34 -20.75
N ASN C 339 4.33 -12.99 -22.00
CA ASN C 339 5.13 -13.44 -23.13
C ASN C 339 6.22 -12.45 -23.50
N GLY C 340 5.98 -11.16 -23.33
CA GLY C 340 6.97 -10.17 -23.68
C GLY C 340 8.17 -10.21 -22.76
N SER C 341 9.18 -9.43 -23.13
CA SER C 341 10.34 -9.28 -22.27
C SER C 341 9.98 -8.45 -21.04
N ASP C 342 10.93 -8.34 -20.12
CA ASP C 342 10.80 -7.55 -18.89
C ASP C 342 9.48 -7.82 -18.18
N ALA C 343 9.03 -9.06 -18.23
CA ALA C 343 7.80 -9.48 -17.58
C ALA C 343 8.07 -10.72 -16.74
N GLY C 344 7.04 -11.19 -16.05
CA GLY C 344 7.16 -12.38 -15.23
C GLY C 344 7.60 -13.58 -16.03
N GLN C 345 8.53 -14.35 -15.48
CA GLN C 345 9.12 -15.47 -16.19
C GLN C 345 8.43 -16.75 -15.76
N CYS C 346 7.85 -17.47 -16.73
CA CYS C 346 7.32 -18.78 -16.44
C CYS C 346 8.48 -19.77 -16.24
N PRO C 347 8.43 -20.60 -15.21
CA PRO C 347 9.54 -21.52 -14.95
C PRO C 347 9.73 -22.51 -16.09
N GLU C 348 10.91 -23.12 -16.13
CA GLU C 348 11.24 -24.09 -17.16
C GLU C 348 10.32 -25.29 -17.07
N GLY C 349 9.37 -25.41 -18.00
CA GLY C 349 8.39 -26.46 -17.96
C GLY C 349 6.98 -25.92 -17.87
N TYR C 350 6.85 -24.61 -18.01
CA TYR C 350 5.56 -23.94 -18.00
C TYR C 350 5.52 -22.93 -19.13
N ILE C 351 4.31 -22.53 -19.52
CA ILE C 351 4.12 -21.45 -20.48
C ILE C 351 3.03 -20.54 -19.93
N CYS C 352 3.05 -19.28 -20.36
CA CYS C 352 2.06 -18.32 -19.91
C CYS C 352 0.85 -18.36 -20.83
N VAL C 353 -0.32 -18.59 -20.25
CA VAL C 353 -1.57 -18.65 -21.00
C VAL C 353 -2.60 -17.77 -20.32
N LYS C 354 -3.41 -17.07 -21.12
CA LYS C 354 -4.50 -16.26 -20.61
C LYS C 354 -5.68 -17.19 -20.36
N ALA C 355 -5.69 -17.82 -19.19
CA ALA C 355 -6.64 -18.89 -18.94
C ALA C 355 -6.83 -19.06 -17.44
N GLY C 356 -8.06 -18.83 -16.97
CA GLY C 356 -8.41 -19.04 -15.59
C GLY C 356 -9.15 -17.84 -15.05
N ARG C 357 -9.16 -17.72 -13.73
CA ARG C 357 -9.77 -16.60 -13.04
C ARG C 357 -8.75 -15.50 -12.81
N ASN C 358 -9.26 -14.30 -12.55
CA ASN C 358 -8.38 -13.16 -12.33
C ASN C 358 -7.67 -13.32 -10.99
N PRO C 359 -6.53 -12.57 -10.74
CA PRO C 359 -5.61 -12.96 -9.67
C PRO C 359 -6.13 -12.69 -8.27
N ASN C 360 -7.34 -13.16 -8.00
CA ASN C 360 -8.02 -13.08 -6.71
C ASN C 360 -9.07 -14.18 -6.72
N TYR C 361 -10.06 -14.08 -5.83
CA TYR C 361 -11.22 -14.94 -5.97
C TYR C 361 -11.99 -14.66 -7.26
N GLY C 362 -11.48 -13.75 -8.08
CA GLY C 362 -12.10 -13.27 -9.30
C GLY C 362 -12.63 -11.89 -9.00
N TYR C 363 -11.82 -10.87 -9.26
CA TYR C 363 -12.01 -9.58 -8.60
C TYR C 363 -11.26 -8.52 -9.39
N THR C 364 -10.87 -7.45 -8.71
CA THR C 364 -10.60 -6.15 -9.35
C THR C 364 -9.38 -6.30 -10.26
N SER C 365 -9.63 -6.92 -11.40
CA SER C 365 -8.72 -7.00 -12.52
C SER C 365 -9.08 -5.93 -13.55
N PHE C 366 -8.52 -6.04 -14.74
CA PHE C 366 -8.70 -5.02 -15.78
C PHE C 366 -9.57 -5.47 -16.93
N ASP C 367 -10.09 -6.70 -16.93
CA ASP C 367 -10.80 -7.20 -18.10
C ASP C 367 -12.30 -6.94 -18.02
N THR C 368 -12.67 -5.71 -17.68
CA THR C 368 -14.04 -5.19 -17.77
C THR C 368 -13.98 -3.73 -17.34
N PHE C 369 -14.83 -2.86 -17.88
CA PHE C 369 -14.76 -1.47 -17.48
C PHE C 369 -15.13 -1.27 -16.02
N SER C 370 -16.11 -2.04 -15.52
CA SER C 370 -16.46 -1.92 -14.11
C SER C 370 -15.31 -2.36 -13.23
N TRP C 371 -14.68 -3.49 -13.56
CA TRP C 371 -13.52 -3.94 -12.80
C TRP C 371 -12.37 -2.95 -12.91
N ALA C 372 -12.16 -2.37 -14.09
CA ALA C 372 -11.11 -1.38 -14.25
C ALA C 372 -11.38 -0.15 -13.40
N PHE C 373 -12.65 0.30 -13.36
CA PHE C 373 -12.99 1.45 -12.54
C PHE C 373 -12.77 1.15 -11.06
N LEU C 374 -13.10 -0.07 -10.62
CA LEU C 374 -12.86 -0.40 -9.23
C LEU C 374 -11.36 -0.45 -8.93
N SER C 375 -10.57 -1.06 -9.82
CA SER C 375 -9.13 -1.12 -9.62
C SER C 375 -8.50 0.25 -9.60
N LEU C 376 -9.01 1.18 -10.40
CA LEU C 376 -8.42 2.51 -10.39
C LEU C 376 -8.99 3.42 -9.32
N PHE C 377 -10.17 3.13 -8.78
CA PHE C 377 -10.54 3.73 -7.50
C PHE C 377 -9.57 3.28 -6.42
N ARG C 378 -9.21 1.99 -6.45
CA ARG C 378 -8.19 1.48 -5.52
C ARG C 378 -6.87 2.20 -5.71
N LEU C 379 -6.47 2.43 -6.96
CA LEU C 379 -5.25 3.19 -7.23
C LEU C 379 -5.36 4.64 -6.80
N MET C 380 -6.56 5.22 -6.89
CA MET C 380 -6.75 6.61 -6.48
C MET C 380 -6.68 6.74 -4.97
N THR C 381 -7.15 5.75 -4.22
CA THR C 381 -6.98 5.75 -2.78
C THR C 381 -5.72 5.02 -2.34
N GLN C 382 -4.97 4.43 -3.27
CA GLN C 382 -3.68 3.81 -2.99
C GLN C 382 -3.78 2.73 -1.93
N ASP C 383 -4.93 2.06 -1.84
CA ASP C 383 -5.08 0.95 -0.91
C ASP C 383 -4.37 -0.26 -1.49
N TYR C 384 -3.26 -0.66 -0.86
CA TYR C 384 -2.61 -1.93 -1.18
C TYR C 384 -2.32 -2.02 -2.66
N TRP C 385 -2.01 -0.87 -3.26
CA TRP C 385 -1.76 -0.83 -4.70
C TRP C 385 -0.41 -1.40 -5.07
N GLU C 386 0.42 -1.72 -4.09
CA GLU C 386 1.63 -2.48 -4.39
C GLU C 386 1.28 -3.79 -5.08
N ASN C 387 0.19 -4.44 -4.67
CA ASN C 387 -0.14 -5.75 -5.22
C ASN C 387 -0.68 -5.63 -6.64
N LEU C 388 -1.53 -4.63 -6.90
CA LEU C 388 -1.99 -4.39 -8.26
C LEU C 388 -0.81 -4.01 -9.16
N TYR C 389 0.08 -3.16 -8.66
CA TYR C 389 1.31 -2.83 -9.35
C TYR C 389 2.07 -4.09 -9.73
N GLN C 390 2.29 -4.96 -8.75
CA GLN C 390 3.08 -6.16 -8.99
C GLN C 390 2.41 -7.09 -9.99
N LEU C 391 1.10 -7.31 -9.86
CA LEU C 391 0.41 -8.20 -10.78
C LEU C 391 0.42 -7.65 -12.21
N THR C 392 0.13 -6.35 -12.36
CA THR C 392 0.10 -5.76 -13.69
C THR C 392 1.48 -5.79 -14.33
N LEU C 393 2.52 -5.45 -13.58
CA LEU C 393 3.85 -5.44 -14.18
C LEU C 393 4.39 -6.84 -14.39
N ARG C 394 3.92 -7.81 -13.62
CA ARG C 394 4.30 -9.20 -13.86
C ARG C 394 3.60 -9.76 -15.07
N ALA C 395 2.40 -9.27 -15.37
CA ALA C 395 1.68 -9.75 -16.56
C ALA C 395 2.17 -9.05 -17.82
N ALA C 396 2.03 -7.73 -17.88
CA ALA C 396 2.28 -6.97 -19.10
C ALA C 396 3.70 -6.46 -19.22
N GLY C 397 4.57 -6.73 -18.26
CA GLY C 397 5.95 -6.29 -18.38
C GLY C 397 6.20 -5.00 -17.64
N LYS C 398 7.44 -4.85 -17.15
CA LYS C 398 7.82 -3.64 -16.41
C LYS C 398 7.69 -2.39 -17.25
N THR C 399 7.78 -2.53 -18.58
CA THR C 399 7.75 -1.36 -19.45
C THR C 399 6.48 -0.54 -19.29
N TYR C 400 5.39 -1.16 -18.84
CA TYR C 400 4.11 -0.47 -18.68
C TYR C 400 4.03 0.38 -17.42
N MET C 401 5.07 0.33 -16.57
CA MET C 401 5.01 1.01 -15.28
C MET C 401 4.78 2.52 -15.42
N ILE C 402 5.16 3.12 -16.56
CA ILE C 402 4.91 4.53 -16.77
C ILE C 402 3.44 4.84 -16.58
N PHE C 403 2.56 3.95 -17.04
CA PHE C 403 1.13 4.12 -16.84
C PHE C 403 0.83 4.41 -15.38
N PHE C 404 1.36 3.58 -14.48
CA PHE C 404 1.11 3.80 -13.06
C PHE C 404 1.66 5.16 -12.61
N VAL C 405 2.87 5.50 -13.07
CA VAL C 405 3.45 6.79 -12.71
C VAL C 405 2.51 7.91 -13.09
N LEU C 406 1.77 7.74 -14.18
CA LEU C 406 0.74 8.72 -14.51
C LEU C 406 -0.34 8.73 -13.45
N VAL C 407 -1.05 7.60 -13.29
CA VAL C 407 -2.23 7.61 -12.44
C VAL C 407 -1.86 7.93 -11.00
N ILE C 408 -0.78 7.32 -10.50
CA ILE C 408 -0.33 7.61 -9.14
C ILE C 408 -0.05 9.10 -8.99
N PHE C 409 0.56 9.72 -10.00
CA PHE C 409 0.75 11.15 -9.96
C PHE C 409 -0.52 11.91 -10.32
N LEU C 410 -1.36 11.35 -11.20
CA LEU C 410 -2.54 12.08 -11.66
C LEU C 410 -3.82 11.66 -10.95
N GLY C 411 -4.12 10.36 -10.91
CA GLY C 411 -5.33 9.91 -10.27
C GLY C 411 -5.30 10.05 -8.76
N SER C 412 -4.23 9.57 -8.13
CA SER C 412 -4.18 9.54 -6.68
C SER C 412 -3.59 10.82 -6.09
N PHE C 413 -2.40 11.20 -6.53
CA PHE C 413 -1.73 12.36 -5.95
C PHE C 413 -2.53 13.63 -6.17
N TYR C 414 -3.08 13.82 -7.37
CA TYR C 414 -3.71 15.09 -7.70
C TYR C 414 -5.17 15.17 -7.26
N LEU C 415 -5.96 14.12 -7.52
CA LEU C 415 -7.38 14.19 -7.17
C LEU C 415 -7.58 14.21 -5.66
N VAL C 416 -6.74 13.50 -4.90
CA VAL C 416 -6.81 13.58 -3.44
C VAL C 416 -6.51 15.00 -2.98
N ASN C 417 -5.49 15.62 -3.58
CA ASN C 417 -5.16 17.00 -3.22
C ASN C 417 -6.31 17.94 -3.53
N LEU C 418 -6.97 17.74 -4.67
CA LEU C 418 -8.10 18.60 -5.01
C LEU C 418 -9.28 18.40 -4.07
N ILE C 419 -9.57 17.14 -3.70
CA ILE C 419 -10.62 16.88 -2.72
C ILE C 419 -10.30 17.59 -1.42
N LEU C 420 -9.06 17.45 -0.95
CA LEU C 420 -8.65 18.09 0.29
C LEU C 420 -8.75 19.60 0.18
N ALA C 421 -8.32 20.18 -0.95
CA ALA C 421 -8.33 21.63 -1.10
C ALA C 421 -9.76 22.17 -1.11
N VAL C 422 -10.67 21.51 -1.81
CA VAL C 422 -12.03 22.04 -1.87
C VAL C 422 -12.75 21.83 -0.54
N VAL C 423 -12.49 20.73 0.15
CA VAL C 423 -13.05 20.58 1.50
C VAL C 423 -12.49 21.66 2.41
N ALA C 424 -11.20 22.00 2.25
CA ALA C 424 -10.59 23.05 3.04
C ALA C 424 -11.24 24.40 2.75
N MET C 425 -11.50 24.69 1.48
CA MET C 425 -12.17 25.95 1.15
C MET C 425 -13.58 26.00 1.72
N ALA C 426 -14.30 24.88 1.64
CA ALA C 426 -15.64 24.85 2.24
C ALA C 426 -15.57 25.09 3.75
N TYR C 427 -14.61 24.47 4.42
CA TYR C 427 -14.51 24.64 5.87
C TYR C 427 -14.06 26.05 6.23
N GLU C 428 -13.18 26.65 5.42
CA GLU C 428 -12.77 28.03 5.67
C GLU C 428 -13.94 28.99 5.45
N GLU C 429 -14.77 28.74 4.44
CA GLU C 429 -15.97 29.55 4.25
C GLU C 429 -16.92 29.39 5.43
N GLN C 430 -17.08 28.17 5.92
CA GLN C 430 -17.93 27.94 7.09
C GLN C 430 -17.42 28.70 8.30
N ASN C 431 -16.11 28.63 8.54
CA ASN C 431 -15.52 29.34 9.68
C ASN C 431 -15.67 30.85 9.53
N GLN C 432 -15.44 31.37 8.33
CA GLN C 432 -15.58 32.79 8.10
C GLN C 432 -17.00 33.26 8.33
N ALA C 433 -17.99 32.51 7.82
CA ALA C 433 -19.38 32.87 8.03
C ALA C 433 -19.74 32.83 9.52
N THR C 434 -19.33 31.76 10.21
CA THR C 434 -19.69 31.62 11.62
C THR C 434 -19.03 32.68 12.49
N LEU C 435 -17.81 33.08 12.15
CA LEU C 435 -17.10 34.08 12.95
C LEU C 435 -17.45 35.51 12.59
N GLU C 436 -17.93 35.76 11.36
CA GLU C 436 -18.38 37.10 11.01
C GLU C 436 -19.84 37.32 11.41
N GLU C 437 -20.62 36.25 11.56
CA GLU C 437 -21.99 36.40 12.06
C GLU C 437 -21.99 36.93 13.49
N ALA C 438 -21.14 36.37 14.35
CA ALA C 438 -21.06 36.80 15.73
C ALA C 438 -19.90 37.77 15.95
N ASP C 741 -2.25 28.27 67.87
CA ASP C 741 -2.06 26.90 68.31
C ASP C 741 -1.73 25.99 67.12
N CYS C 742 -2.62 25.04 66.84
CA CYS C 742 -2.42 24.16 65.70
C CYS C 742 -2.42 24.95 64.40
N CYS C 743 -3.32 25.94 64.29
CA CYS C 743 -3.30 26.83 63.13
C CYS C 743 -2.01 27.63 63.08
N ASP C 744 -1.49 28.01 64.24
CA ASP C 744 -0.20 28.70 64.26
C ASP C 744 0.90 27.81 63.70
N ALA C 745 0.91 26.53 64.07
CA ALA C 745 1.90 25.60 63.53
C ALA C 745 1.72 25.42 62.02
N TRP C 746 0.48 25.29 61.57
CA TRP C 746 0.22 25.10 60.14
C TRP C 746 0.71 26.29 59.34
N LEU C 747 0.39 27.51 59.80
CA LEU C 747 0.84 28.69 59.09
C LEU C 747 2.34 28.91 59.21
N LYS C 748 2.95 28.55 60.34
CA LYS C 748 4.39 28.72 60.49
C LYS C 748 5.17 27.72 59.64
N VAL C 749 4.63 26.54 59.41
CA VAL C 749 5.27 25.59 58.51
C VAL C 749 4.97 25.92 57.05
N LYS C 750 3.80 26.53 56.79
CA LYS C 750 3.54 27.06 55.45
C LYS C 750 4.53 28.16 55.12
N HIS C 751 4.82 29.03 56.10
CA HIS C 751 5.86 30.04 55.96
C HIS C 751 7.12 29.48 55.33
N LEU C 752 7.50 28.26 55.72
CA LEU C 752 8.70 27.66 55.14
C LEU C 752 8.42 26.93 53.84
N VAL C 753 7.37 26.11 53.78
CA VAL C 753 7.20 25.24 52.61
C VAL C 753 6.86 26.05 51.37
N ASN C 754 6.09 27.12 51.51
CA ASN C 754 5.83 28.00 50.37
C ASN C 754 7.08 28.82 50.06
N LEU C 755 7.95 28.98 51.07
CA LEU C 755 9.23 29.65 50.88
C LEU C 755 10.36 28.71 50.53
N ILE C 756 10.18 27.39 50.69
CA ILE C 756 11.12 26.42 50.16
C ILE C 756 11.38 26.79 48.71
N VAL C 757 12.65 26.88 48.33
CA VAL C 757 13.10 27.48 47.09
C VAL C 757 12.25 26.95 45.94
N MET C 758 11.61 27.85 45.19
CA MET C 758 10.65 27.42 44.18
C MET C 758 11.28 27.36 42.80
N ASP C 759 11.72 28.50 42.26
CA ASP C 759 12.28 28.51 40.91
C ASP C 759 13.72 28.04 40.88
N PRO C 760 14.64 28.55 41.73
CA PRO C 760 16.05 28.13 41.59
C PRO C 760 16.29 26.68 41.98
N PHE C 761 16.53 25.84 40.97
CA PHE C 761 17.03 24.49 41.15
C PHE C 761 16.07 23.61 41.96
N VAL C 762 14.77 23.91 41.93
CA VAL C 762 13.78 22.99 42.48
C VAL C 762 12.71 22.67 41.44
N ASP C 763 11.96 23.69 41.02
CA ASP C 763 10.98 23.47 39.96
C ASP C 763 11.68 23.08 38.66
N LEU C 764 12.78 23.76 38.33
CA LEU C 764 13.63 23.31 37.25
C LEU C 764 14.20 21.93 37.56
N ALA C 765 14.56 21.69 38.81
CA ALA C 765 15.00 20.36 39.22
C ALA C 765 13.88 19.35 39.12
N ILE C 766 12.64 19.75 39.42
CA ILE C 766 11.51 18.84 39.25
C ILE C 766 11.33 18.48 37.79
N THR C 767 11.45 19.47 36.90
CA THR C 767 11.34 19.20 35.48
C THR C 767 12.45 18.27 34.99
N ILE C 768 13.68 18.50 35.46
CA ILE C 768 14.78 17.63 35.02
C ILE C 768 14.61 16.24 35.61
N CYS C 769 13.98 16.12 36.79
CA CYS C 769 13.65 14.80 37.32
C CYS C 769 12.55 14.13 36.49
N ILE C 770 11.62 14.90 35.96
CA ILE C 770 10.63 14.33 35.04
C ILE C 770 11.32 13.79 33.80
N VAL C 771 12.28 14.55 33.26
CA VAL C 771 13.02 14.11 32.10
C VAL C 771 13.83 12.85 32.41
N LEU C 772 14.47 12.81 33.57
CA LEU C 772 15.22 11.61 33.96
C LEU C 772 14.30 10.43 34.22
N ASN C 773 13.07 10.68 34.69
CA ASN C 773 12.09 9.62 34.84
C ASN C 773 11.70 9.05 33.48
N THR C 774 11.49 9.92 32.50
CA THR C 774 11.23 9.46 31.14
C THR C 774 12.42 8.65 30.62
N LEU C 775 13.63 9.10 30.92
CA LEU C 775 14.82 8.38 30.50
C LEU C 775 14.84 6.98 31.11
N PHE C 776 14.58 6.88 32.42
CA PHE C 776 14.55 5.57 33.06
C PHE C 776 13.42 4.71 32.53
N MET C 777 12.35 5.34 32.04
CA MET C 777 11.35 4.60 31.29
C MET C 777 11.91 4.08 29.98
N ALA C 778 12.86 4.81 29.39
CA ALA C 778 13.37 4.46 28.07
C ALA C 778 14.19 3.17 28.09
N MET C 779 15.06 3.00 29.09
CA MET C 779 15.97 1.86 29.07
C MET C 779 15.29 0.52 29.30
N GLU C 780 13.96 0.48 29.23
CA GLU C 780 13.27 -0.78 29.40
C GLU C 780 13.54 -1.71 28.22
N HIS C 781 14.50 -2.61 28.38
CA HIS C 781 14.84 -3.59 27.37
C HIS C 781 13.94 -4.81 27.54
N TYR C 782 13.78 -5.61 26.50
CA TYR C 782 13.20 -6.91 26.79
C TYR C 782 14.24 -7.84 27.41
N PRO C 783 15.38 -8.12 26.74
CA PRO C 783 16.32 -9.08 27.32
C PRO C 783 16.98 -8.45 28.54
N MET C 784 16.54 -8.87 29.71
CA MET C 784 16.87 -8.18 30.94
C MET C 784 17.70 -9.07 31.85
N THR C 785 18.83 -8.55 32.31
CA THR C 785 19.60 -9.18 33.36
C THR C 785 19.30 -8.49 34.68
N GLU C 786 19.33 -9.26 35.76
CA GLU C 786 19.13 -8.67 37.07
C GLU C 786 20.28 -7.72 37.38
N GLN C 787 20.06 -6.86 38.38
CA GLN C 787 20.89 -5.70 38.67
C GLN C 787 20.71 -4.63 37.60
N PHE C 788 19.80 -4.88 36.65
CA PHE C 788 19.38 -3.83 35.72
C PHE C 788 17.89 -3.57 35.86
N SER C 789 17.08 -4.62 35.92
CA SER C 789 15.67 -4.47 36.25
C SER C 789 15.53 -3.89 37.66
N SER C 790 16.41 -4.30 38.56
CA SER C 790 16.42 -3.75 39.91
C SER C 790 16.66 -2.25 39.89
N VAL C 791 17.61 -1.80 39.07
CA VAL C 791 17.92 -0.38 38.96
C VAL C 791 16.69 0.38 38.50
N LEU C 792 16.02 -0.14 37.46
CA LEU C 792 14.86 0.55 36.92
C LEU C 792 13.72 0.58 37.93
N THR C 793 13.50 -0.51 38.67
CA THR C 793 12.39 -0.52 39.61
C THR C 793 12.67 0.37 40.82
N VAL C 794 13.92 0.41 41.28
CA VAL C 794 14.21 1.31 42.40
C VAL C 794 14.16 2.76 41.95
N GLY C 795 14.55 3.04 40.71
CA GLY C 795 14.41 4.39 40.19
C GLY C 795 12.95 4.79 40.05
N ASN C 796 12.10 3.85 39.60
CA ASN C 796 10.68 4.14 39.50
C ASN C 796 10.06 4.39 40.86
N LEU C 797 10.46 3.60 41.86
CA LEU C 797 9.99 3.83 43.23
C LEU C 797 10.47 5.18 43.75
N VAL C 798 11.72 5.53 43.49
CA VAL C 798 12.25 6.82 43.92
C VAL C 798 11.48 7.95 43.26
N PHE C 799 11.11 7.79 41.99
CA PHE C 799 10.44 8.88 41.28
C PHE C 799 8.99 9.02 41.74
N THR C 800 8.28 7.91 41.91
CA THR C 800 6.93 8.04 42.46
C THR C 800 6.96 8.58 43.88
N GLY C 801 8.00 8.24 44.64
CA GLY C 801 8.14 8.81 45.97
C GLY C 801 8.39 10.30 45.96
N ILE C 802 9.27 10.76 45.06
CA ILE C 802 9.54 12.20 45.00
C ILE C 802 8.32 12.95 44.50
N PHE C 803 7.52 12.33 43.62
CA PHE C 803 6.31 13.00 43.17
C PHE C 803 5.26 13.06 44.27
N THR C 804 5.12 11.99 45.07
CA THR C 804 4.23 12.06 46.21
C THR C 804 4.71 13.09 47.22
N ALA C 805 6.02 13.15 47.44
CA ALA C 805 6.58 14.13 48.37
C ALA C 805 6.31 15.56 47.91
N GLU C 806 6.54 15.83 46.61
CA GLU C 806 6.28 17.18 46.15
C GLU C 806 4.79 17.49 46.15
N MET C 807 3.92 16.50 45.91
CA MET C 807 2.50 16.75 46.02
C MET C 807 2.10 17.13 47.44
N VAL C 808 2.59 16.37 48.43
CA VAL C 808 2.20 16.68 49.81
C VAL C 808 2.84 17.99 50.25
N LEU C 809 3.96 18.37 49.65
CA LEU C 809 4.53 19.69 49.91
C LEU C 809 3.74 20.82 49.27
N LYS C 810 3.11 20.58 48.12
CA LYS C 810 2.29 21.59 47.47
C LYS C 810 0.84 21.59 47.95
N ILE C 811 0.44 20.63 48.79
CA ILE C 811 -0.90 20.66 49.34
C ILE C 811 -0.85 21.12 50.79
N ILE C 812 0.30 21.64 51.22
CA ILE C 812 0.43 22.21 52.55
C ILE C 812 0.97 23.62 52.43
N ALA C 813 0.88 24.19 51.23
CA ALA C 813 1.26 25.58 51.02
C ALA C 813 0.19 26.28 50.20
N MET C 814 -0.75 25.52 49.65
CA MET C 814 -1.88 26.07 48.92
C MET C 814 -3.18 25.41 49.39
N ASP C 815 -3.13 24.76 50.56
CA ASP C 815 -4.26 24.13 51.23
C ASP C 815 -4.70 22.86 50.50
N PRO C 816 -5.22 21.86 51.23
CA PRO C 816 -5.52 20.57 50.60
C PRO C 816 -6.49 20.61 49.43
N TYR C 817 -7.52 21.45 49.50
CA TYR C 817 -8.56 21.41 48.48
C TYR C 817 -8.71 22.76 47.78
N TYR C 818 -7.92 23.75 48.17
CA TYR C 818 -7.69 24.90 47.31
C TYR C 818 -6.64 24.61 46.25
N TYR C 819 -5.89 23.53 46.41
CA TYR C 819 -4.84 23.14 45.47
C TYR C 819 -5.42 22.57 44.18
N PHE C 820 -6.59 21.94 44.26
CA PHE C 820 -7.22 21.33 43.07
C PHE C 820 -8.04 22.35 42.29
N GLN C 821 -7.42 23.46 41.93
CA GLN C 821 -8.10 24.51 41.16
C GLN C 821 -7.33 25.00 39.95
N GLU C 822 -6.02 24.82 39.89
CA GLU C 822 -5.26 25.22 38.71
C GLU C 822 -5.50 24.30 37.52
N GLY C 823 -5.97 23.09 37.76
CA GLY C 823 -6.14 22.12 36.69
C GLY C 823 -4.94 21.23 36.50
N TRP C 824 -3.76 21.83 36.33
CA TRP C 824 -2.53 21.05 36.28
C TRP C 824 -2.32 20.27 37.57
N ASN C 825 -2.71 20.87 38.70
CA ASN C 825 -2.61 20.17 39.97
C ASN C 825 -3.55 18.97 40.03
N ILE C 826 -4.74 19.09 39.45
CA ILE C 826 -5.66 17.96 39.39
C ILE C 826 -5.04 16.82 38.60
N PHE C 827 -4.46 17.14 37.44
CA PHE C 827 -3.82 16.13 36.62
C PHE C 827 -2.67 15.47 37.35
N ASP C 828 -1.85 16.28 38.03
CA ASP C 828 -0.73 15.74 38.79
C ASP C 828 -1.22 14.81 39.90
N GLY C 829 -2.27 15.20 40.61
CA GLY C 829 -2.82 14.34 41.65
C GLY C 829 -3.32 13.03 41.09
N ILE C 830 -4.04 13.08 39.96
CA ILE C 830 -4.57 11.85 39.36
C ILE C 830 -3.44 10.91 38.98
N ILE C 831 -2.40 11.45 38.33
CA ILE C 831 -1.33 10.59 37.84
C ILE C 831 -0.49 10.04 38.99
N VAL C 832 -0.22 10.85 40.02
CA VAL C 832 0.54 10.34 41.15
C VAL C 832 -0.27 9.29 41.91
N SER C 833 -1.59 9.49 42.02
CA SER C 833 -2.43 8.50 42.66
C SER C 833 -2.44 7.19 41.88
N LEU C 834 -2.46 7.29 40.54
CA LEU C 834 -2.39 6.08 39.73
C LEU C 834 -1.06 5.35 39.94
N SER C 835 0.04 6.10 40.00
CA SER C 835 1.33 5.47 40.25
C SER C 835 1.38 4.80 41.62
N LEU C 836 0.84 5.47 42.64
CA LEU C 836 0.81 4.90 43.98
C LEU C 836 -0.05 3.64 44.02
N MET C 837 -1.19 3.66 43.33
CA MET C 837 -2.03 2.47 43.25
C MET C 837 -1.29 1.33 42.58
N GLU C 838 -0.58 1.62 41.49
CA GLU C 838 0.15 0.57 40.79
C GLU C 838 1.23 -0.04 41.68
N LEU C 839 1.97 0.80 42.41
CA LEU C 839 3.00 0.25 43.28
C LEU C 839 2.36 -0.53 44.45
N GLY C 840 1.22 -0.06 44.94
CA GLY C 840 0.57 -0.74 46.04
C GLY C 840 0.05 -2.12 45.68
N LEU C 841 -0.59 -2.25 44.52
CA LEU C 841 -1.19 -3.53 44.17
C LEU C 841 -0.11 -4.53 43.74
N SER C 842 0.57 -4.25 42.63
CA SER C 842 1.64 -5.10 42.10
C SER C 842 1.18 -6.55 41.91
N ASN C 843 -0.13 -6.80 41.93
CA ASN C 843 -0.64 -8.16 41.87
C ASN C 843 -1.88 -8.29 41.00
N VAL C 844 -2.32 -7.24 40.32
CA VAL C 844 -3.51 -7.31 39.48
C VAL C 844 -3.12 -7.97 38.16
N GLU C 845 -3.93 -8.89 37.69
CA GLU C 845 -3.67 -9.60 36.45
C GLU C 845 -4.42 -8.95 35.29
N GLY C 846 -3.68 -8.67 34.22
CA GLY C 846 -4.26 -8.07 33.04
C GLY C 846 -4.34 -6.56 33.10
N LEU C 847 -4.13 -5.98 34.29
CA LEU C 847 -4.29 -4.55 34.49
C LEU C 847 -3.04 -3.90 35.06
N SER C 848 -1.93 -4.64 35.17
CA SER C 848 -0.65 -4.00 35.52
C SER C 848 -0.19 -3.04 34.43
N VAL C 849 -0.75 -3.17 33.22
CA VAL C 849 -0.43 -2.27 32.12
C VAL C 849 -0.85 -0.85 32.43
N LEU C 850 -1.77 -0.66 33.38
CA LEU C 850 -2.11 0.67 33.85
C LEU C 850 -0.89 1.42 34.37
N ARG C 851 0.13 0.67 34.79
CA ARG C 851 1.46 1.20 35.10
C ARG C 851 1.87 2.28 34.10
N SER C 852 1.62 2.02 32.80
CA SER C 852 2.08 2.93 31.75
C SER C 852 1.53 4.34 31.90
N PHE C 853 0.44 4.52 32.65
CA PHE C 853 -0.10 5.86 32.83
C PHE C 853 0.86 6.78 33.57
N ARG C 854 1.88 6.23 34.23
CA ARG C 854 2.89 7.09 34.84
C ARG C 854 3.61 7.92 33.79
N LEU C 855 3.67 7.45 32.54
CA LEU C 855 4.25 8.24 31.47
C LEU C 855 3.51 9.54 31.22
N LEU C 856 2.27 9.64 31.71
CA LEU C 856 1.56 10.91 31.61
C LEU C 856 2.30 12.03 32.31
N ARG C 857 3.20 11.71 33.25
CA ARG C 857 4.03 12.73 33.88
C ARG C 857 4.84 13.51 32.85
N VAL C 858 5.14 12.90 31.70
CA VAL C 858 5.86 13.60 30.65
C VAL C 858 5.10 14.85 30.23
N PHE C 859 3.78 14.79 30.23
CA PHE C 859 2.97 15.93 29.81
C PHE C 859 3.11 17.12 30.73
N LYS C 860 3.68 16.95 31.93
CA LYS C 860 3.96 18.11 32.77
C LYS C 860 4.94 19.06 32.09
N LEU C 861 5.75 18.56 31.15
CA LEU C 861 6.62 19.43 30.38
C LEU C 861 5.84 20.45 29.57
N ALA C 862 4.53 20.23 29.38
CA ALA C 862 3.69 21.22 28.73
C ALA C 862 3.69 22.54 29.49
N LYS C 863 4.01 22.53 30.78
CA LYS C 863 4.06 23.79 31.52
C LYS C 863 5.11 24.72 30.94
N SER C 864 6.25 24.18 30.52
CA SER C 864 7.33 24.95 29.91
C SER C 864 7.31 24.88 28.39
N TRP C 865 7.14 23.70 27.82
CA TRP C 865 7.19 23.52 26.38
C TRP C 865 6.00 24.18 25.71
N PRO C 866 6.19 25.10 24.76
CA PRO C 866 5.04 25.72 24.09
C PRO C 866 4.42 24.83 23.01
N THR C 867 5.24 24.06 22.29
CA THR C 867 4.72 23.29 21.17
C THR C 867 3.94 22.07 21.65
N LEU C 868 4.46 21.37 22.66
CA LEU C 868 3.67 20.29 23.23
C LEU C 868 2.42 20.83 23.91
N ASN C 869 2.49 22.06 24.41
CA ASN C 869 1.28 22.73 24.90
C ASN C 869 0.28 22.94 23.77
N MET C 870 0.78 23.28 22.58
CA MET C 870 -0.11 23.38 21.41
C MET C 870 -0.72 22.03 21.08
N LEU C 871 0.06 20.95 21.21
CA LEU C 871 -0.48 19.62 20.99
C LEU C 871 -1.60 19.31 21.97
N ILE C 872 -1.39 19.65 23.25
CA ILE C 872 -2.42 19.41 24.26
C ILE C 872 -3.65 20.28 23.96
N LYS C 873 -3.44 21.49 23.46
CA LYS C 873 -4.55 22.34 23.06
C LYS C 873 -5.34 21.69 21.92
N ILE C 874 -4.65 21.09 20.96
CA ILE C 874 -5.33 20.40 19.86
C ILE C 874 -6.13 19.22 20.40
N ILE C 875 -5.56 18.46 21.33
CA ILE C 875 -6.31 17.35 21.92
C ILE C 875 -7.56 17.85 22.63
N GLY C 876 -7.43 18.94 23.39
CA GLY C 876 -8.59 19.50 24.08
C GLY C 876 -9.65 19.98 23.11
N ASN C 877 -9.23 20.63 22.03
CA ASN C 877 -10.19 21.04 21.00
C ASN C 877 -10.87 19.83 20.36
N SER C 878 -10.14 18.72 20.21
CA SER C 878 -10.74 17.50 19.70
C SER C 878 -11.80 16.96 20.64
N VAL C 879 -11.54 17.02 21.96
CA VAL C 879 -12.50 16.56 22.95
C VAL C 879 -13.50 17.65 23.35
N GLY C 880 -13.15 18.92 23.17
CA GLY C 880 -13.95 20.01 23.66
C GLY C 880 -14.83 20.67 22.63
N ALA C 881 -14.38 21.80 22.09
CA ALA C 881 -15.22 22.61 21.20
C ALA C 881 -15.72 21.80 20.01
N LEU C 882 -14.84 21.04 19.37
CA LEU C 882 -15.20 20.22 18.22
C LEU C 882 -15.60 18.81 18.62
N GLY C 883 -15.75 18.55 19.92
CA GLY C 883 -16.07 17.20 20.36
C GLY C 883 -17.32 16.65 19.72
N ASN C 884 -18.35 17.48 19.59
CA ASN C 884 -19.56 17.08 18.87
C ASN C 884 -19.21 16.42 17.55
N LEU C 885 -18.42 17.11 16.72
CA LEU C 885 -18.01 16.54 15.45
C LEU C 885 -17.28 15.22 15.65
N THR C 886 -16.34 15.20 16.60
CA THR C 886 -15.65 13.96 16.93
C THR C 886 -16.66 12.89 17.31
N LEU C 887 -17.63 13.26 18.17
CA LEU C 887 -18.68 12.34 18.55
C LEU C 887 -19.35 11.76 17.31
N VAL C 888 -19.69 12.63 16.35
CA VAL C 888 -20.33 12.17 15.12
C VAL C 888 -19.49 11.08 14.49
N LEU C 889 -18.18 11.34 14.34
CA LEU C 889 -17.27 10.33 13.82
C LEU C 889 -17.51 9.01 14.53
N ALA C 890 -17.30 8.99 15.85
CA ALA C 890 -17.49 7.76 16.60
C ALA C 890 -18.85 7.16 16.31
N ILE C 891 -19.89 7.99 16.42
CA ILE C 891 -21.25 7.49 16.20
C ILE C 891 -21.35 6.88 14.81
N ILE C 892 -20.90 7.62 13.79
CA ILE C 892 -20.96 7.10 12.44
C ILE C 892 -20.20 5.79 12.35
N VAL C 893 -18.98 5.77 12.90
CA VAL C 893 -18.22 4.53 12.89
C VAL C 893 -19.02 3.44 13.57
N PHE C 894 -19.52 3.73 14.76
CA PHE C 894 -20.32 2.76 15.49
C PHE C 894 -21.45 2.26 14.59
N ILE C 895 -22.17 3.21 13.96
CA ILE C 895 -23.28 2.83 13.09
C ILE C 895 -22.79 1.81 12.07
N PHE C 896 -21.79 2.18 11.28
CA PHE C 896 -21.33 1.27 10.25
C PHE C 896 -20.91 -0.05 10.87
N ALA C 897 -20.21 0.02 12.00
CA ALA C 897 -19.84 -1.18 12.73
C ALA C 897 -21.04 -2.10 12.87
N VAL C 898 -22.06 -1.64 13.61
CA VAL C 898 -23.20 -2.52 13.83
C VAL C 898 -23.86 -2.85 12.50
N VAL C 899 -23.98 -1.86 11.62
CA VAL C 899 -24.60 -2.10 10.33
C VAL C 899 -23.87 -3.23 9.63
N GLY C 900 -22.54 -3.16 9.59
CA GLY C 900 -21.78 -4.21 8.95
C GLY C 900 -22.13 -5.56 9.52
N MET C 901 -22.12 -5.67 10.84
CA MET C 901 -22.47 -6.93 11.48
C MET C 901 -23.83 -7.40 11.03
N GLN C 902 -24.84 -6.53 11.14
CA GLN C 902 -26.20 -6.96 10.83
C GLN C 902 -26.33 -7.35 9.38
N LEU C 903 -25.47 -6.83 8.51
CA LEU C 903 -25.58 -7.19 7.11
C LEU C 903 -24.71 -8.39 6.77
N PHE C 904 -23.66 -8.65 7.54
CA PHE C 904 -22.66 -9.64 7.15
C PHE C 904 -22.31 -10.65 8.23
N GLY C 905 -22.53 -10.33 9.51
CA GLY C 905 -22.10 -11.17 10.60
C GLY C 905 -22.37 -12.65 10.41
N LYS C 906 -23.66 -13.02 10.37
CA LYS C 906 -24.02 -14.42 10.18
C LYS C 906 -23.34 -15.00 8.95
N SER C 907 -23.32 -14.24 7.85
CA SER C 907 -22.65 -14.70 6.64
C SER C 907 -21.20 -15.08 6.93
N TYR C 908 -20.47 -14.18 7.59
CA TYR C 908 -19.06 -14.45 7.89
C TYR C 908 -18.89 -15.71 8.72
N LYS C 909 -19.92 -16.14 9.43
CA LYS C 909 -19.81 -17.36 10.23
C LYS C 909 -20.14 -18.59 9.41
N GLU C 910 -21.07 -18.50 8.46
CA GLU C 910 -21.46 -19.64 7.66
C GLU C 910 -20.68 -19.75 6.36
N CYS C 911 -20.41 -18.62 5.70
CA CYS C 911 -19.66 -18.59 4.46
C CYS C 911 -18.16 -18.57 4.72
N VAL C 912 -17.72 -19.01 5.90
CA VAL C 912 -16.35 -18.75 6.34
C VAL C 912 -15.35 -19.56 5.52
N CYS C 913 -15.59 -20.85 5.33
CA CYS C 913 -14.59 -21.67 4.67
C CYS C 913 -14.50 -21.36 3.18
N LYS C 914 -15.43 -20.55 2.65
CA LYS C 914 -15.25 -20.05 1.30
C LYS C 914 -13.98 -19.21 1.19
N ILE C 915 -13.65 -18.47 2.24
CA ILE C 915 -12.39 -17.72 2.26
C ILE C 915 -11.55 -18.12 3.47
N ASN C 916 -10.82 -19.22 3.34
CA ASN C 916 -9.81 -19.63 4.31
C ASN C 916 -9.22 -20.96 3.85
N ASP C 917 -8.20 -21.45 4.54
CA ASP C 917 -7.71 -22.80 4.33
C ASP C 917 -8.05 -23.74 5.49
N ASP C 918 -8.16 -23.23 6.71
CA ASP C 918 -8.62 -24.00 7.85
C ASP C 918 -10.10 -23.77 8.15
N CYS C 919 -10.79 -23.00 7.33
CA CYS C 919 -12.21 -22.70 7.43
C CYS C 919 -12.59 -22.04 8.77
N THR C 920 -11.61 -21.57 9.54
CA THR C 920 -11.89 -20.71 10.67
C THR C 920 -12.01 -19.27 10.19
N LEU C 921 -12.62 -18.43 11.02
CA LEU C 921 -12.88 -17.06 10.62
C LEU C 921 -11.57 -16.32 10.38
N PRO C 922 -11.51 -15.42 9.40
CA PRO C 922 -10.29 -14.65 9.17
C PRO C 922 -10.05 -13.67 10.31
N ARG C 923 -8.84 -13.10 10.32
CA ARG C 923 -8.48 -12.15 11.36
C ARG C 923 -9.24 -10.85 11.25
N TRP C 924 -9.95 -10.60 10.14
CA TRP C 924 -10.72 -9.37 9.96
C TRP C 924 -12.10 -9.76 9.46
N HIS C 925 -13.03 -9.94 10.40
CA HIS C 925 -14.39 -10.32 10.08
C HIS C 925 -15.37 -9.36 10.73
N MET C 926 -16.67 -9.68 10.67
CA MET C 926 -17.69 -8.86 11.28
C MET C 926 -18.67 -9.69 12.12
N ASN C 927 -18.26 -10.88 12.54
CA ASN C 927 -19.17 -11.76 13.27
C ASN C 927 -19.54 -11.19 14.64
N ASP C 928 -18.60 -10.50 15.29
CA ASP C 928 -18.88 -9.82 16.54
C ASP C 928 -18.69 -8.32 16.33
N PHE C 929 -19.09 -7.54 17.33
CA PHE C 929 -19.10 -6.09 17.14
C PHE C 929 -17.69 -5.53 17.12
N PHE C 930 -16.78 -6.06 17.94
CA PHE C 930 -15.45 -5.48 18.02
C PHE C 930 -14.72 -5.59 16.69
N HIS C 931 -14.78 -6.77 16.06
CA HIS C 931 -14.15 -6.92 14.76
C HIS C 931 -14.83 -6.08 13.70
N SER C 932 -16.15 -5.89 13.81
CA SER C 932 -16.85 -5.02 12.89
C SER C 932 -16.43 -3.56 13.05
N PHE C 933 -16.13 -3.14 14.28
CA PHE C 933 -15.50 -1.86 14.50
C PHE C 933 -14.09 -1.80 13.94
N LEU C 934 -13.33 -2.88 14.10
CA LEU C 934 -11.96 -2.89 13.61
C LEU C 934 -11.91 -2.74 12.10
N ILE C 935 -12.83 -3.42 11.40
CA ILE C 935 -12.85 -3.32 9.93
C ILE C 935 -13.22 -1.90 9.51
N VAL C 936 -14.18 -1.28 10.19
CA VAL C 936 -14.55 0.10 9.86
C VAL C 936 -13.38 1.04 10.12
N PHE C 937 -12.68 0.83 11.24
CA PHE C 937 -11.54 1.66 11.56
C PHE C 937 -10.43 1.49 10.52
N ARG C 938 -10.21 0.26 10.07
CA ARG C 938 -9.22 0.01 9.04
C ARG C 938 -9.61 0.66 7.72
N VAL C 939 -10.91 0.63 7.39
CA VAL C 939 -11.39 1.32 6.20
C VAL C 939 -11.14 2.83 6.32
N LEU C 940 -11.35 3.38 7.51
CA LEU C 940 -11.01 4.78 7.74
C LEU C 940 -9.53 5.02 7.52
N CYS C 941 -8.69 4.10 7.98
CA CYS C 941 -7.25 4.23 7.76
C CYS C 941 -6.91 4.19 6.27
N GLY C 942 -7.56 3.29 5.53
CA GLY C 942 -7.39 3.27 4.09
C GLY C 942 -7.21 1.90 3.49
N GLU C 943 -7.16 0.86 4.33
CA GLU C 943 -6.90 -0.50 3.86
C GLU C 943 -8.23 -1.24 3.75
N TRP C 944 -8.96 -0.96 2.67
CA TRP C 944 -10.33 -1.43 2.53
C TRP C 944 -10.47 -2.62 1.59
N ILE C 945 -9.68 -2.68 0.53
CA ILE C 945 -9.92 -3.65 -0.53
C ILE C 945 -9.68 -5.07 -0.03
N GLU C 946 -8.69 -5.26 0.85
CA GLU C 946 -8.36 -6.62 1.27
C GLU C 946 -9.51 -7.27 2.03
N THR C 947 -10.19 -6.50 2.90
CA THR C 947 -11.36 -7.04 3.57
C THR C 947 -12.61 -6.98 2.71
N MET C 948 -12.66 -6.04 1.77
CA MET C 948 -13.79 -5.96 0.86
C MET C 948 -13.86 -7.19 -0.04
N TRP C 949 -12.72 -7.74 -0.42
CA TRP C 949 -12.72 -9.00 -1.16
C TRP C 949 -13.37 -10.11 -0.35
N ASP C 950 -13.00 -10.21 0.93
CA ASP C 950 -13.59 -11.24 1.78
C ASP C 950 -15.09 -11.05 1.92
N CYS C 951 -15.51 -9.80 2.13
CA CYS C 951 -16.94 -9.50 2.20
C CYS C 951 -17.66 -9.93 0.93
N MET C 952 -17.13 -9.50 -0.22
CA MET C 952 -17.81 -9.75 -1.49
C MET C 952 -17.81 -11.22 -1.85
N GLU C 953 -16.84 -11.99 -1.35
CA GLU C 953 -16.86 -13.43 -1.54
C GLU C 953 -17.78 -14.13 -0.54
N VAL C 954 -18.06 -13.50 0.59
CA VAL C 954 -18.95 -14.10 1.58
C VAL C 954 -20.40 -13.64 1.38
N ALA C 955 -20.63 -12.34 1.32
CA ALA C 955 -21.99 -11.79 1.33
C ALA C 955 -22.37 -11.16 -0.01
N GLY C 956 -21.93 -11.74 -1.11
CA GLY C 956 -22.34 -11.24 -2.41
C GLY C 956 -21.64 -9.95 -2.81
N GLN C 957 -21.81 -9.54 -4.05
CA GLN C 957 -21.10 -8.37 -4.56
C GLN C 957 -21.76 -7.07 -4.11
N THR C 958 -23.02 -6.87 -4.51
CA THR C 958 -23.63 -5.54 -4.41
C THR C 958 -23.72 -5.07 -2.96
N MET C 959 -24.03 -5.98 -2.03
CA MET C 959 -24.18 -5.56 -0.64
C MET C 959 -22.88 -5.00 -0.09
N CYS C 960 -21.78 -5.74 -0.26
CA CYS C 960 -20.50 -5.28 0.28
C CYS C 960 -19.96 -4.09 -0.49
N LEU C 961 -20.17 -4.04 -1.82
CA LEU C 961 -19.83 -2.84 -2.57
C LEU C 961 -20.50 -1.61 -1.98
N ILE C 962 -21.82 -1.67 -1.80
CA ILE C 962 -22.54 -0.51 -1.27
C ILE C 962 -22.05 -0.17 0.11
N VAL C 963 -21.92 -1.17 0.98
CA VAL C 963 -21.54 -0.90 2.37
C VAL C 963 -20.16 -0.26 2.44
N PHE C 964 -19.18 -0.86 1.75
CA PHE C 964 -17.81 -0.37 1.89
C PHE C 964 -17.60 0.95 1.17
N MET C 965 -18.27 1.16 0.03
CA MET C 965 -18.19 2.48 -0.60
C MET C 965 -18.83 3.54 0.28
N LEU C 966 -19.97 3.23 0.91
CA LEU C 966 -20.59 4.17 1.82
C LEU C 966 -19.67 4.51 2.97
N VAL C 967 -19.00 3.51 3.54
CA VAL C 967 -18.06 3.77 4.63
C VAL C 967 -16.91 4.63 4.13
N MET C 968 -16.28 4.24 3.02
CA MET C 968 -15.13 4.99 2.52
C MET C 968 -15.48 6.42 2.14
N VAL C 969 -16.72 6.68 1.76
CA VAL C 969 -17.08 8.07 1.43
C VAL C 969 -17.40 8.82 2.71
N ILE C 970 -18.39 8.34 3.46
CA ILE C 970 -18.89 9.09 4.61
C ILE C 970 -17.82 9.20 5.68
N GLY C 971 -17.20 8.08 6.06
CA GLY C 971 -16.23 8.11 7.14
C GLY C 971 -14.99 8.93 6.82
N ASN C 972 -14.48 8.81 5.60
CA ASN C 972 -13.35 9.65 5.23
C ASN C 972 -13.74 11.13 5.14
N LEU C 973 -14.97 11.43 4.70
CA LEU C 973 -15.39 12.82 4.72
C LEU C 973 -15.42 13.35 6.14
N VAL C 974 -15.90 12.53 7.08
CA VAL C 974 -15.92 12.94 8.48
C VAL C 974 -14.50 13.12 9.02
N VAL C 975 -13.62 12.16 8.73
CA VAL C 975 -12.25 12.20 9.24
C VAL C 975 -11.52 13.41 8.68
N LEU C 976 -11.66 13.65 7.38
CA LEU C 976 -11.02 14.81 6.76
C LEU C 976 -11.59 16.11 7.30
N ASN C 977 -12.91 16.16 7.53
CA ASN C 977 -13.49 17.38 8.10
C ASN C 977 -12.95 17.63 9.50
N LEU C 978 -12.83 16.58 10.31
CA LEU C 978 -12.26 16.73 11.65
C LEU C 978 -10.79 17.17 11.57
N PHE C 979 -10.03 16.57 10.66
CA PHE C 979 -8.63 16.93 10.52
C PHE C 979 -8.46 18.38 10.13
N LEU C 980 -9.25 18.85 9.16
CA LEU C 980 -9.15 20.24 8.74
C LEU C 980 -9.72 21.17 9.81
N ALA C 981 -10.69 20.69 10.60
CA ALA C 981 -11.21 21.49 11.71
C ALA C 981 -10.11 21.77 12.72
N LEU C 982 -9.38 20.73 13.12
CA LEU C 982 -8.28 20.93 14.05
C LEU C 982 -7.14 21.71 13.39
N LEU C 983 -6.92 21.52 12.09
CA LEU C 983 -5.86 22.22 11.38
C LEU C 983 -6.11 23.73 11.38
N LEU C 984 -7.33 24.15 11.04
CA LEU C 984 -7.64 25.57 10.96
C LEU C 984 -7.72 26.22 12.34
N SER C 985 -7.68 25.45 13.42
CA SER C 985 -7.65 25.98 14.77
C SER C 985 -6.24 26.08 15.33
N SER C 986 -5.22 25.90 14.48
CA SER C 986 -3.84 25.97 14.94
C SER C 986 -3.50 27.37 15.44
N PHE C 987 -3.93 28.40 14.73
CA PHE C 987 -3.63 29.77 15.09
C PHE C 987 -4.82 30.45 15.78
N GLY C 1189 50.17 40.40 -7.51
CA GLY C 1189 49.28 41.34 -8.18
C GLY C 1189 49.46 41.35 -9.68
N LYS C 1190 50.63 40.94 -10.14
CA LYS C 1190 50.93 40.89 -11.57
C LYS C 1190 50.42 39.59 -12.20
N ILE C 1191 50.47 38.48 -11.46
CA ILE C 1191 49.97 37.21 -11.94
C ILE C 1191 48.79 36.71 -11.10
N TRP C 1192 48.80 36.99 -9.79
CA TRP C 1192 47.78 36.45 -8.91
C TRP C 1192 46.39 36.91 -9.32
N TRP C 1193 46.15 38.22 -9.26
CA TRP C 1193 44.86 38.76 -9.68
C TRP C 1193 44.63 38.55 -11.18
N ASN C 1194 45.70 38.67 -11.97
CA ASN C 1194 45.56 38.55 -13.42
C ASN C 1194 45.10 37.17 -13.83
N LEU C 1195 45.68 36.12 -13.21
CA LEU C 1195 45.24 34.77 -13.49
C LEU C 1195 43.91 34.45 -12.80
N ARG C 1196 43.67 35.06 -11.63
CA ARG C 1196 42.44 34.83 -10.91
C ARG C 1196 41.23 35.30 -11.71
N LYS C 1197 41.34 36.46 -12.35
CA LYS C 1197 40.24 36.94 -13.18
C LYS C 1197 39.98 36.01 -14.36
N THR C 1198 41.04 35.50 -14.98
CA THR C 1198 40.86 34.60 -16.12
C THR C 1198 40.18 33.30 -15.71
N CYS C 1199 40.65 32.69 -14.62
CA CYS C 1199 40.03 31.45 -14.17
C CYS C 1199 38.61 31.68 -13.66
N TYR C 1200 38.34 32.86 -13.08
CA TYR C 1200 36.96 33.20 -12.72
C TYR C 1200 36.09 33.28 -13.96
N SER C 1201 36.59 33.91 -15.02
CA SER C 1201 35.83 33.97 -16.26
C SER C 1201 35.62 32.59 -16.84
N ILE C 1202 36.57 31.68 -16.64
CA ILE C 1202 36.39 30.31 -17.10
C ILE C 1202 35.30 29.60 -16.31
N VAL C 1203 35.34 29.70 -14.97
CA VAL C 1203 34.40 28.96 -14.15
C VAL C 1203 33.00 29.57 -14.16
N GLU C 1204 32.86 30.84 -14.52
CA GLU C 1204 31.53 31.45 -14.57
C GLU C 1204 30.88 31.34 -15.94
N HIS C 1205 31.64 31.01 -16.98
CA HIS C 1205 31.11 30.99 -18.33
C HIS C 1205 30.06 29.89 -18.49
N ASN C 1206 29.07 30.17 -19.34
CA ASN C 1206 28.01 29.21 -19.59
C ASN C 1206 28.55 27.93 -20.21
N TRP C 1207 29.55 28.04 -21.09
CA TRP C 1207 30.11 26.87 -21.75
C TRP C 1207 30.64 25.87 -20.72
N PHE C 1208 31.49 26.35 -19.81
CA PHE C 1208 32.09 25.47 -18.82
C PHE C 1208 31.04 24.89 -17.88
N GLU C 1209 30.06 25.71 -17.48
CA GLU C 1209 29.01 25.24 -16.60
C GLU C 1209 28.18 24.13 -17.25
N THR C 1210 27.81 24.32 -18.52
CA THR C 1210 27.05 23.29 -19.21
C THR C 1210 27.86 22.03 -19.42
N PHE C 1211 29.16 22.17 -19.73
CA PHE C 1211 30.01 20.99 -19.86
C PHE C 1211 30.10 20.24 -18.54
N ILE C 1212 30.24 20.98 -17.43
CA ILE C 1212 30.28 20.35 -16.13
C ILE C 1212 28.96 19.64 -15.82
N VAL C 1213 27.83 20.26 -16.18
CA VAL C 1213 26.53 19.63 -15.96
C VAL C 1213 26.42 18.33 -16.74
N PHE C 1214 26.88 18.34 -17.99
CA PHE C 1214 26.89 17.13 -18.80
C PHE C 1214 27.76 16.06 -18.15
N MET C 1215 28.92 16.48 -17.61
CA MET C 1215 29.77 15.53 -16.90
C MET C 1215 29.08 14.98 -15.66
N ILE C 1216 28.30 15.82 -14.97
CA ILE C 1216 27.54 15.34 -13.81
C ILE C 1216 26.58 14.26 -14.23
N LEU C 1217 25.83 14.50 -15.31
CA LEU C 1217 24.87 13.52 -15.79
C LEU C 1217 25.56 12.22 -16.20
N LEU C 1218 26.67 12.32 -16.93
CA LEU C 1218 27.37 11.11 -17.36
C LEU C 1218 27.96 10.35 -16.18
N SER C 1219 28.56 11.06 -15.21
CA SER C 1219 29.12 10.40 -14.04
C SER C 1219 28.05 9.74 -13.21
N SER C 1220 26.90 10.40 -13.05
CA SER C 1220 25.79 9.78 -12.32
C SER C 1220 25.28 8.56 -13.06
N GLY C 1221 25.15 8.63 -14.38
CA GLY C 1221 24.71 7.46 -15.13
C GLY C 1221 25.71 6.33 -15.08
N ALA C 1222 26.99 6.64 -14.86
CA ALA C 1222 28.02 5.61 -14.76
C ALA C 1222 27.69 4.58 -13.69
N LEU C 1223 26.98 5.00 -12.64
CA LEU C 1223 26.64 4.07 -11.57
C LEU C 1223 25.50 3.14 -11.96
N ALA C 1224 24.61 3.59 -12.85
CA ALA C 1224 23.42 2.80 -13.17
C ALA C 1224 23.79 1.48 -13.85
N PHE C 1225 24.93 1.42 -14.53
CA PHE C 1225 25.34 0.21 -15.21
C PHE C 1225 26.06 -0.78 -14.30
N GLU C 1226 26.24 -0.44 -13.03
CA GLU C 1226 26.81 -1.39 -12.07
C GLU C 1226 25.67 -2.25 -11.51
N ASP C 1227 25.20 -3.15 -12.36
CA ASP C 1227 24.01 -3.94 -12.09
C ASP C 1227 24.40 -5.21 -11.33
N ILE C 1228 23.45 -6.12 -11.18
CA ILE C 1228 23.79 -7.52 -10.96
C ILE C 1228 24.41 -8.10 -12.21
N TYR C 1229 24.13 -7.50 -13.37
CA TYR C 1229 24.52 -7.98 -14.69
C TYR C 1229 25.84 -7.38 -15.17
N ILE C 1230 26.56 -6.66 -14.30
CA ILE C 1230 27.75 -5.94 -14.75
C ILE C 1230 28.83 -6.89 -15.23
N GLU C 1231 29.04 -8.01 -14.52
CA GLU C 1231 30.15 -8.88 -14.85
C GLU C 1231 29.95 -9.56 -16.20
N GLN C 1232 28.71 -9.70 -16.64
CA GLN C 1232 28.46 -10.36 -17.93
C GLN C 1232 28.84 -9.47 -19.11
N ARG C 1233 29.03 -8.18 -18.89
CA ARG C 1233 29.36 -7.27 -19.99
C ARG C 1233 30.85 -7.28 -20.29
N LYS C 1234 31.68 -6.92 -19.31
CA LYS C 1234 33.13 -6.93 -19.41
C LYS C 1234 33.64 -5.96 -20.48
N THR C 1235 32.74 -5.21 -21.10
CA THR C 1235 33.09 -4.13 -22.00
C THR C 1235 32.62 -2.78 -21.47
N ILE C 1236 31.35 -2.69 -21.06
CA ILE C 1236 30.89 -1.53 -20.32
C ILE C 1236 31.60 -1.46 -18.97
N LYS C 1237 32.00 -2.61 -18.42
CA LYS C 1237 32.65 -2.63 -17.11
C LYS C 1237 33.93 -1.80 -17.13
N THR C 1238 34.91 -2.20 -17.95
CA THR C 1238 36.18 -1.48 -17.98
C THR C 1238 36.04 -0.08 -18.55
N MET C 1239 35.13 0.09 -19.52
CA MET C 1239 34.90 1.43 -20.08
C MET C 1239 34.46 2.40 -18.99
N LEU C 1240 33.50 1.99 -18.16
CA LEU C 1240 33.05 2.87 -17.09
C LEU C 1240 34.07 2.94 -15.96
N GLU C 1241 34.90 1.90 -15.79
CA GLU C 1241 35.98 1.99 -14.83
C GLU C 1241 36.94 3.12 -15.17
N TYR C 1242 37.31 3.24 -16.46
CA TYR C 1242 38.19 4.33 -16.86
C TYR C 1242 37.45 5.66 -16.96
N ALA C 1243 36.15 5.62 -17.30
CA ALA C 1243 35.35 6.84 -17.23
C ALA C 1243 35.31 7.39 -15.83
N ASP C 1244 35.37 6.51 -14.81
CA ASP C 1244 35.44 6.97 -13.44
C ASP C 1244 36.69 7.82 -13.22
N LYS C 1245 37.84 7.36 -13.73
CA LYS C 1245 39.07 8.13 -13.62
C LYS C 1245 38.95 9.46 -14.35
N VAL C 1246 38.38 9.44 -15.56
CA VAL C 1246 38.25 10.68 -16.33
C VAL C 1246 37.37 11.68 -15.59
N PHE C 1247 36.24 11.21 -15.06
CA PHE C 1247 35.32 12.11 -14.37
C PHE C 1247 35.94 12.65 -13.08
N THR C 1248 36.66 11.80 -12.34
CA THR C 1248 37.32 12.28 -11.13
C THR C 1248 38.38 13.33 -11.46
N TYR C 1249 39.11 13.12 -12.56
CA TYR C 1249 40.10 14.11 -12.98
C TYR C 1249 39.44 15.43 -13.34
N ILE C 1250 38.35 15.38 -14.10
CA ILE C 1250 37.63 16.61 -14.45
C ILE C 1250 37.13 17.30 -13.19
N PHE C 1251 36.60 16.51 -12.25
CA PHE C 1251 36.04 17.07 -11.04
C PHE C 1251 37.11 17.74 -10.19
N ILE C 1252 38.27 17.10 -10.06
CA ILE C 1252 39.37 17.68 -9.30
C ILE C 1252 39.85 18.96 -9.97
N LEU C 1253 39.95 18.95 -11.30
CA LEU C 1253 40.42 20.15 -12.00
C LEU C 1253 39.45 21.32 -11.83
N GLU C 1254 38.15 21.06 -11.97
CA GLU C 1254 37.20 22.15 -11.77
C GLU C 1254 37.19 22.61 -10.33
N MET C 1255 37.45 21.71 -9.38
CA MET C 1255 37.61 22.13 -8.00
C MET C 1255 38.82 23.04 -7.83
N LEU C 1256 39.91 22.73 -8.51
CA LEU C 1256 41.11 23.57 -8.42
C LEU C 1256 40.87 24.95 -9.02
N LEU C 1257 40.19 25.01 -10.17
CA LEU C 1257 39.84 26.32 -10.72
C LEU C 1257 38.90 27.09 -9.80
N LYS C 1258 37.94 26.41 -9.17
CA LYS C 1258 37.08 27.10 -8.21
C LYS C 1258 37.90 27.61 -7.03
N TRP C 1259 38.87 26.82 -6.57
CA TRP C 1259 39.75 27.23 -5.49
C TRP C 1259 40.49 28.52 -5.86
N VAL C 1260 41.12 28.53 -7.03
CA VAL C 1260 41.96 29.66 -7.42
C VAL C 1260 41.16 30.85 -7.92
N ALA C 1261 39.87 30.66 -8.22
CA ALA C 1261 39.03 31.78 -8.65
C ALA C 1261 38.27 32.40 -7.49
N TYR C 1262 37.43 31.61 -6.81
CA TYR C 1262 36.62 32.14 -5.73
C TYR C 1262 37.43 32.42 -4.48
N GLY C 1263 38.55 31.73 -4.28
CA GLY C 1263 39.28 31.89 -3.04
C GLY C 1263 38.84 30.90 -1.98
N PHE C 1264 39.78 30.52 -1.13
CA PHE C 1264 39.52 29.46 -0.15
C PHE C 1264 38.40 29.84 0.80
N GLN C 1265 38.42 31.08 1.31
CA GLN C 1265 37.41 31.50 2.28
C GLN C 1265 36.02 31.49 1.67
N THR C 1266 35.88 32.01 0.46
CA THR C 1266 34.57 32.02 -0.19
C THR C 1266 34.17 30.65 -0.70
N TYR C 1267 35.14 29.78 -1.00
CA TYR C 1267 34.83 28.42 -1.41
C TYR C 1267 34.42 27.55 -0.24
N PHE C 1268 34.83 27.89 0.98
CA PHE C 1268 34.45 27.13 2.16
C PHE C 1268 33.35 27.80 2.97
N THR C 1269 32.92 29.00 2.58
CA THR C 1269 31.72 29.60 3.14
C THR C 1269 30.47 29.20 2.38
N ASN C 1270 30.62 28.46 1.29
CA ASN C 1270 29.51 28.02 0.45
C ASN C 1270 29.18 26.57 0.78
N ALA C 1271 27.91 26.30 1.12
CA ALA C 1271 27.49 24.94 1.43
C ALA C 1271 27.62 24.03 0.22
N TRP C 1272 27.19 24.51 -0.95
CA TRP C 1272 27.27 23.69 -2.16
C TRP C 1272 28.71 23.38 -2.51
N CYS C 1273 29.59 24.38 -2.46
CA CYS C 1273 30.99 24.15 -2.76
C CYS C 1273 31.64 23.23 -1.74
N TRP C 1274 31.24 23.35 -0.47
CA TRP C 1274 31.78 22.48 0.57
C TRP C 1274 31.36 21.03 0.35
N LEU C 1275 30.10 20.82 -0.03
CA LEU C 1275 29.62 19.47 -0.34
C LEU C 1275 30.35 18.90 -1.56
N ASP C 1276 30.53 19.72 -2.60
CA ASP C 1276 31.26 19.28 -3.78
C ASP C 1276 32.70 18.92 -3.41
N PHE C 1277 33.34 19.71 -2.55
CA PHE C 1277 34.69 19.40 -2.12
C PHE C 1277 34.72 18.08 -1.35
N LEU C 1278 33.70 17.82 -0.53
CA LEU C 1278 33.67 16.55 0.20
C LEU C 1278 33.54 15.37 -0.76
N ILE C 1279 32.69 15.50 -1.78
CA ILE C 1279 32.53 14.39 -2.73
C ILE C 1279 33.80 14.20 -3.54
N VAL C 1280 34.45 15.29 -3.94
CA VAL C 1280 35.72 15.18 -4.64
C VAL C 1280 36.76 14.54 -3.72
N ASP C 1281 36.70 14.84 -2.42
CA ASP C 1281 37.62 14.24 -1.46
C ASP C 1281 37.44 12.73 -1.39
N VAL C 1282 36.19 12.28 -1.32
CA VAL C 1282 35.98 10.83 -1.22
C VAL C 1282 36.38 10.15 -2.54
N SER C 1283 36.11 10.80 -3.67
CA SER C 1283 36.55 10.25 -4.94
C SER C 1283 38.07 10.15 -5.02
N LEU C 1284 38.76 11.20 -4.58
CA LEU C 1284 40.23 11.20 -4.61
C LEU C 1284 40.79 10.14 -3.66
N VAL C 1285 40.15 9.96 -2.50
CA VAL C 1285 40.58 8.90 -1.59
C VAL C 1285 40.41 7.54 -2.25
N SER C 1286 39.29 7.35 -2.96
CA SER C 1286 39.10 6.08 -3.67
C SER C 1286 40.17 5.86 -4.73
N LEU C 1287 40.53 6.91 -5.47
CA LEU C 1287 41.59 6.79 -6.48
C LEU C 1287 42.93 6.47 -5.84
N VAL C 1288 43.27 7.13 -4.73
CA VAL C 1288 44.50 6.79 -4.03
C VAL C 1288 44.47 5.34 -3.58
N ALA C 1289 43.32 4.88 -3.11
CA ALA C 1289 43.21 3.52 -2.59
C ALA C 1289 43.44 2.49 -3.68
N ASN C 1290 42.76 2.63 -4.82
CA ASN C 1290 42.91 1.58 -5.83
C ASN C 1290 44.17 1.76 -6.67
N ALA C 1291 44.78 2.94 -6.65
CA ALA C 1291 46.10 3.07 -7.26
C ALA C 1291 47.16 2.39 -6.41
N LEU C 1292 47.11 2.62 -5.08
CA LEU C 1292 48.06 1.97 -4.20
C LEU C 1292 47.70 0.51 -3.96
N GLY C 1293 46.42 0.14 -4.03
CA GLY C 1293 46.02 -1.24 -3.94
C GLY C 1293 45.22 -1.66 -2.73
N TYR C 1294 44.80 -0.74 -1.86
CA TYR C 1294 43.82 -1.11 -0.84
C TYR C 1294 42.39 -1.02 -1.38
N SER C 1295 42.10 -1.78 -2.43
CA SER C 1295 40.75 -1.83 -2.97
C SER C 1295 39.88 -2.82 -2.21
N GLU C 1296 40.38 -4.05 -2.00
CA GLU C 1296 39.63 -5.10 -1.33
C GLU C 1296 39.87 -5.08 0.18
N LEU C 1297 39.65 -3.92 0.79
CA LEU C 1297 39.73 -3.76 2.24
C LEU C 1297 38.34 -3.43 2.77
N GLY C 1298 37.99 -4.04 3.90
CA GLY C 1298 36.62 -3.96 4.38
C GLY C 1298 36.13 -2.55 4.61
N ALA C 1299 37.00 -1.66 5.08
CA ALA C 1299 36.62 -0.28 5.29
C ALA C 1299 36.65 0.54 3.99
N ILE C 1300 37.66 0.32 3.14
CA ILE C 1300 37.74 1.07 1.90
C ILE C 1300 36.65 0.63 0.93
N LYS C 1301 36.42 -0.68 0.83
CA LYS C 1301 35.36 -1.17 -0.05
C LYS C 1301 34.00 -0.70 0.42
N SER C 1302 33.78 -0.66 1.73
CA SER C 1302 32.53 -0.10 2.26
C SER C 1302 32.42 1.39 1.94
N LEU C 1303 33.56 2.08 1.86
CA LEU C 1303 33.57 3.49 1.48
C LEU C 1303 33.32 3.66 -0.02
N ARG C 1304 33.63 2.63 -0.82
CA ARG C 1304 33.37 2.67 -2.25
C ARG C 1304 31.89 2.86 -2.55
N THR C 1305 31.01 2.34 -1.69
CA THR C 1305 29.58 2.51 -1.87
C THR C 1305 29.14 3.96 -1.73
N LEU C 1306 30.00 4.84 -1.21
CA LEU C 1306 29.68 6.26 -1.14
C LEU C 1306 29.67 6.92 -2.51
N ARG C 1307 30.09 6.20 -3.56
CA ARG C 1307 30.00 6.74 -4.91
C ARG C 1307 28.57 7.10 -5.28
N ALA C 1308 27.60 6.47 -4.62
CA ALA C 1308 26.19 6.78 -4.88
C ALA C 1308 25.86 8.23 -4.59
N LEU C 1309 26.70 8.92 -3.82
CA LEU C 1309 26.47 10.33 -3.54
C LEU C 1309 26.95 11.23 -4.66
N ARG C 1310 27.59 10.68 -5.69
CA ARG C 1310 28.05 11.51 -6.80
C ARG C 1310 26.94 12.32 -7.47
N PRO C 1311 25.73 11.79 -7.70
CA PRO C 1311 24.67 12.64 -8.27
C PRO C 1311 24.28 13.80 -7.38
N LEU C 1312 24.61 13.77 -6.08
CA LEU C 1312 24.17 14.83 -5.18
C LEU C 1312 24.70 16.20 -5.59
N ARG C 1313 25.87 16.27 -6.22
CA ARG C 1313 26.39 17.57 -6.61
C ARG C 1313 25.55 18.24 -7.69
N ALA C 1314 24.67 17.49 -8.35
CA ALA C 1314 23.76 18.09 -9.32
C ALA C 1314 22.76 19.04 -8.67
N LEU C 1315 22.66 19.01 -7.34
CA LEU C 1315 21.76 19.92 -6.64
C LEU C 1315 22.11 21.37 -6.92
N SER C 1316 23.40 21.71 -6.86
CA SER C 1316 23.81 23.09 -7.01
C SER C 1316 23.69 23.55 -8.46
N ARG C 1317 24.02 22.69 -9.42
CA ARG C 1317 24.08 23.12 -10.81
C ARG C 1317 22.70 23.37 -11.40
N PHE C 1318 21.70 22.59 -10.99
CA PHE C 1318 20.35 22.78 -11.47
C PHE C 1318 19.63 23.85 -10.66
N GLU C 1319 18.74 24.58 -11.32
CA GLU C 1319 17.98 25.62 -10.62
C GLU C 1319 16.87 25.02 -9.77
N GLY C 1320 16.19 23.99 -10.28
CA GLY C 1320 15.03 23.46 -9.59
C GLY C 1320 15.37 22.83 -8.25
N MET C 1321 16.33 21.90 -8.26
CA MET C 1321 16.77 21.31 -6.99
C MET C 1321 17.34 22.38 -6.06
N ARG C 1322 18.07 23.35 -6.61
CA ARG C 1322 18.64 24.39 -5.77
C ARG C 1322 17.53 25.13 -5.00
N VAL C 1323 16.50 25.60 -5.71
CA VAL C 1323 15.47 26.38 -5.03
C VAL C 1323 14.65 25.49 -4.10
N VAL C 1324 14.37 24.26 -4.49
CA VAL C 1324 13.53 23.41 -3.65
C VAL C 1324 14.27 23.02 -2.37
N VAL C 1325 15.55 22.67 -2.49
CA VAL C 1325 16.34 22.35 -1.30
C VAL C 1325 16.52 23.58 -0.43
N ASN C 1326 16.65 24.77 -1.04
CA ASN C 1326 16.70 25.99 -0.27
C ASN C 1326 15.43 26.15 0.57
N ALA C 1327 14.27 25.94 -0.05
CA ALA C 1327 13.01 26.05 0.69
C ALA C 1327 12.93 25.03 1.81
N LEU C 1328 13.27 23.78 1.52
CA LEU C 1328 13.16 22.72 2.51
C LEU C 1328 14.09 22.97 3.69
N VAL C 1329 15.36 23.27 3.43
CA VAL C 1329 16.30 23.50 4.51
C VAL C 1329 16.13 24.87 5.15
N GLY C 1330 15.32 25.75 4.56
CA GLY C 1330 14.92 26.94 5.29
C GLY C 1330 13.77 26.68 6.24
N ALA C 1331 12.87 25.77 5.87
CA ALA C 1331 11.75 25.42 6.73
C ALA C 1331 12.11 24.32 7.73
N ILE C 1332 13.30 23.73 7.64
CA ILE C 1332 13.69 22.61 8.49
C ILE C 1332 13.78 22.92 9.99
N PRO C 1333 13.99 24.17 10.46
CA PRO C 1333 14.02 24.36 11.92
C PRO C 1333 12.68 24.06 12.61
N SER C 1334 11.59 24.64 12.12
CA SER C 1334 10.28 24.36 12.72
C SER C 1334 9.90 22.90 12.55
N ILE C 1335 10.26 22.31 11.41
CA ILE C 1335 10.06 20.88 11.20
C ILE C 1335 10.81 20.08 12.27
N MET C 1336 12.03 20.51 12.60
CA MET C 1336 12.81 19.81 13.62
C MET C 1336 12.18 19.96 15.00
N ASN C 1337 11.65 21.14 15.32
CA ASN C 1337 10.96 21.32 16.59
C ASN C 1337 9.74 20.41 16.70
N VAL C 1338 8.94 20.37 15.64
CA VAL C 1338 7.76 19.51 15.64
C VAL C 1338 8.18 18.05 15.69
N LEU C 1339 9.30 17.72 15.04
CA LEU C 1339 9.81 16.35 15.11
C LEU C 1339 10.26 16.01 16.53
N LEU C 1340 10.82 16.98 17.24
CA LEU C 1340 11.15 16.74 18.64
C LEU C 1340 9.89 16.41 19.45
N VAL C 1341 8.83 17.18 19.22
CA VAL C 1341 7.56 16.89 19.89
C VAL C 1341 7.06 15.49 19.51
N CYS C 1342 7.15 15.15 18.23
CA CYS C 1342 6.63 13.86 17.76
C CYS C 1342 7.42 12.70 18.34
N LEU C 1343 8.75 12.81 18.41
CA LEU C 1343 9.52 11.76 19.06
C LEU C 1343 9.28 11.72 20.56
N ILE C 1344 8.96 12.85 21.21
CA ILE C 1344 8.58 12.78 22.62
C ILE C 1344 7.30 11.99 22.79
N PHE C 1345 6.29 12.28 21.96
CA PHE C 1345 4.99 11.65 22.14
C PHE C 1345 5.03 10.18 21.71
N TRP C 1346 5.74 9.89 20.61
CA TRP C 1346 6.00 8.51 20.24
C TRP C 1346 6.91 7.80 21.22
N LEU C 1347 7.74 8.53 21.98
CA LEU C 1347 8.48 7.92 23.07
C LEU C 1347 7.53 7.46 24.15
N ILE C 1348 6.53 8.28 24.46
CA ILE C 1348 5.49 7.87 25.40
C ILE C 1348 4.81 6.60 24.90
N PHE C 1349 4.38 6.61 23.63
CA PHE C 1349 3.69 5.44 23.10
C PHE C 1349 4.59 4.22 22.96
N SER C 1350 5.86 4.43 22.66
CA SER C 1350 6.77 3.31 22.48
C SER C 1350 7.15 2.68 23.81
N ILE C 1351 7.31 3.48 24.87
CA ILE C 1351 7.55 2.90 26.18
C ILE C 1351 6.32 2.19 26.69
N MET C 1352 5.13 2.75 26.41
CA MET C 1352 3.90 2.02 26.69
C MET C 1352 3.88 0.69 25.94
N GLY C 1353 4.29 0.70 24.68
CA GLY C 1353 4.34 -0.54 23.90
C GLY C 1353 5.36 -1.52 24.43
N VAL C 1354 6.49 -1.03 24.93
CA VAL C 1354 7.47 -1.91 25.55
C VAL C 1354 6.89 -2.57 26.78
N ASN C 1355 6.18 -1.80 27.62
CA ASN C 1355 5.52 -2.39 28.77
C ASN C 1355 4.48 -3.43 28.33
N LEU C 1356 3.72 -3.11 27.29
CA LEU C 1356 2.62 -3.98 26.89
C LEU C 1356 3.10 -5.25 26.19
N PHE C 1357 4.23 -5.17 25.48
CA PHE C 1357 4.70 -6.24 24.59
C PHE C 1357 6.21 -6.43 24.71
N ALA C 1358 6.73 -6.52 25.93
CA ALA C 1358 8.17 -6.63 26.13
C ALA C 1358 8.64 -8.01 25.66
N GLY C 1359 9.04 -8.11 24.41
CA GLY C 1359 9.61 -9.35 23.91
C GLY C 1359 8.70 -10.54 23.98
N LYS C 1360 7.39 -10.33 23.99
CA LYS C 1360 6.43 -11.42 24.05
C LYS C 1360 6.05 -11.94 22.67
N PHE C 1361 6.72 -11.45 21.62
CA PHE C 1361 6.41 -11.81 20.25
C PHE C 1361 7.07 -13.11 19.81
N TYR C 1362 8.00 -13.64 20.60
CA TYR C 1362 8.76 -14.82 20.22
C TYR C 1362 7.82 -16.03 20.08
N HIS C 1363 7.64 -16.52 18.86
CA HIS C 1363 6.73 -17.62 18.58
C HIS C 1363 7.46 -18.75 17.86
N CYS C 1364 7.12 -19.98 18.21
CA CYS C 1364 7.75 -21.14 17.57
C CYS C 1364 7.25 -21.30 16.15
N VAL C 1365 8.06 -21.89 15.29
CA VAL C 1365 7.62 -22.11 13.90
C VAL C 1365 8.12 -23.48 13.46
N ASN C 1366 7.30 -24.29 12.80
CA ASN C 1366 7.65 -25.64 12.30
C ASN C 1366 8.55 -25.55 11.07
N MET C 1367 9.85 -25.74 11.22
CA MET C 1367 10.84 -25.40 10.16
C MET C 1367 10.73 -26.33 8.93
N THR C 1368 9.67 -27.14 8.79
CA THR C 1368 9.37 -27.73 7.49
C THR C 1368 8.26 -27.02 6.75
N THR C 1369 7.51 -26.13 7.40
CA THR C 1369 6.44 -25.40 6.73
C THR C 1369 6.41 -23.92 7.03
N GLY C 1370 7.19 -23.43 7.99
CA GLY C 1370 7.15 -22.02 8.34
C GLY C 1370 5.84 -21.55 8.92
N ASN C 1371 5.27 -22.31 9.84
CA ASN C 1371 3.99 -21.98 10.44
C ASN C 1371 4.08 -22.06 11.96
N MET C 1372 3.19 -21.33 12.62
CA MET C 1372 3.10 -21.35 14.07
C MET C 1372 2.65 -22.72 14.56
N PHE C 1373 3.06 -23.07 15.78
CA PHE C 1373 2.55 -24.26 16.43
C PHE C 1373 1.19 -24.01 17.05
N ASP C 1374 0.47 -25.11 17.29
CA ASP C 1374 -0.72 -25.07 18.11
C ASP C 1374 -0.32 -24.97 19.58
N ILE C 1375 -1.20 -24.37 20.38
CA ILE C 1375 -0.94 -24.28 21.82
C ILE C 1375 -0.84 -25.68 22.43
N SER C 1376 -1.65 -26.62 21.94
CA SER C 1376 -1.65 -27.96 22.54
C SER C 1376 -0.31 -28.65 22.37
N ASP C 1377 0.28 -28.57 21.18
CA ASP C 1377 1.51 -29.30 20.93
C ASP C 1377 2.71 -28.64 21.61
N VAL C 1378 2.80 -27.31 21.54
CA VAL C 1378 3.86 -26.55 22.20
C VAL C 1378 3.23 -25.35 22.89
N ASN C 1379 3.62 -25.12 24.14
CA ASN C 1379 2.98 -24.12 24.99
C ASN C 1379 3.88 -22.94 25.33
N ASN C 1380 5.17 -23.16 25.55
CA ASN C 1380 6.04 -22.13 26.08
C ASN C 1380 7.46 -22.36 25.58
N LEU C 1381 8.42 -21.71 26.25
CA LEU C 1381 9.81 -21.80 25.81
C LEU C 1381 10.41 -23.17 26.10
N SER C 1382 10.03 -23.79 27.23
CA SER C 1382 10.70 -25.01 27.66
C SER C 1382 10.49 -26.15 26.66
N ASP C 1383 9.23 -26.37 26.28
CA ASP C 1383 8.90 -27.46 25.32
C ASP C 1383 9.26 -27.03 23.89
N CYS C 1384 9.41 -25.72 23.63
CA CYS C 1384 9.85 -25.27 22.29
C CYS C 1384 11.33 -25.61 22.11
N GLN C 1385 12.11 -25.55 23.19
CA GLN C 1385 13.54 -25.93 23.13
C GLN C 1385 13.63 -27.46 23.15
N ALA C 1386 12.59 -28.14 23.65
CA ALA C 1386 12.58 -29.62 23.68
C ALA C 1386 11.89 -30.16 22.43
N LEU C 1387 11.61 -29.29 21.45
CA LEU C 1387 11.01 -29.76 20.17
C LEU C 1387 12.13 -29.97 19.14
N GLY C 1388 13.07 -30.86 19.45
CA GLY C 1388 14.18 -31.21 18.54
C GLY C 1388 14.86 -29.97 17.97
N LYS C 1389 14.89 -29.86 16.64
CA LYS C 1389 15.53 -28.70 15.97
C LYS C 1389 14.50 -28.03 15.07
N GLN C 1390 13.36 -28.70 14.84
CA GLN C 1390 12.34 -28.15 13.96
C GLN C 1390 11.65 -26.92 14.53
N ALA C 1391 12.05 -26.46 15.70
CA ALA C 1391 11.50 -25.26 16.31
C ALA C 1391 12.56 -24.17 16.34
N ARG C 1392 12.17 -22.96 15.95
CA ARG C 1392 13.12 -21.86 15.86
C ARG C 1392 13.04 -20.87 17.01
N TRP C 1393 11.90 -20.79 17.70
CA TRP C 1393 11.64 -19.69 18.64
C TRP C 1393 11.87 -18.35 17.95
N LYS C 1394 11.33 -18.25 16.74
CA LYS C 1394 11.56 -17.09 15.87
C LYS C 1394 10.96 -15.83 16.47
N ASN C 1395 11.61 -14.70 16.18
CA ASN C 1395 11.08 -13.40 16.53
C ASN C 1395 10.17 -12.89 15.42
N VAL C 1396 9.80 -11.61 15.47
CA VAL C 1396 9.00 -11.00 14.42
C VAL C 1396 9.83 -10.10 13.51
N LYS C 1397 11.05 -9.75 13.93
CA LYS C 1397 11.99 -8.91 13.19
C LYS C 1397 11.54 -7.46 13.21
N VAL C 1398 10.35 -7.21 13.74
CA VAL C 1398 9.85 -5.87 14.07
C VAL C 1398 9.00 -6.06 15.31
N ASN C 1399 9.41 -5.43 16.41
CA ASN C 1399 8.80 -5.72 17.70
C ASN C 1399 9.01 -4.53 18.62
N PHE C 1400 8.77 -4.75 19.91
CA PHE C 1400 8.83 -3.69 20.92
C PHE C 1400 9.83 -4.03 22.02
N ASP C 1401 10.96 -4.65 21.65
CA ASP C 1401 11.96 -5.02 22.65
C ASP C 1401 12.57 -3.81 23.33
N ASN C 1402 12.53 -2.64 22.70
CA ASN C 1402 13.08 -1.42 23.28
C ASN C 1402 12.53 -0.24 22.48
N VAL C 1403 12.92 0.96 22.89
CA VAL C 1403 12.38 2.17 22.28
C VAL C 1403 12.81 2.30 20.83
N GLY C 1404 13.91 1.66 20.44
CA GLY C 1404 14.32 1.71 19.05
C GLY C 1404 13.39 0.91 18.16
N ALA C 1405 13.30 -0.40 18.43
CA ALA C 1405 12.31 -1.22 17.75
C ALA C 1405 10.91 -0.70 17.97
N GLY C 1406 10.67 -0.04 19.11
CA GLY C 1406 9.39 0.59 19.33
C GLY C 1406 9.11 1.70 18.35
N TYR C 1407 10.10 2.56 18.11
CA TYR C 1407 9.95 3.60 17.09
C TYR C 1407 9.73 2.99 15.72
N LEU C 1408 10.47 1.93 15.40
CA LEU C 1408 10.30 1.31 14.08
C LEU C 1408 8.90 0.76 13.90
N ALA C 1409 8.41 0.02 14.90
CA ALA C 1409 7.07 -0.56 14.81
C ALA C 1409 6.00 0.52 14.77
N LEU C 1410 6.17 1.59 15.57
CA LEU C 1410 5.19 2.66 15.53
C LEU C 1410 5.23 3.41 14.21
N LEU C 1411 6.40 3.52 13.57
CA LEU C 1411 6.45 4.11 12.24
C LEU C 1411 5.71 3.24 11.24
N GLN C 1412 5.88 1.92 11.34
CA GLN C 1412 5.13 1.02 10.46
C GLN C 1412 3.63 1.14 10.68
N VAL C 1413 3.21 1.25 11.94
CA VAL C 1413 1.78 1.36 12.24
C VAL C 1413 1.23 2.69 11.75
N ALA C 1414 1.94 3.78 12.02
CA ALA C 1414 1.44 5.11 11.66
C ALA C 1414 1.43 5.33 10.16
N THR C 1415 2.39 4.75 9.43
CA THR C 1415 2.32 4.80 7.98
C THR C 1415 1.29 3.85 7.41
N PHE C 1416 0.73 2.97 8.23
CA PHE C 1416 -0.31 1.99 7.91
C PHE C 1416 0.17 0.89 6.97
N LYS C 1417 1.43 0.91 6.56
CA LYS C 1417 1.98 -0.10 5.66
C LYS C 1417 3.01 -0.89 6.46
N GLY C 1418 2.55 -1.94 7.12
CA GLY C 1418 3.42 -2.73 7.97
C GLY C 1418 2.75 -3.26 9.21
N TRP C 1419 1.59 -2.69 9.55
CA TRP C 1419 0.92 -3.07 10.79
C TRP C 1419 0.40 -4.50 10.77
N MET C 1420 0.50 -5.23 9.67
CA MET C 1420 -0.08 -6.56 9.57
C MET C 1420 0.45 -7.45 10.68
N ASP C 1421 1.74 -7.80 10.59
CA ASP C 1421 2.31 -8.72 11.56
C ASP C 1421 2.46 -8.08 12.93
N ILE C 1422 2.61 -6.75 12.99
CA ILE C 1422 2.70 -6.08 14.28
C ILE C 1422 1.42 -6.28 15.08
N MET C 1423 0.27 -5.92 14.50
CA MET C 1423 -0.99 -6.14 15.20
C MET C 1423 -1.25 -7.63 15.41
N TYR C 1424 -0.97 -8.48 14.41
CA TYR C 1424 -1.28 -9.88 14.58
C TYR C 1424 -0.50 -10.49 15.74
N ALA C 1425 0.79 -10.17 15.85
CA ALA C 1425 1.59 -10.75 16.93
C ALA C 1425 1.30 -10.09 18.27
N ALA C 1426 1.02 -8.78 18.29
CA ALA C 1426 0.68 -8.13 19.56
C ALA C 1426 -0.61 -8.68 20.12
N VAL C 1427 -1.60 -8.91 19.26
CA VAL C 1427 -2.84 -9.53 19.70
C VAL C 1427 -2.60 -10.98 20.09
N ASP C 1428 -1.72 -11.68 19.36
CA ASP C 1428 -1.33 -13.02 19.75
C ASP C 1428 -0.59 -13.06 21.08
N SER C 1429 -0.08 -11.92 21.54
CA SER C 1429 0.85 -11.91 22.67
C SER C 1429 0.16 -12.34 23.96
N ARG C 1430 0.60 -13.46 24.52
CA ARG C 1430 0.07 -13.95 25.78
C ARG C 1430 0.92 -13.48 26.96
N ASP C 1431 2.19 -13.88 26.99
CA ASP C 1431 3.10 -13.52 28.06
C ASP C 1431 4.51 -13.93 27.64
N VAL C 1432 5.50 -13.49 28.43
CA VAL C 1432 6.89 -13.76 28.09
C VAL C 1432 7.16 -15.25 28.13
N LYS C 1433 7.96 -15.73 27.18
CA LYS C 1433 8.37 -17.13 27.04
C LYS C 1433 7.19 -18.06 26.81
N LEU C 1434 5.99 -17.52 26.63
CA LEU C 1434 4.81 -18.32 26.35
C LEU C 1434 4.45 -18.20 24.87
N GLN C 1435 4.11 -19.32 24.26
CA GLN C 1435 3.78 -19.33 22.84
C GLN C 1435 2.51 -18.52 22.60
N PRO C 1436 2.49 -17.67 21.58
CA PRO C 1436 1.30 -16.85 21.33
C PRO C 1436 0.12 -17.68 20.87
N VAL C 1437 -1.07 -17.13 21.08
CA VAL C 1437 -2.33 -17.80 20.80
C VAL C 1437 -3.16 -16.89 19.91
N TYR C 1438 -3.89 -17.48 18.95
CA TYR C 1438 -4.68 -16.71 18.01
C TYR C 1438 -5.69 -15.84 18.75
N GLU C 1439 -5.47 -14.53 18.71
CA GLU C 1439 -6.40 -13.54 19.27
C GLU C 1439 -6.71 -13.82 20.74
N GLU C 1440 -5.71 -14.31 21.47
CA GLU C 1440 -5.86 -14.49 22.90
C GLU C 1440 -6.08 -13.14 23.59
N ASN C 1441 -5.08 -12.27 23.54
CA ASN C 1441 -5.18 -10.93 24.09
C ASN C 1441 -5.79 -10.00 23.03
N LEU C 1442 -7.04 -10.33 22.68
CA LEU C 1442 -7.67 -9.79 21.48
C LEU C 1442 -7.90 -8.29 21.55
N TYR C 1443 -7.91 -7.70 22.74
CA TYR C 1443 -8.26 -6.29 22.87
C TYR C 1443 -7.07 -5.36 22.71
N MET C 1444 -5.86 -5.89 22.56
CA MET C 1444 -4.71 -5.03 22.34
C MET C 1444 -4.82 -4.22 21.06
N TYR C 1445 -5.70 -4.63 20.14
CA TYR C 1445 -5.98 -3.80 18.97
C TYR C 1445 -6.30 -2.38 19.39
N LEU C 1446 -7.05 -2.22 20.49
CA LEU C 1446 -7.41 -0.90 20.97
C LEU C 1446 -6.18 -0.02 21.11
N TYR C 1447 -5.11 -0.57 21.69
CA TYR C 1447 -3.86 0.18 21.83
C TYR C 1447 -3.46 0.80 20.50
N PHE C 1448 -3.32 -0.04 19.46
CA PHE C 1448 -2.97 0.49 18.16
C PHE C 1448 -4.01 1.50 17.69
N VAL C 1449 -5.30 1.17 17.85
CA VAL C 1449 -6.35 2.12 17.56
C VAL C 1449 -6.05 3.45 18.22
N ILE C 1450 -5.83 3.42 19.54
CA ILE C 1450 -5.54 4.64 20.27
C ILE C 1450 -4.33 5.33 19.66
N PHE C 1451 -3.28 4.56 19.39
CA PHE C 1451 -2.08 5.14 18.79
C PHE C 1451 -2.43 5.82 17.48
N ILE C 1452 -3.17 5.13 16.61
CA ILE C 1452 -3.48 5.70 15.31
C ILE C 1452 -4.31 6.97 15.48
N ILE C 1453 -5.11 7.03 16.54
CA ILE C 1453 -5.86 8.27 16.79
C ILE C 1453 -4.92 9.38 17.24
N PHE C 1454 -3.97 9.05 18.13
CA PHE C 1454 -3.13 10.06 18.75
C PHE C 1454 -1.80 10.23 18.05
N GLY C 1455 -1.01 9.17 17.93
CA GLY C 1455 0.31 9.26 17.36
C GLY C 1455 0.38 9.30 15.86
N SER C 1456 -0.77 9.22 15.17
CA SER C 1456 -0.79 9.28 13.72
C SER C 1456 -1.82 10.25 13.16
N PHE C 1457 -2.87 10.60 13.90
CA PHE C 1457 -3.87 11.55 13.45
C PHE C 1457 -3.73 12.91 14.12
N PHE C 1458 -3.23 12.94 15.36
CA PHE C 1458 -3.00 14.23 16.02
C PHE C 1458 -1.59 14.73 15.79
N THR C 1459 -0.59 13.84 15.87
CA THR C 1459 0.80 14.28 15.66
C THR C 1459 1.00 14.74 14.23
N LEU C 1460 0.51 13.99 13.25
CA LEU C 1460 0.60 14.43 11.87
C LEU C 1460 -0.20 15.70 11.66
N ASN C 1461 -1.28 15.87 12.41
CA ASN C 1461 -2.06 17.11 12.33
C ASN C 1461 -1.24 18.31 12.78
N LEU C 1462 -0.56 18.18 13.92
CA LEU C 1462 0.30 19.27 14.37
C LEU C 1462 1.43 19.52 13.40
N PHE C 1463 2.02 18.44 12.86
CA PHE C 1463 3.10 18.56 11.89
C PHE C 1463 2.64 19.36 10.67
N ILE C 1464 1.49 19.01 10.11
CA ILE C 1464 0.99 19.69 8.93
C ILE C 1464 0.58 21.13 9.26
N GLY C 1465 0.04 21.37 10.47
CA GLY C 1465 -0.33 22.72 10.83
C GLY C 1465 0.87 23.64 10.97
N VAL C 1466 1.92 23.15 11.62
CA VAL C 1466 3.12 23.96 11.77
C VAL C 1466 3.80 24.17 10.43
N ILE C 1467 3.79 23.17 9.54
CA ILE C 1467 4.34 23.40 8.21
C ILE C 1467 3.52 24.43 7.46
N ILE C 1468 2.19 24.41 7.63
CA ILE C 1468 1.34 25.42 7.01
C ILE C 1468 1.72 26.81 7.50
N ASP C 1469 1.88 26.95 8.82
CA ASP C 1469 2.26 28.24 9.39
C ASP C 1469 3.62 28.69 8.89
N ASN C 1470 4.59 27.77 8.87
CA ASN C 1470 5.95 28.12 8.47
C ASN C 1470 6.00 28.55 7.01
N PHE C 1471 5.34 27.79 6.13
CA PHE C 1471 5.31 28.18 4.72
C PHE C 1471 4.54 29.47 4.51
N ASN C 1472 3.45 29.69 5.25
CA ASN C 1472 2.75 30.97 5.16
C ASN C 1472 3.69 32.12 5.47
N GLN C 1473 4.41 32.00 6.59
CA GLN C 1473 5.36 33.03 7.01
C GLN C 1473 6.41 33.23 5.94
N GLN C 1474 6.97 32.13 5.43
CA GLN C 1474 8.05 32.20 4.46
C GLN C 1474 7.63 32.85 3.15
N LYS C 1475 6.48 32.46 2.60
CA LYS C 1475 6.09 33.01 1.30
C LYS C 1475 5.60 34.45 1.44
N LYS C 1476 4.85 34.76 2.51
CA LYS C 1476 4.30 36.10 2.62
C LYS C 1476 5.36 37.09 3.09
N LYS C 1477 5.93 36.87 4.28
CA LYS C 1477 6.79 37.86 4.90
C LYS C 1477 8.19 37.90 4.31
N PHE C 1478 8.94 36.80 4.41
CA PHE C 1478 10.36 36.80 4.08
C PHE C 1478 10.65 35.84 2.92
N GLY C 1479 10.59 36.39 1.72
CA GLY C 1479 10.94 35.63 0.54
C GLY C 1479 9.97 35.88 -0.58
N GLY C 1480 10.20 35.18 -1.68
CA GLY C 1480 9.30 35.27 -2.81
C GLY C 1480 7.94 34.68 -2.50
N GLN C 1481 6.92 35.23 -3.15
CA GLN C 1481 5.55 34.77 -2.93
C GLN C 1481 5.33 33.34 -3.43
N ASP C 1482 6.14 32.86 -4.37
CA ASP C 1482 5.96 31.54 -4.97
C ASP C 1482 7.29 30.79 -4.91
N ILE C 1483 7.45 29.97 -3.87
CA ILE C 1483 8.63 29.13 -3.70
C ILE C 1483 8.52 27.94 -4.63
N PHE C 1484 9.62 27.17 -4.73
CA PHE C 1484 9.73 25.98 -5.58
C PHE C 1484 9.83 26.33 -7.06
N MET C 1485 9.90 27.61 -7.41
CA MET C 1485 10.04 28.01 -8.79
C MET C 1485 11.09 29.10 -8.89
N THR C 1486 11.91 29.03 -9.95
CA THR C 1486 13.00 29.96 -10.15
C THR C 1486 12.50 31.20 -10.88
N GLU C 1487 13.41 32.10 -11.24
CA GLU C 1487 13.01 33.36 -11.87
C GLU C 1487 12.44 33.13 -13.27
N GLU C 1488 13.11 32.31 -14.08
CA GLU C 1488 12.58 31.99 -15.41
C GLU C 1488 11.29 31.20 -15.30
N GLN C 1489 11.21 30.26 -14.35
CA GLN C 1489 9.95 29.59 -14.10
C GLN C 1489 8.89 30.55 -13.60
N LYS C 1490 9.29 31.57 -12.83
CA LYS C 1490 8.35 32.60 -12.41
C LYS C 1490 7.81 33.37 -13.60
N LYS C 1491 8.67 33.68 -14.57
CA LYS C 1491 8.20 34.34 -15.79
C LYS C 1491 7.26 33.45 -16.57
N TYR C 1492 7.57 32.15 -16.66
CA TYR C 1492 6.66 31.20 -17.28
C TYR C 1492 5.30 31.23 -16.59
N TYR C 1493 5.31 31.22 -15.26
CA TYR C 1493 4.07 31.21 -14.49
C TYR C 1493 3.25 32.47 -14.72
N ASN C 1494 3.91 33.63 -14.73
CA ASN C 1494 3.20 34.89 -14.93
C ASN C 1494 2.65 35.00 -16.35
N ALA C 1495 3.43 34.57 -17.35
CA ALA C 1495 2.91 34.55 -18.72
C ALA C 1495 1.74 33.60 -18.85
N MET C 1496 1.79 32.45 -18.18
CA MET C 1496 0.66 31.52 -18.22
C MET C 1496 -0.56 32.09 -17.50
N LYS C 1497 -0.34 32.84 -16.42
CA LYS C 1497 -1.45 33.51 -15.75
C LYS C 1497 -2.11 34.53 -16.67
N LYS C 1498 -1.30 35.31 -17.39
CA LYS C 1498 -1.86 36.25 -18.36
C LYS C 1498 -2.59 35.50 -19.46
N LEU C 1499 -2.05 34.36 -19.90
CA LEU C 1499 -2.65 33.60 -20.99
C LEU C 1499 -3.98 32.98 -20.58
N GLY C 1500 -4.10 32.55 -19.33
CA GLY C 1500 -5.27 31.79 -18.92
C GLY C 1500 -6.55 32.61 -18.96
N SER C 1501 -6.51 33.85 -18.47
CA SER C 1501 -7.69 34.70 -18.44
C SER C 1501 -7.83 35.45 -19.77
N LYS C 1502 -8.08 34.67 -20.81
CA LYS C 1502 -8.26 35.22 -22.16
C LYS C 1502 -9.61 34.76 -22.72
N LYS C 1503 -10.27 35.67 -23.42
CA LYS C 1503 -11.54 35.38 -24.07
C LYS C 1503 -11.60 36.15 -25.38
N PRO C 1504 -12.30 35.65 -26.39
CA PRO C 1504 -12.29 36.31 -27.69
C PRO C 1504 -13.25 37.50 -27.73
N GLN C 1505 -12.81 38.56 -28.39
CA GLN C 1505 -13.64 39.74 -28.61
C GLN C 1505 -14.34 39.66 -29.96
N LYS C 1506 -15.09 38.55 -30.13
CA LYS C 1506 -15.82 38.12 -31.32
C LYS C 1506 -15.12 38.52 -32.63
N PRO C 1507 -13.85 38.09 -32.85
CA PRO C 1507 -13.15 38.42 -34.10
C PRO C 1507 -13.37 37.38 -35.20
N ILE C 1508 -14.63 37.00 -35.41
CA ILE C 1508 -14.96 36.01 -36.43
C ILE C 1508 -16.05 36.56 -37.33
N PRO C 1509 -15.70 37.25 -38.42
CA PRO C 1509 -16.74 37.72 -39.35
C PRO C 1509 -17.37 36.58 -40.14
N ARG C 1510 -18.40 36.89 -40.93
CA ARG C 1510 -19.11 35.90 -41.71
C ARG C 1510 -18.29 35.46 -42.91
N PRO C 1511 -18.41 34.18 -43.32
CA PRO C 1511 -17.75 33.73 -44.56
C PRO C 1511 -18.20 34.49 -45.80
N ALA C 1512 -17.60 34.18 -46.94
CA ALA C 1512 -17.76 35.02 -48.13
C ALA C 1512 -19.13 34.86 -48.78
N ASN C 1513 -19.44 33.66 -49.28
CA ASN C 1513 -20.62 33.54 -50.13
C ASN C 1513 -21.05 32.08 -50.25
N LYS C 1514 -22.26 31.91 -50.80
CA LYS C 1514 -22.81 30.61 -51.23
C LYS C 1514 -22.89 29.62 -50.06
N PHE C 1515 -23.75 29.97 -49.11
CA PHE C 1515 -24.24 29.10 -48.05
C PHE C 1515 -23.19 28.73 -47.02
N GLN C 1516 -21.95 29.17 -47.17
CA GLN C 1516 -20.97 28.94 -46.11
C GLN C 1516 -21.38 29.65 -44.83
N GLY C 1517 -21.89 30.87 -44.96
CA GLY C 1517 -22.49 31.55 -43.82
C GLY C 1517 -23.68 30.85 -43.20
N MET C 1518 -24.46 30.14 -44.02
CA MET C 1518 -25.59 29.37 -43.51
C MET C 1518 -25.14 28.34 -42.48
N VAL C 1519 -24.19 27.49 -42.86
CA VAL C 1519 -23.69 26.48 -41.92
C VAL C 1519 -22.90 27.14 -40.81
N PHE C 1520 -22.18 28.22 -41.11
CA PHE C 1520 -21.41 28.93 -40.08
C PHE C 1520 -22.33 29.41 -38.96
N ASP C 1521 -23.49 29.97 -39.31
CA ASP C 1521 -24.40 30.52 -38.33
C ASP C 1521 -25.33 29.48 -37.72
N PHE C 1522 -25.52 28.34 -38.38
CA PHE C 1522 -26.32 27.26 -37.79
C PHE C 1522 -25.47 26.15 -37.18
N VAL C 1523 -24.16 26.38 -37.03
CA VAL C 1523 -23.30 25.51 -36.26
C VAL C 1523 -22.91 26.10 -34.91
N THR C 1524 -22.84 27.44 -34.80
CA THR C 1524 -22.38 28.05 -33.55
C THR C 1524 -23.37 27.86 -32.41
N ARG C 1525 -24.64 27.59 -32.72
CA ARG C 1525 -25.69 27.60 -31.70
C ARG C 1525 -25.50 26.47 -30.70
N GLN C 1526 -26.38 26.47 -29.68
CA GLN C 1526 -26.32 25.47 -28.62
C GLN C 1526 -26.53 24.07 -29.14
N VAL C 1527 -27.34 23.91 -30.19
CA VAL C 1527 -27.71 22.59 -30.67
C VAL C 1527 -26.48 21.79 -31.06
N PHE C 1528 -25.58 22.40 -31.83
CA PHE C 1528 -24.44 21.65 -32.35
C PHE C 1528 -23.47 21.28 -31.23
N ASP C 1529 -23.16 22.22 -30.34
CA ASP C 1529 -22.22 21.91 -29.27
C ASP C 1529 -22.78 20.85 -28.34
N ILE C 1530 -24.05 20.97 -27.94
CA ILE C 1530 -24.62 19.95 -27.07
C ILE C 1530 -24.67 18.61 -27.78
N SER C 1531 -24.94 18.62 -29.10
CA SER C 1531 -24.96 17.39 -29.86
C SER C 1531 -23.58 16.73 -29.88
N ILE C 1532 -22.52 17.53 -30.09
CA ILE C 1532 -21.21 16.91 -30.17
C ILE C 1532 -20.79 16.36 -28.80
N MET C 1533 -21.17 17.03 -27.71
CA MET C 1533 -20.90 16.42 -26.41
C MET C 1533 -21.68 15.12 -26.23
N ILE C 1534 -22.92 15.07 -26.71
CA ILE C 1534 -23.70 13.83 -26.60
C ILE C 1534 -23.04 12.71 -27.41
N LEU C 1535 -22.55 13.01 -28.61
CA LEU C 1535 -21.82 12.01 -29.38
C LEU C 1535 -20.54 11.58 -28.68
N ILE C 1536 -19.83 12.51 -28.06
CA ILE C 1536 -18.62 12.14 -27.31
C ILE C 1536 -18.97 11.19 -26.17
N CYS C 1537 -20.05 11.50 -25.44
CA CYS C 1537 -20.45 10.64 -24.33
C CYS C 1537 -20.89 9.27 -24.83
N LEU C 1538 -21.61 9.23 -25.96
CA LEU C 1538 -22.01 7.94 -26.53
C LEU C 1538 -20.80 7.13 -26.96
N ASN C 1539 -19.80 7.79 -27.55
CA ASN C 1539 -18.56 7.11 -27.90
C ASN C 1539 -17.88 6.56 -26.66
N MET C 1540 -17.89 7.33 -25.58
CA MET C 1540 -17.35 6.85 -24.32
C MET C 1540 -18.09 5.60 -23.85
N VAL C 1541 -19.42 5.61 -23.95
CA VAL C 1541 -20.21 4.46 -23.50
C VAL C 1541 -19.91 3.24 -24.36
N THR C 1542 -19.74 3.44 -25.66
CA THR C 1542 -19.30 2.34 -26.53
C THR C 1542 -17.93 1.82 -26.10
N MET C 1543 -17.04 2.73 -25.72
CA MET C 1543 -15.71 2.33 -25.26
C MET C 1543 -15.79 1.45 -24.02
N MET C 1544 -16.67 1.82 -23.08
CA MET C 1544 -16.81 1.05 -21.85
C MET C 1544 -17.33 -0.36 -22.10
N VAL C 1545 -17.99 -0.60 -23.24
CA VAL C 1545 -18.51 -1.93 -23.54
C VAL C 1545 -17.39 -2.94 -23.75
N GLU C 1546 -16.21 -2.49 -24.15
CA GLU C 1546 -15.13 -3.41 -24.46
C GLU C 1546 -14.78 -4.28 -23.26
N THR C 1547 -14.49 -5.55 -23.53
CA THR C 1547 -14.26 -6.54 -22.48
C THR C 1547 -13.37 -7.63 -23.06
N ASP C 1548 -12.79 -8.42 -22.16
CA ASP C 1548 -12.01 -9.59 -22.56
C ASP C 1548 -12.93 -10.70 -23.07
N ASP C 1549 -12.42 -11.46 -24.04
CA ASP C 1549 -13.15 -12.60 -24.62
C ASP C 1549 -14.52 -12.19 -25.14
N GLN C 1550 -14.60 -11.03 -25.77
CA GLN C 1550 -15.80 -10.66 -26.50
C GLN C 1550 -15.70 -11.19 -27.92
N GLY C 1551 -16.78 -11.81 -28.40
CA GLY C 1551 -16.77 -12.45 -29.70
C GLY C 1551 -16.32 -11.56 -30.83
N LYS C 1552 -15.84 -12.15 -31.92
CA LYS C 1552 -15.44 -11.37 -33.08
C LYS C 1552 -16.58 -10.51 -33.61
N TYR C 1553 -17.82 -11.01 -33.47
CA TYR C 1553 -18.98 -10.23 -33.89
C TYR C 1553 -19.12 -8.96 -33.08
N MET C 1554 -18.91 -9.04 -31.75
CA MET C 1554 -19.00 -7.85 -30.92
C MET C 1554 -17.92 -6.84 -31.27
N THR C 1555 -16.70 -7.32 -31.52
CA THR C 1555 -15.63 -6.43 -31.94
C THR C 1555 -15.95 -5.76 -33.26
N LEU C 1556 -16.53 -6.51 -34.20
CA LEU C 1556 -16.94 -5.92 -35.48
C LEU C 1556 -18.02 -4.86 -35.27
N VAL C 1557 -18.99 -5.14 -34.40
CA VAL C 1557 -20.06 -4.17 -34.14
C VAL C 1557 -19.48 -2.89 -33.56
N LEU C 1558 -18.61 -3.02 -32.56
CA LEU C 1558 -17.99 -1.83 -31.97
C LEU C 1558 -17.13 -1.08 -32.97
N SER C 1559 -16.43 -1.82 -33.84
CA SER C 1559 -15.64 -1.19 -34.89
C SER C 1559 -16.53 -0.37 -35.82
N ARG C 1560 -17.67 -0.92 -36.23
CA ARG C 1560 -18.59 -0.16 -37.08
C ARG C 1560 -19.11 1.07 -36.34
N ILE C 1561 -19.48 0.91 -35.07
CA ILE C 1561 -20.06 2.03 -34.33
C ILE C 1561 -19.05 3.17 -34.18
N ASN C 1562 -17.80 2.85 -33.84
CA ASN C 1562 -16.84 3.93 -33.64
C ASN C 1562 -16.28 4.42 -34.97
N LEU C 1563 -16.42 3.64 -36.05
CA LEU C 1563 -16.27 4.21 -37.38
C LEU C 1563 -17.30 5.30 -37.60
N VAL C 1564 -18.55 5.03 -37.23
CA VAL C 1564 -19.60 6.04 -37.35
C VAL C 1564 -19.24 7.28 -36.54
N PHE C 1565 -18.76 7.06 -35.31
CA PHE C 1565 -18.40 8.21 -34.47
C PHE C 1565 -17.23 9.01 -35.06
N ILE C 1566 -16.20 8.32 -35.56
CA ILE C 1566 -15.06 9.06 -36.10
C ILE C 1566 -15.46 9.82 -37.36
N VAL C 1567 -16.35 9.23 -38.17
CA VAL C 1567 -16.84 9.95 -39.34
C VAL C 1567 -17.65 11.18 -38.92
N LEU C 1568 -18.51 11.03 -37.91
CA LEU C 1568 -19.31 12.16 -37.44
C LEU C 1568 -18.46 13.23 -36.76
N PHE C 1569 -17.27 12.88 -36.27
CA PHE C 1569 -16.38 13.88 -35.71
C PHE C 1569 -15.55 14.57 -36.80
N THR C 1570 -15.14 13.81 -37.82
CA THR C 1570 -14.50 14.43 -38.97
C THR C 1570 -15.45 15.40 -39.67
N GLY C 1571 -16.72 15.00 -39.82
CA GLY C 1571 -17.74 15.92 -40.29
C GLY C 1571 -18.35 16.64 -39.11
N GLU C 1572 -17.78 17.81 -38.82
CA GLU C 1572 -17.85 18.48 -37.53
C GLU C 1572 -16.58 19.31 -37.46
N PHE C 1573 -15.44 18.62 -37.48
CA PHE C 1573 -14.17 19.28 -37.77
C PHE C 1573 -14.26 20.04 -39.09
N VAL C 1574 -14.73 19.37 -40.15
CA VAL C 1574 -14.78 20.02 -41.45
C VAL C 1574 -15.85 21.09 -41.49
N LEU C 1575 -16.93 20.92 -40.72
CA LEU C 1575 -17.95 21.97 -40.65
C LEU C 1575 -17.40 23.22 -40.00
N LYS C 1576 -16.68 23.07 -38.88
CA LYS C 1576 -16.03 24.23 -38.28
C LYS C 1576 -14.95 24.80 -39.19
N LEU C 1577 -14.30 23.95 -39.98
CA LEU C 1577 -13.34 24.44 -40.96
C LEU C 1577 -14.02 25.33 -41.99
N VAL C 1578 -15.10 24.83 -42.60
CA VAL C 1578 -15.86 25.61 -43.56
C VAL C 1578 -16.34 26.91 -42.92
N SER C 1579 -16.71 26.86 -41.64
CA SER C 1579 -17.07 28.06 -40.91
C SER C 1579 -15.89 29.03 -40.83
N LEU C 1580 -14.68 28.51 -40.65
CA LEU C 1580 -13.51 29.33 -40.34
C LEU C 1580 -12.31 28.92 -41.19
N ARG C 1581 -12.52 28.83 -42.51
CA ARG C 1581 -11.48 28.30 -43.40
C ARG C 1581 -10.19 29.07 -43.33
N HIS C 1582 -10.24 30.37 -43.00
CA HIS C 1582 -9.03 31.19 -42.99
C HIS C 1582 -8.02 30.70 -41.96
N TYR C 1583 -8.37 30.78 -40.68
CA TYR C 1583 -7.43 30.46 -39.61
C TYR C 1583 -7.87 29.29 -38.74
N TYR C 1584 -9.01 29.37 -38.06
CA TYR C 1584 -9.56 28.29 -37.25
C TYR C 1584 -8.70 27.96 -36.02
N PHE C 1585 -7.55 28.62 -35.85
CA PHE C 1585 -6.64 28.33 -34.76
C PHE C 1585 -6.39 29.54 -33.87
N THR C 1586 -7.45 30.26 -33.48
CA THR C 1586 -7.29 31.29 -32.47
C THR C 1586 -7.33 30.73 -31.06
N ILE C 1587 -8.10 29.66 -30.85
CA ILE C 1587 -8.27 29.05 -29.53
C ILE C 1587 -7.65 27.66 -29.56
N GLY C 1588 -6.99 27.31 -28.46
CA GLY C 1588 -6.31 26.03 -28.38
C GLY C 1588 -7.24 24.82 -28.37
N TRP C 1589 -8.52 25.04 -28.08
CA TRP C 1589 -9.45 23.90 -28.10
C TRP C 1589 -9.71 23.44 -29.54
N ASN C 1590 -9.76 24.38 -30.48
CA ASN C 1590 -9.90 24.00 -31.88
C ASN C 1590 -8.70 23.21 -32.36
N ILE C 1591 -7.49 23.66 -32.01
CA ILE C 1591 -6.31 22.93 -32.43
C ILE C 1591 -6.23 21.58 -31.71
N PHE C 1592 -6.75 21.50 -30.47
CA PHE C 1592 -6.82 20.21 -29.80
C PHE C 1592 -7.76 19.26 -30.54
N ASP C 1593 -8.91 19.76 -30.98
CA ASP C 1593 -9.82 18.93 -31.76
C ASP C 1593 -9.17 18.48 -33.06
N PHE C 1594 -8.47 19.39 -33.73
CA PHE C 1594 -7.80 19.02 -34.98
C PHE C 1594 -6.73 17.96 -34.75
N VAL C 1595 -5.88 18.16 -33.75
CA VAL C 1595 -4.80 17.21 -33.52
C VAL C 1595 -5.37 15.87 -33.08
N VAL C 1596 -6.47 15.88 -32.31
CA VAL C 1596 -7.02 14.61 -31.84
C VAL C 1596 -7.71 13.87 -32.98
N VAL C 1597 -8.36 14.59 -33.89
CA VAL C 1597 -8.99 13.88 -35.02
C VAL C 1597 -7.92 13.33 -35.96
N ILE C 1598 -6.84 14.09 -36.18
CA ILE C 1598 -5.73 13.57 -36.98
C ILE C 1598 -5.13 12.33 -36.31
N LEU C 1599 -4.93 12.40 -34.99
CA LEU C 1599 -4.35 11.27 -34.27
C LEU C 1599 -5.26 10.06 -34.33
N SER C 1600 -6.58 10.26 -34.23
CA SER C 1600 -7.50 9.14 -34.33
C SER C 1600 -7.45 8.51 -35.72
N ILE C 1601 -7.40 9.32 -36.78
CA ILE C 1601 -7.32 8.77 -38.12
C ILE C 1601 -6.03 7.99 -38.32
N VAL C 1602 -4.91 8.57 -37.87
CA VAL C 1602 -3.61 7.90 -38.03
C VAL C 1602 -3.59 6.59 -37.25
N GLY C 1603 -4.09 6.61 -36.02
CA GLY C 1603 -4.16 5.37 -35.24
C GLY C 1603 -5.07 4.35 -35.89
N MET C 1604 -6.14 4.81 -36.53
CA MET C 1604 -7.07 3.91 -37.20
C MET C 1604 -6.37 3.18 -38.34
N PHE C 1605 -5.68 3.94 -39.19
CA PHE C 1605 -4.93 3.34 -40.28
C PHE C 1605 -3.80 2.45 -39.78
N LEU C 1606 -3.13 2.86 -38.70
CA LEU C 1606 -2.06 2.03 -38.13
C LEU C 1606 -2.63 0.71 -37.60
N ALA C 1607 -3.81 0.75 -36.98
CA ALA C 1607 -4.45 -0.48 -36.54
C ALA C 1607 -4.75 -1.39 -37.71
N GLU C 1608 -5.28 -0.82 -38.81
CA GLU C 1608 -5.53 -1.63 -39.99
C GLU C 1608 -4.24 -2.26 -40.51
N MET C 1609 -3.18 -1.46 -40.58
CA MET C 1609 -1.88 -1.96 -41.06
C MET C 1609 -1.40 -3.11 -40.20
N ILE C 1610 -1.39 -2.91 -38.87
CA ILE C 1610 -0.94 -3.95 -37.95
C ILE C 1610 -1.80 -5.19 -38.05
N GLU C 1611 -3.08 -5.03 -38.40
CA GLU C 1611 -3.97 -6.17 -38.52
C GLU C 1611 -3.97 -6.81 -39.91
N LYS C 1612 -3.25 -6.25 -40.87
CA LYS C 1612 -3.04 -6.94 -42.14
C LYS C 1612 -1.60 -6.81 -42.59
N TYR C 1613 -0.66 -6.88 -41.65
CA TYR C 1613 0.77 -6.88 -41.92
C TYR C 1613 1.44 -7.65 -40.79
N PHE C 1614 2.74 -7.48 -40.62
CA PHE C 1614 3.42 -8.05 -39.46
C PHE C 1614 2.72 -7.60 -38.18
N VAL C 1615 2.11 -8.54 -37.47
CA VAL C 1615 1.17 -8.23 -36.40
C VAL C 1615 1.83 -8.43 -35.05
N SER C 1616 1.51 -7.56 -34.09
CA SER C 1616 1.93 -7.69 -32.70
C SER C 1616 0.89 -7.03 -31.81
N PRO C 1617 0.14 -7.80 -31.02
CA PRO C 1617 -0.93 -7.20 -30.21
C PRO C 1617 -0.45 -6.18 -29.20
N THR C 1618 0.76 -6.37 -28.65
CA THR C 1618 1.27 -5.46 -27.65
C THR C 1618 1.54 -4.07 -28.21
N LEU C 1619 1.67 -3.94 -29.53
CA LEU C 1619 1.78 -2.63 -30.16
C LEU C 1619 0.42 -2.09 -30.57
N PHE C 1620 -0.49 -2.98 -30.98
CA PHE C 1620 -1.83 -2.57 -31.36
C PHE C 1620 -2.53 -1.93 -30.17
N ARG C 1621 -2.41 -2.57 -28.99
CA ARG C 1621 -3.06 -2.05 -27.79
C ARG C 1621 -2.56 -0.65 -27.45
N VAL C 1622 -1.25 -0.42 -27.57
CA VAL C 1622 -0.70 0.89 -27.24
C VAL C 1622 -1.11 1.93 -28.28
N ILE C 1623 -1.04 1.58 -29.57
CA ILE C 1623 -1.36 2.55 -30.60
C ILE C 1623 -2.85 2.87 -30.63
N ARG C 1624 -3.68 2.02 -30.04
CA ARG C 1624 -5.11 2.31 -30.03
C ARG C 1624 -5.49 3.44 -29.06
N LEU C 1625 -4.55 4.21 -28.54
CA LEU C 1625 -4.82 5.17 -27.47
C LEU C 1625 -5.33 6.52 -27.98
N ALA C 1626 -5.50 6.71 -29.28
CA ALA C 1626 -6.03 7.97 -29.78
C ALA C 1626 -7.47 8.19 -29.36
N ARG C 1627 -8.24 7.10 -29.22
CA ARG C 1627 -9.62 7.23 -28.75
C ARG C 1627 -9.68 7.85 -27.37
N ILE C 1628 -8.61 7.68 -26.58
CA ILE C 1628 -8.57 8.30 -25.26
C ILE C 1628 -8.64 9.81 -25.38
N GLY C 1629 -7.86 10.38 -26.31
CA GLY C 1629 -8.01 11.80 -26.57
C GLY C 1629 -9.36 12.14 -27.18
N ARG C 1630 -9.88 11.25 -28.03
CA ARG C 1630 -11.20 11.46 -28.62
C ARG C 1630 -12.25 11.68 -27.55
N ILE C 1631 -12.11 11.01 -26.39
CA ILE C 1631 -13.02 11.27 -25.28
C ILE C 1631 -12.54 12.37 -24.34
N LEU C 1632 -11.23 12.64 -24.26
CA LEU C 1632 -10.77 13.82 -23.52
C LEU C 1632 -11.28 15.10 -24.14
N ARG C 1633 -11.76 15.04 -25.39
CA ARG C 1633 -12.40 16.20 -25.99
C ARG C 1633 -13.52 16.77 -25.12
N LEU C 1634 -13.96 16.02 -24.11
CA LEU C 1634 -15.01 16.48 -23.20
C LEU C 1634 -14.62 17.73 -22.43
N ILE C 1635 -13.33 17.94 -22.19
CA ILE C 1635 -12.88 19.01 -21.31
C ILE C 1635 -13.26 20.40 -21.84
N LYS C 1636 -13.49 20.52 -23.15
CA LYS C 1636 -13.69 21.84 -23.76
C LYS C 1636 -14.89 22.55 -23.14
N GLY C 1637 -16.04 21.90 -23.10
CA GLY C 1637 -17.23 22.54 -22.58
C GLY C 1637 -17.51 22.24 -21.13
N ALA C 1638 -16.84 21.24 -20.58
CA ALA C 1638 -17.08 20.82 -19.20
C ALA C 1638 -16.49 21.85 -18.25
N LYS C 1639 -17.31 22.78 -17.79
CA LYS C 1639 -16.86 23.78 -16.83
C LYS C 1639 -16.55 23.12 -15.50
N GLY C 1640 -15.79 23.81 -14.67
CA GLY C 1640 -15.34 23.23 -13.41
C GLY C 1640 -14.18 22.29 -13.58
N ILE C 1641 -14.34 21.26 -14.41
CA ILE C 1641 -13.21 20.40 -14.75
C ILE C 1641 -12.11 21.21 -15.40
N ARG C 1642 -12.48 22.15 -16.27
CA ARG C 1642 -11.50 22.99 -16.95
C ARG C 1642 -10.68 23.81 -15.97
N THR C 1643 -11.33 24.38 -14.95
CA THR C 1643 -10.60 25.19 -13.97
C THR C 1643 -9.62 24.34 -13.16
N LEU C 1644 -10.03 23.13 -12.78
CA LEU C 1644 -9.17 22.28 -11.97
C LEU C 1644 -7.99 21.75 -12.78
N LEU C 1645 -8.23 21.37 -14.04
CA LEU C 1645 -7.11 21.00 -14.90
C LEU C 1645 -6.21 22.19 -15.18
N PHE C 1646 -6.77 23.39 -15.24
CA PHE C 1646 -5.95 24.59 -15.38
C PHE C 1646 -5.10 24.81 -14.13
N ALA C 1647 -5.64 24.46 -12.96
CA ALA C 1647 -4.83 24.50 -11.74
C ALA C 1647 -3.69 23.50 -11.81
N LEU C 1648 -3.95 22.32 -12.38
CA LEU C 1648 -2.87 21.37 -12.66
C LEU C 1648 -1.79 22.01 -13.54
N MET C 1649 -2.22 22.66 -14.62
CA MET C 1649 -1.26 23.29 -15.53
C MET C 1649 -0.48 24.39 -14.81
N MET C 1650 -1.15 25.13 -13.93
CA MET C 1650 -0.49 26.18 -13.17
C MET C 1650 0.55 25.61 -12.22
N SER C 1651 0.22 24.53 -11.53
CA SER C 1651 1.14 23.96 -10.55
C SER C 1651 2.21 23.09 -11.19
N LEU C 1652 2.08 22.79 -12.48
CA LEU C 1652 3.05 21.93 -13.15
C LEU C 1652 4.51 22.36 -13.00
N PRO C 1653 4.88 23.64 -13.06
CA PRO C 1653 6.30 23.98 -12.86
C PRO C 1653 6.83 23.65 -11.48
N ALA C 1654 6.10 24.04 -10.43
CA ALA C 1654 6.56 23.75 -9.07
C ALA C 1654 6.59 22.25 -8.83
N LEU C 1655 5.56 21.53 -9.30
CA LEU C 1655 5.55 20.08 -9.17
C LEU C 1655 6.71 19.47 -9.93
N PHE C 1656 7.05 20.02 -11.10
CA PHE C 1656 8.19 19.51 -11.86
C PHE C 1656 9.49 19.70 -11.10
N ASN C 1657 9.69 20.87 -10.49
CA ASN C 1657 10.91 21.10 -9.72
C ASN C 1657 11.00 20.15 -8.54
N ILE C 1658 9.92 20.05 -7.76
CA ILE C 1658 9.94 19.19 -6.58
C ILE C 1658 10.10 17.74 -6.98
N GLY C 1659 9.44 17.32 -8.06
CA GLY C 1659 9.59 15.96 -8.54
C GLY C 1659 10.94 15.67 -9.16
N LEU C 1660 11.61 16.70 -9.67
CA LEU C 1660 12.98 16.51 -10.14
C LEU C 1660 13.92 16.29 -8.97
N LEU C 1661 13.73 17.05 -7.89
CA LEU C 1661 14.49 16.77 -6.66
C LEU C 1661 14.17 15.37 -6.15
N LEU C 1662 12.90 15.00 -6.17
CA LEU C 1662 12.51 13.67 -5.73
C LEU C 1662 13.15 12.59 -6.59
N PHE C 1663 13.19 12.81 -7.91
CA PHE C 1663 13.79 11.83 -8.81
C PHE C 1663 15.28 11.69 -8.56
N LEU C 1664 15.96 12.81 -8.28
CA LEU C 1664 17.36 12.72 -7.89
C LEU C 1664 17.52 11.92 -6.61
N VAL C 1665 16.60 12.11 -5.66
CA VAL C 1665 16.64 11.36 -4.40
C VAL C 1665 16.44 9.87 -4.67
N MET C 1666 15.48 9.52 -5.53
CA MET C 1666 15.31 8.11 -5.89
C MET C 1666 16.54 7.57 -6.61
N PHE C 1667 17.20 8.40 -7.42
CA PHE C 1667 18.40 7.96 -8.09
C PHE C 1667 19.49 7.59 -7.08
N ILE C 1668 19.73 8.47 -6.12
CA ILE C 1668 20.76 8.23 -5.12
C ILE C 1668 20.41 7.00 -4.28
N TYR C 1669 19.17 6.92 -3.82
CA TYR C 1669 18.78 5.80 -2.98
C TYR C 1669 18.75 4.49 -3.76
N ALA C 1670 18.39 4.53 -5.04
CA ALA C 1670 18.41 3.33 -5.87
C ALA C 1670 19.83 2.84 -6.07
N ILE C 1671 20.78 3.74 -6.30
CA ILE C 1671 22.16 3.32 -6.45
C ILE C 1671 22.70 2.78 -5.13
N PHE C 1672 22.34 3.40 -4.01
CA PHE C 1672 22.78 2.89 -2.72
C PHE C 1672 22.20 1.50 -2.45
N GLY C 1673 20.94 1.29 -2.80
CA GLY C 1673 20.35 -0.04 -2.65
C GLY C 1673 21.00 -1.06 -3.57
N MET C 1674 21.26 -0.67 -4.82
CA MET C 1674 22.01 -1.51 -5.74
C MET C 1674 23.32 -1.97 -5.11
N SER C 1675 24.04 -1.03 -4.50
CA SER C 1675 25.28 -1.38 -3.82
C SER C 1675 25.03 -2.33 -2.65
N ASN C 1676 23.97 -2.08 -1.87
CA ASN C 1676 23.71 -2.84 -0.66
C ASN C 1676 22.77 -4.02 -0.89
N PHE C 1677 21.54 -3.74 -1.35
CA PHE C 1677 20.45 -4.70 -1.27
C PHE C 1677 20.20 -5.45 -2.57
N ALA C 1678 21.14 -5.38 -3.52
CA ALA C 1678 21.02 -6.19 -4.73
C ALA C 1678 21.28 -7.66 -4.46
N TYR C 1679 21.45 -8.06 -3.21
CA TYR C 1679 21.87 -9.41 -2.87
C TYR C 1679 21.00 -10.04 -1.80
N VAL C 1680 19.91 -9.37 -1.40
CA VAL C 1680 19.09 -9.81 -0.27
C VAL C 1680 18.32 -11.06 -0.63
N LYS C 1681 17.76 -11.73 0.38
CA LYS C 1681 17.01 -12.95 0.16
C LYS C 1681 15.67 -12.64 -0.50
N LYS C 1682 15.09 -13.66 -1.12
CA LYS C 1682 13.81 -13.52 -1.83
C LYS C 1682 12.67 -13.75 -0.83
N GLU C 1683 12.41 -12.74 -0.02
CA GLU C 1683 11.32 -12.74 0.93
C GLU C 1683 10.10 -12.05 0.33
N ALA C 1684 9.12 -11.75 1.19
CA ALA C 1684 7.81 -11.31 0.74
C ALA C 1684 7.89 -10.15 -0.26
N GLY C 1685 8.50 -9.04 0.14
CA GLY C 1685 8.48 -7.86 -0.71
C GLY C 1685 9.43 -7.91 -1.88
N ILE C 1686 10.54 -8.61 -1.74
CA ILE C 1686 11.62 -8.60 -2.73
C ILE C 1686 11.64 -9.96 -3.41
N ASP C 1687 11.34 -9.97 -4.72
CA ASP C 1687 11.33 -11.18 -5.51
C ASP C 1687 12.08 -10.95 -6.82
N ASP C 1688 11.99 -11.89 -7.75
CA ASP C 1688 12.75 -11.78 -9.00
C ASP C 1688 12.34 -10.54 -9.80
N MET C 1689 11.04 -10.27 -9.88
CA MET C 1689 10.54 -9.21 -10.74
C MET C 1689 10.75 -7.82 -10.16
N PHE C 1690 10.54 -7.66 -8.85
CA PHE C 1690 10.72 -6.39 -8.16
C PHE C 1690 11.72 -6.59 -7.03
N ASN C 1691 12.90 -6.00 -7.19
CA ASN C 1691 13.98 -6.13 -6.22
C ASN C 1691 14.98 -5.01 -6.49
N PHE C 1692 16.16 -5.13 -5.89
CA PHE C 1692 17.21 -4.13 -6.05
C PHE C 1692 18.33 -4.60 -6.95
N GLU C 1693 18.12 -5.64 -7.75
CA GLU C 1693 19.19 -6.20 -8.57
C GLU C 1693 19.71 -5.17 -9.58
N THR C 1694 18.86 -4.75 -10.50
CA THR C 1694 19.27 -3.82 -11.53
C THR C 1694 18.81 -2.41 -11.19
N PHE C 1695 19.00 -1.48 -12.11
CA PHE C 1695 18.52 -0.12 -11.93
C PHE C 1695 17.03 0.02 -12.18
N GLY C 1696 16.49 -0.67 -13.19
CA GLY C 1696 15.06 -0.61 -13.41
C GLY C 1696 14.27 -1.18 -12.26
N ASN C 1697 14.68 -2.34 -11.75
CA ASN C 1697 14.00 -2.94 -10.62
C ASN C 1697 14.12 -2.05 -9.38
N SER C 1698 15.30 -1.48 -9.14
CA SER C 1698 15.46 -0.61 -7.99
C SER C 1698 14.58 0.62 -8.11
N MET C 1699 14.46 1.17 -9.31
CA MET C 1699 13.65 2.36 -9.48
C MET C 1699 12.17 2.07 -9.33
N ILE C 1700 11.71 0.90 -9.81
CA ILE C 1700 10.30 0.57 -9.63
C ILE C 1700 10.01 0.31 -8.15
N CYS C 1701 10.95 -0.33 -7.44
CA CYS C 1701 10.77 -0.53 -6.00
C CYS C 1701 10.73 0.80 -5.26
N LEU C 1702 11.61 1.73 -5.62
CA LEU C 1702 11.60 3.03 -4.96
C LEU C 1702 10.38 3.85 -5.33
N PHE C 1703 9.81 3.66 -6.52
CA PHE C 1703 8.56 4.33 -6.82
C PHE C 1703 7.42 3.74 -6.01
N GLN C 1704 7.44 2.42 -5.80
CA GLN C 1704 6.48 1.82 -4.89
C GLN C 1704 6.61 2.39 -3.48
N ILE C 1705 7.84 2.58 -3.01
CA ILE C 1705 8.06 3.12 -1.67
C ILE C 1705 7.68 4.60 -1.59
N THR C 1706 7.84 5.35 -2.69
CA THR C 1706 7.66 6.80 -2.64
C THR C 1706 6.32 7.20 -2.05
N THR C 1707 5.27 6.42 -2.33
CA THR C 1707 3.98 6.62 -1.69
C THR C 1707 3.80 5.76 -0.45
N SER C 1708 4.88 5.44 0.24
CA SER C 1708 4.89 4.67 1.48
C SER C 1708 4.27 3.29 1.32
N ALA C 1709 4.08 2.83 0.09
CA ALA C 1709 3.34 1.59 -0.14
C ALA C 1709 4.26 0.39 -0.01
N GLY C 1710 3.93 -0.50 0.93
CA GLY C 1710 4.58 -1.78 1.01
C GLY C 1710 6.05 -1.75 1.36
N TRP C 1711 6.53 -0.67 1.97
CA TRP C 1711 7.92 -0.63 2.38
C TRP C 1711 8.20 -1.62 3.51
N ASP C 1712 7.16 -2.10 4.18
CA ASP C 1712 7.33 -3.20 5.12
C ASP C 1712 7.83 -4.46 4.41
N GLY C 1713 7.25 -4.76 3.25
CA GLY C 1713 7.68 -5.93 2.51
C GLY C 1713 9.10 -5.82 2.00
N LEU C 1714 9.52 -4.62 1.61
CA LEU C 1714 10.89 -4.44 1.15
C LEU C 1714 11.88 -4.41 2.29
N LEU C 1715 11.46 -3.98 3.49
CA LEU C 1715 12.34 -3.99 4.65
C LEU C 1715 12.43 -5.36 5.30
N ALA C 1716 11.43 -6.22 5.11
CA ALA C 1716 11.43 -7.54 5.74
C ALA C 1716 12.65 -8.38 5.38
N PRO C 1717 13.05 -8.51 4.11
CA PRO C 1717 14.22 -9.36 3.83
C PRO C 1717 15.53 -8.75 4.29
N ILE C 1718 15.65 -7.42 4.23
CA ILE C 1718 16.88 -6.77 4.66
C ILE C 1718 17.10 -6.93 6.15
N LEU C 1719 16.01 -6.93 6.92
CA LEU C 1719 16.13 -7.07 8.37
C LEU C 1719 16.70 -8.42 8.79
N ASN C 1720 16.75 -9.39 7.88
CA ASN C 1720 17.46 -10.64 8.18
C ASN C 1720 18.93 -10.33 8.45
N SER C 1721 19.45 -10.88 9.54
CA SER C 1721 20.82 -10.61 9.96
C SER C 1721 21.64 -11.87 10.19
N ALA C 1722 21.02 -12.91 10.72
CA ALA C 1722 21.71 -14.06 11.27
C ALA C 1722 21.57 -15.31 10.41
N PRO C 1723 22.38 -16.33 10.66
CA PRO C 1723 22.29 -17.58 9.90
C PRO C 1723 20.90 -18.21 9.90
N PRO C 1724 20.12 -18.12 10.99
CA PRO C 1724 18.76 -18.72 10.93
C PRO C 1724 17.89 -18.17 9.80
N ASP C 1725 18.01 -16.88 9.48
CA ASP C 1725 17.22 -16.31 8.40
C ASP C 1725 18.00 -16.20 7.10
N CYS C 1726 19.10 -15.44 7.07
CA CYS C 1726 19.94 -15.35 5.89
C CYS C 1726 21.08 -16.35 6.02
N ASP C 1727 22.10 -16.21 5.15
CA ASP C 1727 23.25 -17.07 5.26
C ASP C 1727 24.41 -16.18 4.80
N PRO C 1728 25.40 -15.94 5.66
CA PRO C 1728 26.46 -14.98 5.35
C PRO C 1728 27.46 -15.43 4.27
N ASP C 1729 27.50 -16.71 3.91
CA ASP C 1729 28.36 -17.17 2.82
C ASP C 1729 27.53 -18.05 1.87
N THR C 1730 26.87 -17.41 0.90
CA THR C 1730 26.22 -18.08 -0.22
C THR C 1730 26.81 -17.47 -1.48
N ILE C 1731 27.79 -18.16 -2.08
CA ILE C 1731 28.39 -17.66 -3.30
C ILE C 1731 27.33 -17.56 -4.38
N HIS C 1732 27.17 -16.38 -4.94
CA HIS C 1732 26.21 -16.20 -6.02
C HIS C 1732 26.83 -16.65 -7.34
N PRO C 1733 26.12 -17.41 -8.15
CA PRO C 1733 26.64 -17.73 -9.50
C PRO C 1733 26.96 -16.47 -10.28
N GLY C 1734 28.20 -16.34 -10.72
CA GLY C 1734 28.60 -15.15 -11.45
C GLY C 1734 28.75 -13.90 -10.62
N SER C 1735 29.22 -14.02 -9.38
CA SER C 1735 29.50 -12.86 -8.53
C SER C 1735 30.51 -13.28 -7.48
N SER C 1736 31.46 -12.39 -7.18
CA SER C 1736 32.48 -12.68 -6.19
C SER C 1736 32.03 -12.27 -4.80
N VAL C 1737 30.82 -11.73 -4.69
CA VAL C 1737 30.28 -11.24 -3.43
C VAL C 1737 29.87 -12.42 -2.56
N LYS C 1738 29.61 -12.16 -1.28
CA LYS C 1738 29.16 -13.17 -0.34
C LYS C 1738 27.96 -12.65 0.43
N GLY C 1739 27.19 -13.57 1.00
CA GLY C 1739 26.09 -13.22 1.87
C GLY C 1739 24.85 -12.78 1.14
N ASP C 1740 23.68 -13.18 1.65
CA ASP C 1740 22.41 -12.84 1.02
C ASP C 1740 21.50 -12.03 1.94
N CYS C 1741 22.05 -11.35 2.93
CA CYS C 1741 21.27 -10.45 3.77
C CYS C 1741 22.03 -9.14 3.94
N GLY C 1742 21.34 -8.03 3.71
CA GLY C 1742 21.94 -6.73 3.90
C GLY C 1742 22.12 -6.39 5.36
N ASN C 1743 22.95 -5.38 5.60
CA ASN C 1743 23.21 -4.92 6.95
C ASN C 1743 21.93 -4.33 7.53
N PRO C 1744 21.43 -4.85 8.66
CA PRO C 1744 20.16 -4.30 9.18
C PRO C 1744 20.20 -2.82 9.48
N SER C 1745 21.26 -2.33 10.12
CA SER C 1745 21.32 -0.93 10.50
C SER C 1745 21.15 -0.03 9.28
N VAL C 1746 21.91 -0.30 8.22
CA VAL C 1746 21.77 0.51 7.01
C VAL C 1746 20.43 0.25 6.36
N GLY C 1747 19.83 -0.93 6.58
CA GLY C 1747 18.50 -1.17 6.04
C GLY C 1747 17.45 -0.26 6.62
N ILE C 1748 17.39 -0.20 7.96
CA ILE C 1748 16.46 0.72 8.61
C ILE C 1748 16.79 2.16 8.25
N PHE C 1749 18.07 2.52 8.25
CA PHE C 1749 18.41 3.89 7.89
C PHE C 1749 17.95 4.23 6.48
N PHE C 1750 18.21 3.33 5.53
CA PHE C 1750 17.81 3.53 4.14
C PHE C 1750 16.30 3.74 4.04
N PHE C 1751 15.53 2.81 4.60
CA PHE C 1751 14.09 2.87 4.37
C PHE C 1751 13.43 3.99 5.15
N VAL C 1752 13.83 4.21 6.40
CA VAL C 1752 13.23 5.28 7.18
C VAL C 1752 13.64 6.64 6.62
N SER C 1753 14.89 6.79 6.18
CA SER C 1753 15.31 8.03 5.56
C SER C 1753 14.55 8.30 4.27
N TYR C 1754 14.34 7.26 3.46
CA TYR C 1754 13.55 7.45 2.25
C TYR C 1754 12.12 7.83 2.60
N ILE C 1755 11.54 7.20 3.62
CA ILE C 1755 10.18 7.53 4.02
C ILE C 1755 10.09 9.00 4.44
N ILE C 1756 11.05 9.45 5.24
CA ILE C 1756 11.00 10.84 5.74
C ILE C 1756 11.23 11.83 4.60
N ILE C 1757 12.21 11.57 3.75
CA ILE C 1757 12.51 12.48 2.64
C ILE C 1757 11.35 12.54 1.67
N SER C 1758 10.78 11.37 1.32
CA SER C 1758 9.63 11.33 0.43
C SER C 1758 8.42 12.01 1.06
N PHE C 1759 8.25 11.86 2.38
CA PHE C 1759 7.14 12.53 3.05
C PHE C 1759 7.30 14.04 2.97
N LEU C 1760 8.51 14.54 3.21
CA LEU C 1760 8.75 15.98 3.11
C LEU C 1760 8.53 16.49 1.68
N VAL C 1761 9.03 15.73 0.70
CA VAL C 1761 8.88 16.14 -0.69
C VAL C 1761 7.41 16.13 -1.11
N VAL C 1762 6.68 15.08 -0.72
CA VAL C 1762 5.27 14.99 -1.07
C VAL C 1762 4.47 16.08 -0.34
N VAL C 1763 4.87 16.42 0.88
CA VAL C 1763 4.23 17.53 1.58
C VAL C 1763 4.47 18.83 0.83
N ASN C 1764 5.67 19.03 0.30
CA ASN C 1764 5.94 20.22 -0.50
C ASN C 1764 5.08 20.24 -1.75
N MET C 1765 4.93 19.09 -2.41
CA MET C 1765 4.04 18.99 -3.57
C MET C 1765 2.61 19.37 -3.19
N TYR C 1766 2.14 18.83 -2.06
CA TYR C 1766 0.79 19.09 -1.60
C TYR C 1766 0.60 20.58 -1.34
N ILE C 1767 1.57 21.21 -0.69
CA ILE C 1767 1.46 22.63 -0.38
C ILE C 1767 1.45 23.45 -1.65
N ALA C 1768 2.26 23.06 -2.64
CA ALA C 1768 2.23 23.77 -3.93
C ALA C 1768 0.86 23.68 -4.57
N VAL C 1769 0.28 22.48 -4.58
CA VAL C 1769 -1.04 22.30 -5.19
C VAL C 1769 -2.10 23.11 -4.45
N ILE C 1770 -2.06 23.09 -3.11
CA ILE C 1770 -3.04 23.82 -2.33
C ILE C 1770 -2.87 25.33 -2.53
N LEU C 1771 -1.62 25.78 -2.63
CA LEU C 1771 -1.36 27.19 -2.92
C LEU C 1771 -1.96 27.58 -4.26
N GLU C 1772 -1.79 26.74 -5.27
CA GLU C 1772 -2.36 27.05 -6.58
C GLU C 1772 -3.88 27.08 -6.52
N ASN C 1773 -4.50 26.13 -5.81
CA ASN C 1773 -5.95 26.12 -5.69
C ASN C 1773 -6.45 27.38 -4.98
N PHE C 1774 -5.79 27.78 -3.90
CA PHE C 1774 -6.20 28.99 -3.18
C PHE C 1774 -6.02 30.23 -4.04
N SER C 1775 -4.90 30.31 -4.78
CA SER C 1775 -4.65 31.47 -5.62
C SER C 1775 -5.68 31.58 -6.73
N VAL C 1776 -6.01 30.46 -7.38
CA VAL C 1776 -7.00 30.49 -8.45
C VAL C 1776 -8.39 30.80 -7.89
N ALA C 1777 -8.73 30.21 -6.75
CA ALA C 1777 -10.06 30.41 -6.19
C ALA C 1777 -10.18 31.74 -5.46
N THR C 1778 -9.37 31.93 -4.42
CA THR C 1778 -9.40 33.16 -3.64
C THR C 1778 -8.20 34.05 -3.98
#